data_7XBR
#
_entry.id   7XBR
#
_cell.length_a   83.666
_cell.length_b   198.572
_cell.length_c   202.824
_cell.angle_alpha   90.000
_cell.angle_beta   90.000
_cell.angle_gamma   90.000
#
_symmetry.space_group_name_H-M   'P 21 21 21'
#
loop_
_entity.id
_entity.type
_entity.pdbx_description
1 polymer 'Mitogen-activated protein kinase kinase 5'
2 polymer 'Mitogen-activated protein kinase kinase 5'
#
loop_
_entity_poly.entity_id
_entity_poly.type
_entity_poly.pdbx_seq_one_letter_code
_entity_poly.pdbx_strand_id
1 'polypeptide(L)'
;MGSSHHHHHHSSGLVPRGSHMSAAK(SEP)LSELERVNRIGSGAGG(TPO)VYKVIHTPTSRPFALKVIYGNHED(TPO)
VRRQICREIEILRSVDHPNVVKCHDMFDHNGEIQVLLEFMDQGSLEGAHIWQEQELADLSRQILSGLAYLHRRHIVHRDI
KPSNLLINSAKNVKIADFGVSRILAQ(TPO)MDPCN(SEP)SVGTIAYMSPERINTDLNHGRYDGYAGDVWSLGVSILEF
YLGRFPFAVSRQGDWASLMCAICMSQPPEAPATASQEFRHFVSCCLQSDPPKRWSAQQLLQHPFILKATGGPNLR
;
A,B,C,D,E,G
2 'polypeptide(L)'
;MGSSHHHHHHSSGLVPRGSHMSAAK(SEP)LSELERVNRIGSGAGGTVYKVIHTPTSRPFALKVIYGNHED(TPO)VRRQ
ICREIEILRSVDHPNVVKCHDMFDHNGEIQVLLEFMDQGSLEGAHIWQEQELADLSRQILSGLAYLHRRHIVHRDIKPSN
LLINSAKNVKIADFGVSRILAQ(TPO)MDPCN(SEP)SVGTIAYMSPERINTDLNHGRYDGYAGDVWSLGVSILEFYLGR
FPFAVSRQGDWASLMCAICMSQPPEAPATASQEFRHFVSCCLQSDPPKRWSAQQLLQHPFILKATGGPNLR
;
F,H
#
# COMPACT_ATOMS: atom_id res chain seq x y z
N ALA A 23 -10.96 -14.65 41.43
CA ALA A 23 -10.25 -14.07 42.61
C ALA A 23 -10.45 -12.53 42.75
N ALA A 24 -11.21 -11.88 41.88
CA ALA A 24 -11.84 -10.58 42.21
C ALA A 24 -13.35 -10.65 41.94
N LYS A 25 -14.00 -9.51 42.00
CA LYS A 25 -15.42 -9.42 41.62
C LYS A 25 -15.56 -8.37 40.52
N SEP A 26 -14.99 -7.18 40.76
CA SEP A 26 -15.20 -6.07 39.84
CB SEP A 26 -16.46 -5.36 40.23
OG SEP A 26 -16.69 -4.29 39.31
C SEP A 26 -13.97 -5.15 39.84
O SEP A 26 -13.12 -5.30 40.72
P SEP A 26 -17.69 -3.13 39.80
O1P SEP A 26 -17.42 -1.97 38.85
O2P SEP A 26 -17.39 -2.84 41.25
O3P SEP A 26 -19.07 -3.76 39.64
N LEU A 27 -13.90 -4.23 38.86
CA LEU A 27 -12.68 -3.46 38.58
C LEU A 27 -12.48 -2.30 39.56
N SER A 28 -13.48 -1.97 40.36
CA SER A 28 -13.37 -0.94 41.42
C SER A 28 -12.44 -1.45 42.52
N GLU A 29 -12.35 -2.77 42.68
CA GLU A 29 -11.44 -3.41 43.65
C GLU A 29 -9.99 -3.32 43.14
N LEU A 30 -9.80 -3.12 41.83
CA LEU A 30 -8.44 -3.21 41.22
C LEU A 30 -7.89 -1.79 41.05
N GLU A 31 -6.61 -1.60 41.39
CA GLU A 31 -5.85 -0.35 41.13
C GLU A 31 -4.54 -0.67 40.39
N ARG A 32 -4.31 -0.04 39.23
CA ARG A 32 -3.09 -0.26 38.40
C ARG A 32 -1.86 0.37 39.06
N VAL A 33 -0.76 -0.36 39.14
CA VAL A 33 0.43 -0.02 39.96
C VAL A 33 1.64 0.13 39.04
N ASN A 34 1.89 -0.84 38.17
CA ASN A 34 3.01 -0.79 37.20
C ASN A 34 2.51 -1.26 35.84
N ARG A 35 3.38 -1.18 34.85
CA ARG A 35 3.19 -1.70 33.49
C ARG A 35 4.09 -2.93 33.34
N ILE A 36 3.57 -4.03 32.81
CA ILE A 36 4.28 -5.33 32.63
C ILE A 36 4.70 -5.44 31.17
N GLY A 37 5.93 -5.91 30.93
CA GLY A 37 6.43 -6.39 29.62
C GLY A 37 6.59 -5.27 28.61
N GLY A 42 1.82 -6.26 23.01
CA GLY A 42 0.64 -6.28 23.92
C GLY A 42 0.90 -5.50 25.20
N TPO A 43 -0.19 -4.92 25.77
CA TPO A 43 -0.13 -4.04 26.94
CB TPO A 43 -0.93 -2.74 26.71
CG2 TPO A 43 -1.21 -1.91 27.95
OG1 TPO A 43 -0.12 -1.89 25.83
P TPO A 43 -0.90 -0.88 24.87
O1P TPO A 43 -0.21 -1.02 23.52
O2P TPO A 43 -0.76 0.50 25.49
O3P TPO A 43 -2.34 -1.36 24.88
C TPO A 43 -0.70 -4.78 28.15
O TPO A 43 -1.89 -5.08 28.18
N VAL A 44 0.16 -5.04 29.16
CA VAL A 44 -0.21 -5.75 30.38
C VAL A 44 0.08 -4.84 31.60
N TYR A 45 -0.82 -4.73 32.57
CA TYR A 45 -0.55 -3.97 33.82
C TYR A 45 -0.45 -4.91 35.01
N LYS A 46 0.35 -4.53 35.99
CA LYS A 46 0.16 -5.03 37.37
C LYS A 46 -0.97 -4.25 38.06
N VAL A 47 -2.02 -4.94 38.52
CA VAL A 47 -3.04 -4.31 39.40
C VAL A 47 -2.93 -4.90 40.78
N ILE A 48 -3.44 -4.19 41.76
CA ILE A 48 -3.54 -4.73 43.13
C ILE A 48 -5.01 -4.68 43.55
N HIS A 49 -5.53 -5.85 43.84
CA HIS A 49 -6.87 -6.07 44.43
C HIS A 49 -6.84 -5.49 45.85
N THR A 50 -7.56 -4.38 46.03
CA THR A 50 -7.54 -3.51 47.24
C THR A 50 -8.03 -4.24 48.50
N PRO A 51 -9.15 -5.02 48.52
CA PRO A 51 -9.49 -5.74 49.75
C PRO A 51 -8.44 -6.76 50.23
N THR A 52 -7.81 -7.51 49.33
CA THR A 52 -6.98 -8.67 49.72
C THR A 52 -5.49 -8.31 49.70
N SER A 53 -5.10 -7.15 49.18
CA SER A 53 -3.67 -6.75 48.99
C SER A 53 -2.90 -7.72 48.07
N ARG A 54 -3.57 -8.54 47.25
CA ARG A 54 -2.93 -9.58 46.41
C ARG A 54 -2.64 -8.98 45.04
N PRO A 55 -1.51 -9.33 44.40
CA PRO A 55 -1.20 -8.86 43.06
C PRO A 55 -1.88 -9.69 41.99
N PHE A 56 -2.15 -9.07 40.85
CA PHE A 56 -2.60 -9.72 39.60
C PHE A 56 -2.01 -9.03 38.37
N ALA A 57 -2.09 -9.69 37.24
CA ALA A 57 -1.87 -9.06 35.93
C ALA A 57 -3.23 -8.79 35.26
N LEU A 58 -3.35 -7.64 34.64
CA LEU A 58 -4.57 -7.27 33.90
C LEU A 58 -4.12 -6.96 32.49
N LYS A 59 -4.79 -7.58 31.52
CA LYS A 59 -4.46 -7.47 30.09
C LYS A 59 -5.74 -7.04 29.41
N VAL A 60 -5.65 -6.08 28.50
CA VAL A 60 -6.83 -5.68 27.68
C VAL A 60 -6.76 -6.32 26.29
N ILE A 61 -7.91 -6.78 25.82
CA ILE A 61 -8.12 -7.31 24.44
C ILE A 61 -9.22 -6.42 23.84
N TYR A 62 -8.89 -5.50 22.93
CA TYR A 62 -9.89 -4.53 22.41
C TYR A 62 -10.50 -5.06 21.11
N GLY A 63 -11.84 -5.01 21.03
CA GLY A 63 -12.61 -5.57 19.90
C GLY A 63 -12.74 -4.63 18.71
N ASN A 64 -11.76 -4.62 17.79
CA ASN A 64 -11.81 -3.80 16.55
C ASN A 64 -12.65 -4.57 15.50
N HIS A 65 -12.67 -4.14 14.24
CA HIS A 65 -13.70 -4.59 13.26
C HIS A 65 -13.10 -5.58 12.26
N GLU A 66 -11.79 -5.83 12.37
CA GLU A 66 -11.10 -6.85 11.53
C GLU A 66 -11.68 -8.23 11.82
N ASP A 67 -11.92 -9.03 10.78
CA ASP A 67 -12.54 -10.36 10.90
C ASP A 67 -11.53 -11.35 11.49
N TPO A 68 -10.24 -11.13 11.23
CA TPO A 68 -9.19 -12.08 11.62
CB TPO A 68 -8.09 -12.20 10.52
CG2 TPO A 68 -7.40 -13.55 10.47
OG1 TPO A 68 -8.68 -12.05 9.19
P TPO A 68 -8.40 -10.75 8.29
O1P TPO A 68 -7.30 -11.19 7.36
O2P TPO A 68 -9.71 -10.42 7.57
O3P TPO A 68 -7.98 -9.64 9.24
C TPO A 68 -8.64 -11.69 13.00
O TPO A 68 -8.00 -12.52 13.66
N VAL A 69 -8.91 -10.46 13.44
CA VAL A 69 -8.57 -10.07 14.81
C VAL A 69 -9.70 -10.53 15.71
N ARG A 70 -10.94 -10.38 15.26
CA ARG A 70 -12.13 -10.89 15.97
C ARG A 70 -12.05 -12.41 16.13
N ARG A 71 -11.55 -13.15 15.14
CA ARG A 71 -11.44 -14.63 15.30
C ARG A 71 -10.41 -14.91 16.40
N GLN A 72 -9.27 -14.20 16.45
CA GLN A 72 -8.22 -14.42 17.48
C GLN A 72 -8.69 -13.90 18.84
N ILE A 73 -9.66 -12.98 18.89
CA ILE A 73 -10.19 -12.52 20.19
C ILE A 73 -11.00 -13.67 20.76
N CYS A 74 -11.89 -14.21 19.94
CA CYS A 74 -12.75 -15.36 20.31
C CYS A 74 -11.87 -16.54 20.71
N ARG A 75 -10.74 -16.75 20.02
CA ARG A 75 -9.88 -17.93 20.29
C ARG A 75 -9.23 -17.73 21.64
N GLU A 76 -8.71 -16.52 21.88
CA GLU A 76 -7.87 -16.25 23.05
C GLU A 76 -8.80 -16.27 24.27
N ILE A 77 -10.02 -15.75 24.12
CA ILE A 77 -11.01 -15.64 25.25
C ILE A 77 -11.40 -17.05 25.66
N GLU A 78 -11.63 -17.93 24.69
CA GLU A 78 -12.09 -19.31 24.97
C GLU A 78 -10.98 -20.07 25.70
N ILE A 79 -9.76 -19.98 25.18
CA ILE A 79 -8.59 -20.68 25.75
C ILE A 79 -8.38 -20.16 27.17
N LEU A 80 -8.46 -18.84 27.35
CA LEU A 80 -8.08 -18.23 28.65
C LEU A 80 -9.03 -18.70 29.76
N ARG A 81 -10.33 -18.72 29.49
CA ARG A 81 -11.30 -19.04 30.55
C ARG A 81 -11.28 -20.55 30.83
N SER A 82 -11.09 -21.38 29.81
CA SER A 82 -11.10 -22.85 29.97
C SER A 82 -9.90 -23.40 30.76
N VAL A 83 -8.68 -22.90 30.57
CA VAL A 83 -7.43 -23.59 31.07
C VAL A 83 -7.38 -23.60 32.60
N ASP A 84 -7.00 -24.73 33.17
CA ASP A 84 -6.75 -24.89 34.64
C ASP A 84 -5.67 -25.95 34.79
N HIS A 85 -4.43 -25.50 34.99
CA HIS A 85 -3.19 -26.31 35.13
C HIS A 85 -2.15 -25.49 35.85
N PRO A 86 -1.29 -26.09 36.67
CA PRO A 86 -0.32 -25.28 37.40
C PRO A 86 0.80 -24.63 36.57
N ASN A 87 0.89 -24.96 35.30
CA ASN A 87 2.00 -24.58 34.42
C ASN A 87 1.42 -23.93 33.18
N VAL A 88 0.15 -23.63 33.21
CA VAL A 88 -0.46 -22.63 32.31
C VAL A 88 -0.98 -21.53 33.21
N VAL A 89 -0.66 -20.29 32.85
CA VAL A 89 -1.09 -19.08 33.59
C VAL A 89 -2.61 -18.97 33.49
N LYS A 90 -3.25 -19.04 34.66
CA LYS A 90 -4.73 -19.10 34.77
C LYS A 90 -5.25 -17.67 34.83
N CYS A 91 -6.33 -17.37 34.13
CA CYS A 91 -7.07 -16.12 34.40
C CYS A 91 -8.18 -16.38 35.41
N HIS A 92 -8.28 -15.53 36.42
CA HIS A 92 -9.24 -15.67 37.53
C HIS A 92 -10.52 -14.93 37.20
N ASP A 93 -10.49 -13.91 36.35
CA ASP A 93 -11.73 -13.14 36.05
C ASP A 93 -11.62 -12.47 34.69
N MET A 94 -12.75 -11.96 34.18
CA MET A 94 -12.85 -11.26 32.85
C MET A 94 -13.95 -10.20 32.88
N PHE A 95 -13.71 -9.06 32.23
CA PHE A 95 -14.52 -7.84 32.41
C PHE A 95 -14.79 -7.21 31.04
N ASP A 96 -16.03 -6.85 30.69
CA ASP A 96 -16.30 -6.12 29.41
C ASP A 96 -16.60 -4.66 29.71
N HIS A 97 -15.67 -4.00 30.41
CA HIS A 97 -15.67 -2.53 30.61
C HIS A 97 -15.51 -1.83 29.26
N ASN A 98 -16.59 -1.20 28.79
CA ASN A 98 -16.58 -0.17 27.72
C ASN A 98 -16.24 -0.82 26.37
N GLY A 99 -16.64 -2.08 26.17
CA GLY A 99 -16.47 -2.81 24.91
C GLY A 99 -15.01 -3.19 24.64
N GLU A 100 -14.15 -3.14 25.65
CA GLU A 100 -12.86 -3.86 25.61
C GLU A 100 -12.89 -4.94 26.70
N ILE A 101 -12.34 -6.11 26.39
CA ILE A 101 -12.31 -7.25 27.35
C ILE A 101 -11.04 -7.12 28.18
N GLN A 102 -11.19 -7.18 29.50
CA GLN A 102 -10.03 -7.10 30.40
C GLN A 102 -9.91 -8.42 31.12
N VAL A 103 -8.82 -9.16 30.91
CA VAL A 103 -8.64 -10.49 31.57
C VAL A 103 -7.75 -10.31 32.79
N LEU A 104 -8.08 -10.99 33.88
CA LEU A 104 -7.35 -10.88 35.16
C LEU A 104 -6.55 -12.15 35.37
N LEU A 105 -5.26 -12.11 35.07
CA LEU A 105 -4.33 -13.25 35.12
C LEU A 105 -3.60 -13.35 36.46
N GLU A 106 -2.99 -14.52 36.69
CA GLU A 106 -2.02 -14.73 37.80
C GLU A 106 -0.90 -13.73 37.57
N PHE A 107 -0.39 -13.19 38.67
CA PHE A 107 0.82 -12.37 38.60
C PHE A 107 2.02 -13.29 38.69
N MET A 108 2.94 -13.21 37.73
CA MET A 108 4.19 -14.01 37.80
C MET A 108 5.36 -13.08 38.17
N ASP A 109 5.78 -13.12 39.44
CA ASP A 109 6.55 -11.99 40.05
C ASP A 109 8.01 -12.02 39.65
N GLN A 110 8.54 -13.12 39.15
CA GLN A 110 9.99 -13.19 38.81
C GLN A 110 10.16 -13.07 37.29
N GLY A 111 9.08 -12.82 36.56
CA GLY A 111 9.16 -12.49 35.11
C GLY A 111 9.41 -13.68 34.18
N SER A 112 9.96 -13.42 33.00
CA SER A 112 10.18 -14.44 31.94
C SER A 112 11.50 -15.14 32.15
N LEU A 113 11.70 -16.24 31.45
CA LEU A 113 12.97 -17.00 31.46
C LEU A 113 13.74 -16.52 30.25
N GLU A 114 13.45 -15.32 29.74
CA GLU A 114 14.15 -14.79 28.55
C GLU A 114 15.64 -14.63 28.88
N GLY A 115 16.49 -15.04 27.94
CA GLY A 115 17.95 -15.05 28.10
C GLY A 115 18.43 -15.60 29.44
N ALA A 116 17.68 -16.53 30.00
CA ALA A 116 18.15 -17.36 31.13
C ALA A 116 19.15 -18.40 30.63
N HIS A 117 20.21 -18.55 31.40
CA HIS A 117 21.26 -19.57 31.17
C HIS A 117 21.06 -20.62 32.24
N ILE A 118 20.52 -21.76 31.89
CA ILE A 118 20.46 -22.88 32.85
C ILE A 118 21.49 -23.90 32.42
N TRP A 119 22.73 -23.75 32.87
CA TRP A 119 23.77 -24.75 32.51
C TRP A 119 23.64 -25.92 33.46
N GLN A 120 23.06 -25.73 34.65
CA GLN A 120 22.90 -26.87 35.59
C GLN A 120 21.87 -27.81 34.97
N GLU A 121 22.24 -29.05 34.77
CA GLU A 121 21.43 -29.94 33.93
C GLU A 121 20.29 -30.44 34.80
N GLN A 122 20.49 -30.58 36.11
CA GLN A 122 19.40 -31.00 37.04
C GLN A 122 18.31 -29.93 36.99
N GLU A 123 18.71 -28.66 37.14
CA GLU A 123 17.76 -27.52 37.19
C GLU A 123 17.00 -27.49 35.86
N LEU A 124 17.73 -27.66 34.76
CA LEU A 124 17.11 -27.54 33.43
C LEU A 124 16.00 -28.59 33.34
N ALA A 125 16.27 -29.79 33.86
CA ALA A 125 15.28 -30.90 33.79
C ALA A 125 14.03 -30.58 34.59
N ASP A 126 14.15 -29.90 35.72
CA ASP A 126 12.96 -29.59 36.54
C ASP A 126 12.17 -28.46 35.85
N LEU A 127 12.84 -27.52 35.23
CA LEU A 127 12.15 -26.46 34.47
C LEU A 127 11.41 -27.15 33.34
N SER A 128 12.09 -28.09 32.67
CA SER A 128 11.54 -28.69 31.44
C SER A 128 10.34 -29.57 31.81
N ARG A 129 10.36 -30.21 32.97
CA ARG A 129 9.24 -31.10 33.38
C ARG A 129 7.97 -30.26 33.50
N GLN A 130 8.07 -29.12 34.18
CA GLN A 130 6.90 -28.24 34.43
C GLN A 130 6.37 -27.73 33.09
N ILE A 131 7.25 -27.19 32.26
CA ILE A 131 6.85 -26.64 30.94
C ILE A 131 6.20 -27.80 30.21
N LEU A 132 6.76 -29.02 30.29
CA LEU A 132 6.16 -30.18 29.56
C LEU A 132 4.82 -30.61 30.15
N SER A 133 4.64 -30.56 31.45
CA SER A 133 3.30 -30.83 32.03
C SER A 133 2.30 -29.88 31.39
N GLY A 134 2.63 -28.59 31.36
CA GLY A 134 1.77 -27.54 30.82
C GLY A 134 1.47 -27.80 29.36
N LEU A 135 2.48 -28.08 28.56
CA LEU A 135 2.28 -28.13 27.10
C LEU A 135 1.50 -29.41 26.81
N ALA A 136 1.68 -30.44 27.64
CA ALA A 136 0.97 -31.72 27.42
C ALA A 136 -0.50 -31.50 27.71
N TYR A 137 -0.79 -30.76 28.76
CA TYR A 137 -2.17 -30.31 29.13
C TYR A 137 -2.83 -29.62 27.93
N LEU A 138 -2.25 -28.53 27.42
CA LEU A 138 -2.81 -27.73 26.31
C LEU A 138 -3.01 -28.63 25.13
N HIS A 139 -2.05 -29.50 24.85
CA HIS A 139 -2.13 -30.34 23.63
C HIS A 139 -3.19 -31.41 23.82
N ARG A 140 -3.38 -31.95 25.02
CA ARG A 140 -4.39 -33.03 25.08
C ARG A 140 -5.77 -32.40 25.23
N ARG A 141 -5.86 -31.08 25.26
CA ARG A 141 -7.15 -30.36 25.10
C ARG A 141 -7.21 -29.72 23.71
N HIS A 142 -6.35 -30.18 22.79
CA HIS A 142 -6.34 -29.70 21.38
C HIS A 142 -6.10 -28.17 21.29
N ILE A 143 -5.26 -27.61 22.16
CA ILE A 143 -4.85 -26.18 22.07
C ILE A 143 -3.42 -26.18 21.57
N VAL A 144 -3.15 -25.57 20.46
CA VAL A 144 -1.76 -25.40 19.99
C VAL A 144 -1.38 -23.97 20.33
N HIS A 145 -0.22 -23.74 20.89
CA HIS A 145 0.19 -22.41 21.40
C HIS A 145 0.74 -21.56 20.26
N ARG A 146 1.60 -22.12 19.43
CA ARG A 146 2.14 -21.43 18.22
C ARG A 146 3.10 -20.26 18.59
N ASP A 147 3.47 -20.05 19.86
CA ASP A 147 4.54 -19.08 20.17
C ASP A 147 5.24 -19.45 21.47
N ILE A 148 5.95 -20.57 21.48
CA ILE A 148 6.68 -21.01 22.70
C ILE A 148 8.06 -20.39 22.59
N LYS A 149 8.33 -19.35 23.33
CA LYS A 149 9.66 -18.69 23.35
C LYS A 149 10.03 -18.48 24.81
N PRO A 150 11.32 -18.41 25.20
CA PRO A 150 11.64 -18.22 26.62
C PRO A 150 10.93 -17.03 27.25
N SER A 151 10.62 -15.98 26.48
CA SER A 151 9.91 -14.78 26.96
C SER A 151 8.43 -15.08 27.25
N ASN A 152 7.85 -16.19 26.77
CA ASN A 152 6.44 -16.57 27.10
C ASN A 152 6.43 -17.66 28.19
N LEU A 153 7.58 -18.04 28.73
CA LEU A 153 7.65 -18.98 29.85
C LEU A 153 7.93 -18.19 31.12
N LEU A 154 6.92 -17.97 31.95
CA LEU A 154 7.01 -17.08 33.12
C LEU A 154 7.29 -17.90 34.37
N ILE A 155 8.00 -17.28 35.32
CA ILE A 155 8.51 -17.96 36.54
C ILE A 155 8.18 -17.07 37.72
N ASN A 156 7.97 -17.65 38.88
CA ASN A 156 7.53 -16.89 40.07
C ASN A 156 8.49 -17.11 41.21
N SER A 157 8.11 -16.54 42.34
CA SER A 157 8.81 -16.56 43.64
C SER A 157 9.01 -18.03 44.01
N ALA A 158 7.94 -18.81 43.86
CA ALA A 158 7.91 -20.25 44.22
C ALA A 158 8.74 -21.11 43.23
N LYS A 159 9.49 -20.50 42.29
CA LYS A 159 10.39 -21.16 41.28
C LYS A 159 9.62 -22.13 40.40
N ASN A 160 8.33 -21.90 40.22
CA ASN A 160 7.49 -22.71 39.32
C ASN A 160 7.33 -21.93 38.01
N VAL A 161 7.13 -22.60 36.88
CA VAL A 161 7.14 -22.01 35.51
C VAL A 161 5.79 -22.27 34.84
N LYS A 162 5.24 -21.26 34.20
CA LYS A 162 3.90 -21.36 33.60
C LYS A 162 3.93 -20.80 32.18
N ILE A 163 3.22 -21.43 31.25
CA ILE A 163 3.10 -21.02 29.83
C ILE A 163 2.12 -19.86 29.75
N ALA A 164 2.35 -18.85 28.89
CA ALA A 164 1.62 -17.59 28.96
C ALA A 164 0.92 -17.14 27.67
N ASP A 165 1.57 -16.67 26.61
CA ASP A 165 0.79 -15.79 25.69
C ASP A 165 -0.05 -16.63 24.71
N PHE A 166 -1.36 -16.44 24.70
CA PHE A 166 -2.29 -17.23 23.82
C PHE A 166 -2.77 -16.36 22.67
N GLY A 167 -2.03 -15.30 22.37
CA GLY A 167 -2.44 -14.31 21.37
C GLY A 167 -2.59 -14.94 19.99
N VAL A 168 -1.77 -15.93 19.68
CA VAL A 168 -1.73 -16.52 18.31
C VAL A 168 -2.07 -18.01 18.44
N SER A 169 -2.47 -18.42 19.64
CA SER A 169 -2.75 -19.84 19.91
C SER A 169 -4.15 -20.13 19.40
N ARG A 170 -4.43 -21.40 19.13
CA ARG A 170 -5.64 -21.89 18.41
C ARG A 170 -6.18 -23.12 19.10
N ILE A 171 -7.47 -23.41 18.93
CA ILE A 171 -8.11 -24.65 19.43
C ILE A 171 -8.66 -25.42 18.22
N LEU A 172 -8.58 -26.74 18.25
CA LEU A 172 -8.69 -27.59 17.02
C LEU A 172 -9.87 -28.55 17.18
N ALA A 173 -10.61 -28.79 16.10
CA ALA A 173 -11.87 -29.57 16.12
C ALA A 173 -11.57 -31.08 16.26
N GLN A 174 -10.47 -31.59 15.69
CA GLN A 174 -10.01 -33.00 15.90
C GLN A 174 -8.67 -33.06 16.65
N TPO A 175 -8.13 -34.27 16.82
CA TPO A 175 -6.79 -34.47 17.36
CB TPO A 175 -6.68 -35.81 18.12
CG2 TPO A 175 -5.41 -35.95 18.94
OG1 TPO A 175 -7.81 -35.95 19.06
P TPO A 175 -8.87 -37.17 18.94
O1P TPO A 175 -7.99 -38.39 18.82
O2P TPO A 175 -9.72 -37.18 20.19
O3P TPO A 175 -9.71 -36.90 17.67
C TPO A 175 -5.79 -34.30 16.21
O TPO A 175 -4.63 -33.98 16.43
N MET A 176 -6.26 -34.49 14.97
CA MET A 176 -5.42 -34.32 13.80
C MET A 176 -6.08 -33.35 12.82
N ASP A 177 -6.17 -32.07 13.21
CA ASP A 177 -6.63 -31.00 12.28
C ASP A 177 -5.44 -30.10 12.02
N PRO A 178 -5.08 -29.89 10.74
CA PRO A 178 -3.92 -29.07 10.39
C PRO A 178 -4.11 -27.57 10.69
N CYS A 179 -3.02 -26.85 10.93
CA CYS A 179 -3.09 -25.39 11.08
C CYS A 179 -2.56 -24.75 9.78
N ASN A 180 -3.25 -23.76 9.24
CA ASN A 180 -2.89 -23.14 7.94
C ASN A 180 -2.30 -21.74 8.14
N SEP A 181 -2.36 -21.19 9.35
CA SEP A 181 -1.96 -19.79 9.50
CB SEP A 181 -2.85 -19.04 10.49
OG SEP A 181 -4.23 -19.35 10.21
C SEP A 181 -0.50 -19.67 9.90
O SEP A 181 -0.05 -20.26 10.86
P SEP A 181 -5.07 -19.99 11.40
O1P SEP A 181 -4.59 -21.42 11.44
O2P SEP A 181 -6.55 -19.99 11.06
O3P SEP A 181 -4.64 -19.05 12.53
N SER A 182 0.23 -18.85 9.15
CA SER A 182 1.56 -18.37 9.53
C SER A 182 1.49 -17.35 10.69
N VAL A 183 1.56 -17.83 11.93
CA VAL A 183 1.58 -16.96 13.14
C VAL A 183 2.87 -17.22 13.94
N GLY A 184 3.20 -16.35 14.91
CA GLY A 184 4.26 -16.63 15.90
C GLY A 184 5.51 -15.80 15.72
N THR A 185 6.61 -16.22 16.35
CA THR A 185 7.96 -15.65 16.17
C THR A 185 8.75 -16.58 15.24
N ILE A 186 9.22 -16.04 14.11
CA ILE A 186 9.99 -16.79 13.08
C ILE A 186 11.21 -17.47 13.72
N ALA A 187 11.85 -16.89 14.72
CA ALA A 187 13.10 -17.46 15.28
C ALA A 187 12.85 -18.85 15.90
N TYR A 188 11.64 -19.12 16.36
CA TYR A 188 11.33 -20.40 17.04
C TYR A 188 10.31 -21.18 16.25
N MET A 189 10.14 -20.80 15.01
CA MET A 189 9.24 -21.57 14.15
C MET A 189 9.98 -22.84 13.74
N SER A 190 9.19 -23.92 13.66
CA SER A 190 9.52 -25.20 13.05
C SER A 190 9.94 -24.96 11.60
N PRO A 191 10.78 -25.83 11.01
CA PRO A 191 11.03 -25.79 9.58
C PRO A 191 9.75 -25.78 8.74
N GLU A 192 8.83 -26.72 8.95
CA GLU A 192 7.60 -26.84 8.13
C GLU A 192 6.68 -25.65 8.39
N ARG A 193 6.95 -24.85 9.42
CA ARG A 193 6.22 -23.59 9.68
C ARG A 193 6.87 -22.41 8.95
N ILE A 194 8.12 -22.49 8.55
CA ILE A 194 8.69 -21.44 7.67
C ILE A 194 8.52 -21.84 6.20
N ASN A 195 9.12 -22.95 5.71
CA ASN A 195 9.00 -23.41 4.29
C ASN A 195 7.63 -24.08 4.15
N THR A 196 6.66 -23.37 3.58
CA THR A 196 5.25 -23.81 3.54
C THR A 196 4.83 -24.32 2.15
N ASP A 197 5.73 -24.44 1.17
CA ASP A 197 5.35 -24.71 -0.24
C ASP A 197 4.87 -26.15 -0.42
N LEU A 198 5.57 -27.15 0.13
CA LEU A 198 5.36 -28.58 -0.27
C LEU A 198 3.99 -29.04 0.27
N ASN A 199 3.75 -28.77 1.56
CA ASN A 199 2.53 -29.16 2.32
C ASN A 199 1.43 -28.09 2.15
N HIS A 200 1.64 -27.08 1.29
CA HIS A 200 0.66 -26.03 0.89
C HIS A 200 0.19 -25.22 2.11
N GLY A 201 1.08 -24.84 3.03
CA GLY A 201 0.76 -23.97 4.18
C GLY A 201 0.43 -24.73 5.47
N ARG A 202 -0.04 -25.96 5.38
CA ARG A 202 -0.54 -26.73 6.55
C ARG A 202 0.63 -27.28 7.38
N TYR A 203 0.47 -27.36 8.71
CA TYR A 203 1.50 -27.89 9.63
C TYR A 203 0.90 -28.59 10.84
N ASP A 204 1.61 -29.58 11.39
CA ASP A 204 1.25 -30.21 12.68
C ASP A 204 1.59 -29.19 13.75
N GLY A 205 0.58 -28.47 14.21
CA GLY A 205 0.75 -27.37 15.17
C GLY A 205 1.30 -27.88 16.47
N TYR A 206 0.98 -29.12 16.81
CA TYR A 206 1.48 -29.77 18.04
C TYR A 206 2.99 -29.88 17.93
N ALA A 207 3.48 -30.50 16.85
CA ALA A 207 4.88 -30.90 16.64
C ALA A 207 5.68 -29.63 16.54
N GLY A 208 5.08 -28.62 15.91
CA GLY A 208 5.64 -27.26 15.81
C GLY A 208 5.89 -26.68 17.20
N ASP A 209 5.00 -26.91 18.17
CA ASP A 209 5.22 -26.46 19.57
C ASP A 209 6.36 -27.25 20.22
N VAL A 210 6.44 -28.55 19.94
CA VAL A 210 7.51 -29.39 20.51
C VAL A 210 8.86 -28.98 19.94
N TRP A 211 8.91 -28.55 18.67
CA TRP A 211 10.12 -27.90 18.11
C TRP A 211 10.45 -26.68 18.97
N SER A 212 9.46 -25.79 19.20
CA SER A 212 9.64 -24.46 19.82
C SER A 212 10.13 -24.64 21.26
N LEU A 213 9.65 -25.62 21.96
CA LEU A 213 10.18 -25.98 23.29
C LEU A 213 11.65 -26.43 23.19
N GLY A 214 12.00 -27.23 22.21
CA GLY A 214 13.33 -27.85 22.19
C GLY A 214 14.38 -26.84 21.84
N VAL A 215 14.01 -25.84 21.05
CA VAL A 215 14.91 -24.69 20.79
C VAL A 215 15.08 -23.91 22.08
N SER A 216 13.99 -23.58 22.78
CA SER A 216 14.00 -22.92 24.09
C SER A 216 14.88 -23.67 25.12
N ILE A 217 14.81 -25.00 25.21
CA ILE A 217 15.49 -25.73 26.31
C ILE A 217 16.96 -25.79 25.94
N LEU A 218 17.29 -25.90 24.65
CA LEU A 218 18.72 -25.85 24.27
C LEU A 218 19.21 -24.42 24.51
N GLU A 219 18.37 -23.41 24.23
CA GLU A 219 18.73 -21.99 24.46
C GLU A 219 19.06 -21.80 25.94
N PHE A 220 18.28 -22.36 26.84
CA PHE A 220 18.61 -22.30 28.29
C PHE A 220 19.95 -23.00 28.55
N TYR A 221 20.21 -24.11 27.91
CA TYR A 221 21.46 -24.86 28.16
C TYR A 221 22.63 -24.07 27.60
N LEU A 222 22.49 -23.63 26.36
CA LEU A 222 23.61 -22.93 25.69
C LEU A 222 23.73 -21.52 26.27
N GLY A 223 22.62 -20.90 26.62
CA GLY A 223 22.62 -19.48 26.98
C GLY A 223 22.77 -18.57 25.78
N ARG A 224 22.80 -19.10 24.57
CA ARG A 224 22.50 -18.31 23.35
C ARG A 224 21.33 -18.97 22.61
N PHE A 225 20.75 -18.23 21.69
CA PHE A 225 19.89 -18.75 20.62
C PHE A 225 20.71 -19.80 19.90
N PRO A 226 20.21 -21.04 19.81
CA PRO A 226 21.01 -22.15 19.33
C PRO A 226 21.16 -22.27 17.81
N PHE A 227 20.70 -21.30 17.04
CA PHE A 227 21.09 -21.20 15.62
C PHE A 227 22.22 -20.18 15.47
N ALA A 228 22.96 -20.28 14.38
CA ALA A 228 24.15 -19.42 14.14
C ALA A 228 23.74 -18.14 13.41
N VAL A 229 22.51 -17.67 13.57
CA VAL A 229 21.96 -16.44 12.95
C VAL A 229 21.36 -15.59 14.07
N SER A 230 21.45 -14.25 14.00
CA SER A 230 20.77 -13.32 14.92
C SER A 230 19.26 -13.61 14.85
N ARG A 231 18.57 -13.59 15.98
CA ARG A 231 17.12 -13.87 15.94
C ARG A 231 16.36 -12.64 15.41
N GLN A 232 16.99 -11.45 15.43
CA GLN A 232 16.46 -10.21 14.80
C GLN A 232 16.87 -10.16 13.31
N GLY A 233 17.57 -11.18 12.81
CA GLY A 233 18.13 -11.23 11.44
C GLY A 233 17.06 -11.24 10.37
N ASP A 234 17.46 -11.12 9.10
CA ASP A 234 16.50 -11.08 7.97
C ASP A 234 15.86 -12.47 7.81
N TRP A 235 14.72 -12.49 7.11
CA TRP A 235 13.92 -13.70 6.72
C TRP A 235 14.80 -14.81 6.17
N ALA A 236 15.55 -14.53 5.11
CA ALA A 236 16.30 -15.54 4.34
C ALA A 236 17.50 -15.98 5.18
N SER A 237 18.02 -15.11 6.05
CA SER A 237 19.12 -15.49 6.95
C SER A 237 18.60 -16.42 8.05
N LEU A 238 17.38 -16.20 8.54
CA LEU A 238 16.78 -17.11 9.56
C LEU A 238 16.40 -18.44 8.90
N MET A 239 15.74 -18.39 7.73
CA MET A 239 15.21 -19.57 6.98
C MET A 239 16.36 -20.50 6.56
N CYS A 240 17.53 -19.94 6.23
CA CYS A 240 18.70 -20.74 5.81
C CYS A 240 19.27 -21.49 7.02
N ALA A 241 19.18 -20.94 8.23
CA ALA A 241 19.72 -21.59 9.45
C ALA A 241 18.79 -22.72 9.91
N ILE A 242 17.49 -22.53 9.74
CA ILE A 242 16.44 -23.39 10.36
C ILE A 242 16.03 -24.45 9.35
N CYS A 243 15.70 -24.09 8.11
CA CYS A 243 15.15 -25.03 7.09
C CYS A 243 16.24 -25.72 6.29
N MET A 244 17.41 -25.09 6.13
CA MET A 244 18.40 -25.59 5.15
C MET A 244 19.59 -26.24 5.87
N SER A 245 19.78 -25.96 7.16
CA SER A 245 20.83 -26.63 7.97
C SER A 245 20.26 -27.87 8.66
N GLN A 246 21.12 -28.78 9.10
CA GLN A 246 20.78 -29.81 10.11
C GLN A 246 20.34 -29.09 11.37
N PRO A 247 19.31 -29.62 12.08
CA PRO A 247 18.78 -28.97 13.26
C PRO A 247 19.81 -28.93 14.37
N PRO A 248 19.69 -28.01 15.32
CA PRO A 248 20.71 -27.86 16.34
C PRO A 248 20.81 -29.07 17.24
N GLU A 249 22.00 -29.60 17.48
CA GLU A 249 22.17 -30.68 18.49
C GLU A 249 22.87 -30.14 19.74
N ALA A 250 22.56 -30.73 20.88
CA ALA A 250 23.22 -30.40 22.15
C ALA A 250 24.69 -30.77 22.00
N PRO A 251 25.62 -29.94 22.52
CA PRO A 251 27.03 -30.21 22.39
C PRO A 251 27.39 -31.56 23.03
N ALA A 252 28.52 -32.14 22.61
CA ALA A 252 28.90 -33.52 23.00
C ALA A 252 29.33 -33.52 24.47
N THR A 253 29.60 -32.34 25.00
CA THR A 253 29.99 -32.06 26.41
C THR A 253 28.84 -32.53 27.31
N ALA A 254 27.60 -32.30 26.87
CA ALA A 254 26.36 -32.56 27.65
C ALA A 254 26.13 -34.07 27.83
N SER A 255 25.24 -34.46 28.73
CA SER A 255 24.95 -35.89 28.98
C SER A 255 24.16 -36.47 27.79
N GLN A 256 24.14 -37.79 27.70
CA GLN A 256 23.47 -38.50 26.59
C GLN A 256 22.00 -38.11 26.69
N GLU A 257 21.43 -38.18 27.90
CA GLU A 257 19.95 -38.14 27.98
C GLU A 257 19.49 -36.73 27.63
N PHE A 258 20.32 -35.71 27.84
CA PHE A 258 19.92 -34.35 27.37
C PHE A 258 20.15 -34.26 25.87
N ARG A 259 21.21 -34.85 25.40
CA ARG A 259 21.48 -34.83 23.94
C ARG A 259 20.30 -35.54 23.28
N HIS A 260 19.88 -36.69 23.81
CA HIS A 260 18.84 -37.51 23.17
C HIS A 260 17.50 -36.80 23.34
N PHE A 261 17.33 -36.03 24.42
CA PHE A 261 16.11 -35.22 24.62
C PHE A 261 15.95 -34.22 23.48
N VAL A 262 17.01 -33.48 23.10
CA VAL A 262 16.81 -32.37 22.13
C VAL A 262 16.57 -33.01 20.77
N SER A 263 17.12 -34.20 20.54
CA SER A 263 16.97 -34.89 19.25
C SER A 263 15.53 -35.38 19.14
N CYS A 264 14.91 -35.71 20.26
CA CYS A 264 13.49 -36.08 20.24
C CYS A 264 12.61 -34.85 19.97
N CYS A 265 13.14 -33.63 20.11
CA CYS A 265 12.39 -32.37 19.88
C CYS A 265 12.76 -31.82 18.52
N LEU A 266 14.02 -31.78 18.18
CA LEU A 266 14.43 -31.06 16.96
C LEU A 266 14.75 -32.06 15.86
N GLN A 267 13.80 -32.94 15.58
CA GLN A 267 13.81 -33.65 14.28
C GLN A 267 13.24 -32.68 13.25
N SER A 268 13.85 -32.55 12.07
CA SER A 268 13.30 -31.68 10.99
C SER A 268 12.05 -32.31 10.36
N ASP A 269 11.97 -33.64 10.26
CA ASP A 269 10.72 -34.31 9.80
C ASP A 269 9.81 -34.41 11.02
N PRO A 270 8.63 -33.78 11.00
CA PRO A 270 7.79 -33.69 12.18
C PRO A 270 7.24 -34.96 12.84
N PRO A 271 6.88 -36.07 12.15
CA PRO A 271 6.38 -37.22 12.89
C PRO A 271 7.51 -37.90 13.65
N LYS A 272 8.74 -37.65 13.22
CA LYS A 272 9.90 -38.24 13.91
C LYS A 272 9.97 -37.66 15.32
N ARG A 273 9.46 -36.46 15.56
CA ARG A 273 9.76 -35.86 16.88
C ARG A 273 8.65 -36.31 17.78
N TRP A 274 8.92 -36.29 19.07
CA TRP A 274 8.03 -36.92 20.07
C TRP A 274 6.87 -35.96 20.35
N SER A 275 5.84 -36.48 20.97
CA SER A 275 4.80 -35.64 21.58
C SER A 275 5.24 -35.14 22.96
N ALA A 276 4.49 -34.19 23.49
CA ALA A 276 4.81 -33.55 24.77
C ALA A 276 4.56 -34.58 25.86
N GLN A 277 3.50 -35.35 25.66
CA GLN A 277 3.11 -36.44 26.57
C GLN A 277 4.21 -37.52 26.63
N GLN A 278 4.78 -37.86 25.47
CA GLN A 278 5.87 -38.85 25.38
C GLN A 278 7.13 -38.30 26.04
N LEU A 279 7.41 -37.00 25.92
CA LEU A 279 8.71 -36.50 26.41
C LEU A 279 8.67 -36.49 27.93
N LEU A 280 7.48 -36.53 28.56
CA LEU A 280 7.45 -36.53 30.04
C LEU A 280 7.97 -37.86 30.54
N GLN A 281 8.01 -38.87 29.67
CA GLN A 281 8.50 -40.23 30.00
C GLN A 281 9.92 -40.39 29.46
N HIS A 282 10.52 -39.31 28.98
CA HIS A 282 11.90 -39.37 28.47
C HIS A 282 12.85 -39.39 29.66
N PRO A 283 13.93 -40.18 29.62
CA PRO A 283 14.87 -40.24 30.73
C PRO A 283 15.49 -38.93 31.21
N PHE A 284 15.53 -37.88 30.39
CA PHE A 284 16.07 -36.57 30.83
C PHE A 284 15.11 -35.92 31.83
N ILE A 285 13.82 -35.92 31.51
CA ILE A 285 12.73 -35.26 32.29
C ILE A 285 12.45 -36.04 33.57
N LEU A 286 12.58 -37.38 33.55
CA LEU A 286 12.55 -38.25 34.75
C LEU A 286 13.88 -38.11 35.51
N LYS A 287 13.98 -36.97 36.19
CA LYS A 287 15.14 -36.52 36.99
C LYS A 287 14.68 -35.32 37.84
N ALA A 288 14.77 -35.47 39.16
CA ALA A 288 14.32 -34.48 40.17
C ALA A 288 15.04 -34.78 41.49
N LYS B 25 54.46 4.66 -2.73
CA LYS B 25 54.03 3.32 -2.17
C LYS B 25 52.96 2.71 -3.07
N SEP B 26 52.91 1.37 -3.17
CA SEP B 26 51.70 0.65 -3.54
CB SEP B 26 51.89 -0.18 -4.79
OG SEP B 26 50.71 -1.01 -5.00
C SEP B 26 51.28 -0.22 -2.35
O SEP B 26 52.05 -0.30 -1.40
P SEP B 26 50.81 -2.32 -5.97
O1P SEP B 26 52.29 -2.59 -6.11
O2P SEP B 26 50.19 -1.86 -7.28
O3P SEP B 26 50.07 -3.50 -5.35
N LEU B 27 50.11 -0.87 -2.43
CA LEU B 27 49.56 -1.73 -1.37
C LEU B 27 50.52 -2.88 -1.01
N SER B 28 51.23 -3.42 -1.99
CA SER B 28 51.99 -4.69 -1.87
C SER B 28 53.11 -4.53 -0.83
N GLU B 29 53.68 -3.32 -0.74
CA GLU B 29 54.62 -2.86 0.31
C GLU B 29 54.07 -3.19 1.71
N LEU B 30 52.78 -2.96 1.95
CA LEU B 30 52.22 -2.76 3.31
C LEU B 30 51.83 -4.12 3.90
N GLU B 31 52.35 -4.43 5.08
CA GLU B 31 52.10 -5.74 5.75
C GLU B 31 51.41 -5.50 7.07
N ARG B 32 50.19 -6.05 7.23
CA ARG B 32 49.31 -5.85 8.41
C ARG B 32 49.92 -6.57 9.60
N VAL B 33 50.08 -5.83 10.70
CA VAL B 33 50.80 -6.30 11.92
C VAL B 33 49.79 -6.41 13.06
N ASN B 34 49.12 -5.32 13.43
CA ASN B 34 48.11 -5.27 14.53
C ASN B 34 46.81 -4.65 14.03
N ARG B 35 45.71 -4.91 14.72
CA ARG B 35 44.50 -4.04 14.72
C ARG B 35 44.61 -3.13 15.94
N ILE B 36 44.30 -1.83 15.79
CA ILE B 36 44.46 -0.79 16.86
C ILE B 36 43.17 0.02 17.02
N TPO B 43 37.92 -0.54 12.24
CA TPO B 43 38.79 -1.43 11.41
CB TPO B 43 37.99 -2.13 10.30
CG2 TPO B 43 38.82 -3.09 9.47
OG1 TPO B 43 36.90 -2.89 10.95
P TPO B 43 37.09 -4.31 11.72
O1P TPO B 43 37.05 -5.35 10.61
O2P TPO B 43 35.93 -4.40 12.71
O3P TPO B 43 38.43 -4.25 12.43
C TPO B 43 39.95 -0.61 10.86
O TPO B 43 39.90 -0.15 9.72
N VAL B 44 40.99 -0.47 11.68
CA VAL B 44 42.19 0.23 11.27
C VAL B 44 43.45 -0.56 11.69
N TYR B 45 44.38 -0.74 10.76
CA TYR B 45 45.49 -1.70 10.91
C TYR B 45 46.78 -0.93 11.05
N LYS B 46 47.67 -1.43 11.92
CA LYS B 46 49.10 -1.05 11.92
C LYS B 46 49.79 -1.78 10.78
N VAL B 47 50.51 -1.05 9.95
CA VAL B 47 51.20 -1.64 8.77
C VAL B 47 52.65 -1.18 8.80
N ILE B 48 53.52 -1.99 8.21
CA ILE B 48 54.94 -1.63 8.00
C ILE B 48 55.21 -1.60 6.50
N HIS B 49 55.70 -0.47 6.00
CA HIS B 49 56.20 -0.29 4.62
C HIS B 49 57.50 -1.07 4.54
N THR B 50 57.47 -2.27 3.96
CA THR B 50 58.64 -3.19 3.93
C THR B 50 59.90 -2.45 3.47
N PRO B 51 59.87 -1.64 2.38
CA PRO B 51 61.07 -0.93 1.91
C PRO B 51 61.74 0.02 2.91
N THR B 52 60.97 0.80 3.67
CA THR B 52 61.52 1.81 4.62
C THR B 52 61.49 1.23 6.04
N SER B 53 60.99 0.01 6.21
CA SER B 53 60.78 -0.64 7.54
C SER B 53 60.13 0.36 8.52
N ARG B 54 59.24 1.22 8.01
CA ARG B 54 58.59 2.33 8.77
C ARG B 54 57.13 1.97 9.03
N PRO B 55 56.56 2.33 10.20
CA PRO B 55 55.16 2.05 10.49
C PRO B 55 54.18 3.10 9.94
N PHE B 56 52.97 2.65 9.66
CA PHE B 56 51.82 3.50 9.27
C PHE B 56 50.53 2.89 9.81
N ALA B 57 49.48 3.72 9.85
CA ALA B 57 48.11 3.29 10.15
C ALA B 57 47.32 3.21 8.84
N LEU B 58 46.56 2.14 8.66
CA LEU B 58 45.84 1.87 7.40
C LEU B 58 44.35 1.64 7.66
N LYS B 59 43.51 2.46 7.03
CA LYS B 59 42.05 2.41 7.28
C LYS B 59 41.36 2.00 5.99
N VAL B 60 40.34 1.17 6.13
CA VAL B 60 39.42 0.80 5.02
C VAL B 60 38.17 1.68 5.12
N ILE B 61 37.92 2.50 4.10
CA ILE B 61 36.64 3.23 3.91
C ILE B 61 35.90 2.50 2.79
N TYR B 62 34.87 1.73 3.12
CA TYR B 62 34.03 1.08 2.08
C TYR B 62 32.53 1.32 2.36
N GLY B 63 32.12 1.21 3.63
CA GLY B 63 30.77 1.52 4.12
C GLY B 63 29.67 0.74 3.42
N ASN B 64 28.59 1.41 3.04
CA ASN B 64 27.54 0.87 2.15
C ASN B 64 27.58 1.67 0.84
N HIS B 65 26.64 1.42 -0.08
CA HIS B 65 26.39 2.29 -1.27
C HIS B 65 25.13 3.12 -1.00
N GLU B 66 24.90 3.46 0.27
CA GLU B 66 23.78 4.33 0.74
C GLU B 66 24.11 5.81 0.46
N ASP B 67 23.08 6.64 0.23
CA ASP B 67 23.17 8.06 -0.24
C ASP B 67 23.90 8.97 0.75
N TPO B 68 23.62 8.81 2.05
CA TPO B 68 24.19 9.62 3.13
CB TPO B 68 23.32 9.52 4.39
CG2 TPO B 68 23.80 10.32 5.58
OG1 TPO B 68 21.96 9.97 4.06
P TPO B 68 20.76 8.91 4.29
O1P TPO B 68 20.44 8.28 2.94
O2P TPO B 68 19.60 9.71 4.87
O3P TPO B 68 21.32 7.91 5.28
C TPO B 68 25.63 9.18 3.43
O TPO B 68 26.48 10.03 3.71
N VAL B 69 25.84 7.85 3.37
CA VAL B 69 27.14 7.18 3.55
C VAL B 69 28.09 7.64 2.42
N ARG B 70 27.66 7.68 1.15
CA ARG B 70 28.55 8.13 0.04
C ARG B 70 28.85 9.63 0.04
N ARG B 71 28.02 10.47 0.67
CA ARG B 71 28.42 11.89 0.87
C ARG B 71 29.47 11.92 1.99
N GLN B 72 29.37 11.03 2.98
CA GLN B 72 30.29 11.04 4.15
C GLN B 72 31.65 10.44 3.72
N ILE B 73 31.63 9.55 2.72
CA ILE B 73 32.88 9.04 2.09
C ILE B 73 33.54 10.23 1.40
N CYS B 74 32.79 10.95 0.58
CA CYS B 74 33.27 12.19 -0.09
C CYS B 74 33.71 13.25 0.93
N ARG B 75 33.05 13.31 2.09
CA ARG B 75 33.43 14.30 3.12
C ARG B 75 34.77 13.86 3.69
N GLU B 76 34.89 12.60 4.07
CA GLU B 76 36.07 12.09 4.80
C GLU B 76 37.29 12.17 3.86
N ILE B 77 37.15 11.65 2.66
CA ILE B 77 38.25 11.46 1.69
C ILE B 77 38.73 12.86 1.26
N GLU B 78 37.85 13.85 1.19
CA GLU B 78 38.32 15.20 0.80
C GLU B 78 39.11 15.78 1.97
N ILE B 79 38.58 15.61 3.18
CA ILE B 79 39.22 16.21 4.38
C ILE B 79 40.61 15.60 4.52
N LEU B 80 40.72 14.27 4.40
CA LEU B 80 42.01 13.58 4.67
C LEU B 80 43.10 14.12 3.75
N ARG B 81 42.78 14.30 2.48
CA ARG B 81 43.75 14.80 1.48
C ARG B 81 44.21 16.22 1.83
N SER B 82 43.30 17.13 2.14
CA SER B 82 43.59 18.58 2.26
C SER B 82 44.38 18.88 3.54
N VAL B 83 44.13 18.20 4.66
CA VAL B 83 44.69 18.64 5.98
C VAL B 83 46.21 18.51 5.97
N ASP B 84 46.91 19.56 6.43
CA ASP B 84 48.39 19.65 6.48
C ASP B 84 48.75 20.53 7.67
N HIS B 85 48.57 20.00 8.87
CA HIS B 85 48.89 20.71 10.14
C HIS B 85 49.61 19.74 11.08
N PRO B 86 50.55 20.26 11.89
CA PRO B 86 51.26 19.40 12.85
C PRO B 86 50.43 18.72 13.94
N ASN B 87 49.18 19.14 14.13
CA ASN B 87 48.29 18.57 15.17
C ASN B 87 47.05 17.97 14.54
N VAL B 88 47.05 17.74 13.23
CA VAL B 88 46.01 16.91 12.57
C VAL B 88 46.71 15.73 11.90
N VAL B 89 46.20 14.54 12.19
CA VAL B 89 46.70 13.22 11.71
C VAL B 89 46.80 13.24 10.19
N LYS B 90 48.03 13.17 9.72
CA LYS B 90 48.38 13.40 8.30
C LYS B 90 47.97 12.18 7.51
N CYS B 91 47.28 12.40 6.41
CA CYS B 91 47.15 11.32 5.42
C CYS B 91 48.30 11.40 4.43
N HIS B 92 48.99 10.27 4.22
CA HIS B 92 50.21 10.16 3.37
C HIS B 92 49.84 9.71 1.96
N ASP B 93 49.10 8.63 1.80
CA ASP B 93 48.83 8.04 0.47
C ASP B 93 47.48 7.34 0.49
N MET B 94 46.86 7.13 -0.67
CA MET B 94 45.49 6.54 -0.76
C MET B 94 45.44 5.51 -1.88
N PHE B 95 44.67 4.43 -1.66
CA PHE B 95 44.61 3.26 -2.56
C PHE B 95 43.16 2.83 -2.73
N ASP B 96 42.77 2.42 -3.93
CA ASP B 96 41.48 1.72 -4.17
C ASP B 96 41.74 0.39 -4.87
N HIS B 97 41.17 -0.67 -4.33
CA HIS B 97 41.03 -1.97 -5.01
C HIS B 97 39.64 -2.48 -4.67
N ASN B 98 38.95 -3.06 -5.64
CA ASN B 98 37.72 -3.89 -5.44
C ASN B 98 36.62 -3.03 -4.82
N GLY B 99 36.64 -1.71 -5.08
CA GLY B 99 35.70 -0.70 -4.56
C GLY B 99 36.04 -0.22 -3.17
N GLU B 100 37.06 -0.79 -2.51
CA GLU B 100 37.48 -0.40 -1.14
C GLU B 100 38.57 0.68 -1.27
N ILE B 101 38.30 1.90 -0.79
CA ILE B 101 39.30 2.97 -0.59
C ILE B 101 40.14 2.59 0.64
N GLN B 102 41.44 2.51 0.46
CA GLN B 102 42.38 2.19 1.56
C GLN B 102 43.31 3.36 1.75
N VAL B 103 43.29 3.93 2.95
CA VAL B 103 43.91 5.25 3.21
C VAL B 103 44.98 5.10 4.29
N LEU B 104 46.15 5.63 3.98
CA LEU B 104 47.39 5.38 4.74
C LEU B 104 47.68 6.63 5.57
N LEU B 105 47.54 6.49 6.88
CA LEU B 105 47.72 7.62 7.83
C LEU B 105 49.04 7.40 8.57
N GLU B 106 49.59 8.50 9.10
CA GLU B 106 50.81 8.45 9.93
C GLU B 106 50.47 7.69 11.22
N PHE B 107 51.48 7.03 11.79
CA PHE B 107 51.29 6.14 12.98
C PHE B 107 51.58 6.95 14.24
N MET B 108 50.73 6.78 15.23
CA MET B 108 50.88 7.52 16.51
C MET B 108 51.17 6.49 17.59
N ASP B 109 52.39 6.53 18.12
CA ASP B 109 53.02 5.48 18.96
C ASP B 109 52.27 5.28 20.26
N GLN B 110 51.97 6.34 21.02
CA GLN B 110 51.45 6.16 22.39
C GLN B 110 49.92 6.07 22.38
N GLY B 111 49.29 5.96 21.22
CA GLY B 111 47.86 5.64 21.19
C GLY B 111 47.04 6.88 21.46
N SER B 112 45.82 6.73 21.98
CA SER B 112 44.94 7.90 22.19
C SER B 112 45.06 8.38 23.63
N LEU B 113 44.55 9.59 23.88
CA LEU B 113 44.50 10.19 25.23
C LEU B 113 43.25 9.71 25.96
N GLU B 114 42.62 8.61 25.55
CA GLU B 114 41.47 8.04 26.32
C GLU B 114 41.98 7.68 27.71
N GLY B 115 41.33 8.15 28.75
CA GLY B 115 41.60 7.72 30.13
C GLY B 115 42.67 8.54 30.79
N ALA B 116 43.28 9.47 30.05
CA ALA B 116 44.47 10.23 30.48
C ALA B 116 44.14 11.19 31.63
N HIS B 117 45.09 11.27 32.57
CA HIS B 117 44.97 12.12 33.78
C HIS B 117 46.17 13.06 33.80
N ILE B 118 45.97 14.18 33.11
CA ILE B 118 46.96 15.29 33.03
C ILE B 118 46.60 16.38 34.04
N TRP B 119 47.04 16.23 35.28
CA TRP B 119 46.63 17.16 36.38
C TRP B 119 47.64 18.31 36.51
N GLN B 120 48.83 18.19 35.92
CA GLN B 120 49.81 19.30 35.94
C GLN B 120 49.34 20.40 34.98
N GLU B 121 49.04 21.61 35.47
CA GLU B 121 48.36 22.62 34.61
C GLU B 121 49.31 23.07 33.50
N GLN B 122 50.62 23.08 33.75
CA GLN B 122 51.60 23.40 32.70
C GLN B 122 51.46 22.37 31.56
N GLU B 123 51.41 21.13 31.87
CA GLU B 123 51.39 20.08 30.82
C GLU B 123 50.03 20.09 30.13
N LEU B 124 48.95 20.25 30.97
CA LEU B 124 47.60 20.35 30.38
C LEU B 124 47.57 21.53 29.40
N ALA B 125 48.19 22.64 29.77
CA ALA B 125 48.21 23.83 28.91
C ALA B 125 48.93 23.52 27.59
N ASP B 126 50.07 22.83 27.67
CA ASP B 126 50.89 22.58 26.45
C ASP B 126 50.10 21.62 25.57
N LEU B 127 49.43 20.66 26.20
CA LEU B 127 48.66 19.64 25.48
C LEU B 127 47.44 20.30 24.85
N SER B 128 46.71 21.07 25.63
CA SER B 128 45.47 21.71 25.15
C SER B 128 45.82 22.68 24.02
N ARG B 129 46.97 23.34 24.12
CA ARG B 129 47.41 24.35 23.12
C ARG B 129 47.50 23.68 21.76
N GLN B 130 48.11 22.49 21.75
CA GLN B 130 48.35 21.72 20.51
C GLN B 130 46.99 21.33 19.93
N ILE B 131 46.08 20.87 20.78
CA ILE B 131 44.76 20.43 20.26
C ILE B 131 44.04 21.68 19.70
N LEU B 132 44.20 22.83 20.34
CA LEU B 132 43.53 24.08 19.94
C LEU B 132 44.19 24.59 18.66
N SER B 133 45.46 24.29 18.46
CA SER B 133 46.11 24.62 17.19
C SER B 133 45.37 23.87 16.09
N GLY B 134 45.05 22.61 16.37
CA GLY B 134 44.49 21.70 15.37
C GLY B 134 43.09 22.12 15.04
N LEU B 135 42.29 22.50 16.04
CA LEU B 135 40.87 22.88 15.80
C LEU B 135 40.85 24.17 15.01
N ALA B 136 41.68 25.14 15.40
CA ALA B 136 41.58 26.48 14.84
C ALA B 136 41.95 26.37 13.37
N TYR B 137 42.83 25.41 13.03
CA TYR B 137 43.19 25.06 11.63
C TYR B 137 41.94 24.54 10.93
N LEU B 138 41.32 23.52 11.50
CA LEU B 138 40.18 22.83 10.88
C LEU B 138 39.03 23.84 10.73
N HIS B 139 38.79 24.68 11.73
CA HIS B 139 37.62 25.59 11.67
C HIS B 139 37.87 26.68 10.64
N ARG B 140 39.10 27.18 10.51
CA ARG B 140 39.28 28.32 9.59
C ARG B 140 39.31 27.76 8.17
N ARG B 141 39.56 26.46 8.02
CA ARG B 141 39.36 25.72 6.75
C ARG B 141 37.93 25.17 6.67
N HIS B 142 37.02 25.71 7.47
CA HIS B 142 35.56 25.40 7.48
C HIS B 142 35.32 23.89 7.65
N ILE B 143 36.05 23.24 8.54
CA ILE B 143 35.86 21.80 8.85
C ILE B 143 35.35 21.71 10.29
N VAL B 144 34.14 21.20 10.47
CA VAL B 144 33.65 20.83 11.82
C VAL B 144 34.01 19.37 12.05
N HIS B 145 34.55 19.01 13.22
CA HIS B 145 34.97 17.60 13.45
C HIS B 145 33.79 16.72 13.92
N ARG B 146 33.05 17.19 14.92
CA ARG B 146 31.80 16.60 15.45
C ARG B 146 32.07 15.31 16.21
N ASP B 147 33.33 14.95 16.47
CA ASP B 147 33.60 13.76 17.32
C ASP B 147 34.89 13.96 18.15
N ILE B 148 35.20 15.20 18.51
CA ILE B 148 36.25 15.51 19.51
C ILE B 148 35.91 14.77 20.81
N LYS B 149 36.79 13.87 21.19
CA LYS B 149 36.72 13.10 22.45
C LYS B 149 38.14 12.63 22.65
N PRO B 150 38.54 12.29 23.88
CA PRO B 150 39.91 11.83 24.12
C PRO B 150 40.35 10.69 23.21
N SER B 151 39.45 9.77 22.89
CA SER B 151 39.71 8.62 21.97
C SER B 151 40.25 9.11 20.62
N ASN B 152 39.77 10.23 20.12
CA ASN B 152 40.15 10.75 18.78
C ASN B 152 41.27 11.79 18.92
N LEU B 153 41.86 11.89 20.12
CA LEU B 153 43.08 12.73 20.33
C LEU B 153 44.29 11.80 20.51
N LEU B 154 45.24 11.80 19.58
CA LEU B 154 46.33 10.79 19.62
C LEU B 154 47.62 11.44 20.08
N ILE B 155 48.51 10.64 20.64
CA ILE B 155 49.80 11.11 21.21
C ILE B 155 50.91 10.19 20.70
N ASN B 156 52.12 10.73 20.59
CA ASN B 156 53.29 10.03 20.03
C ASN B 156 54.45 10.26 21.00
N SER B 157 55.53 9.51 20.81
CA SER B 157 56.71 9.55 21.70
C SER B 157 57.24 10.97 21.73
N ALA B 158 57.16 11.68 20.60
CA ALA B 158 57.53 13.11 20.50
C ALA B 158 56.68 13.94 21.46
N LYS B 159 55.45 13.50 21.79
CA LYS B 159 54.47 14.25 22.62
C LYS B 159 53.66 15.21 21.73
N ASN B 160 53.78 15.10 20.41
CA ASN B 160 52.85 15.79 19.49
C ASN B 160 51.47 15.20 19.76
N VAL B 161 50.42 16.02 19.83
CA VAL B 161 49.02 15.56 19.90
C VAL B 161 48.35 15.88 18.57
N LYS B 162 47.72 14.89 17.94
CA LYS B 162 47.08 15.13 16.63
C LYS B 162 45.62 14.70 16.74
N ILE B 163 44.73 15.48 16.14
CA ILE B 163 43.26 15.19 16.08
C ILE B 163 43.11 14.07 15.04
N ALA B 164 42.19 13.11 15.25
CA ALA B 164 42.13 11.92 14.39
C ALA B 164 40.77 11.76 13.69
N ASP B 165 39.82 10.98 14.19
CA ASP B 165 38.80 10.30 13.32
C ASP B 165 37.92 11.35 12.61
N PHE B 166 37.76 11.22 11.29
CA PHE B 166 36.97 12.19 10.49
C PHE B 166 35.72 11.50 9.91
N GLY B 167 35.25 10.43 10.57
CA GLY B 167 34.12 9.62 10.11
C GLY B 167 32.79 10.38 10.10
N VAL B 168 32.71 11.56 10.72
CA VAL B 168 31.42 12.21 11.06
C VAL B 168 31.60 13.71 10.79
N SER B 169 32.83 14.09 10.54
CA SER B 169 33.20 15.48 10.19
C SER B 169 32.69 15.89 8.79
N ARG B 170 32.49 17.19 8.62
CA ARG B 170 31.80 17.82 7.48
C ARG B 170 32.58 19.07 7.10
N ILE B 171 32.71 19.32 5.81
CA ILE B 171 33.36 20.56 5.32
C ILE B 171 32.19 21.45 4.89
N LEU B 172 32.17 22.70 5.39
CA LEU B 172 31.02 23.64 5.29
C LEU B 172 31.17 24.55 4.06
N ALA B 173 30.05 25.15 3.64
CA ALA B 173 29.99 26.17 2.56
C ALA B 173 30.66 27.47 3.03
N GLN B 174 30.14 28.08 4.10
CA GLN B 174 30.56 29.38 4.67
C GLN B 174 31.00 29.20 6.13
N TPO B 175 31.35 30.31 6.80
CA TPO B 175 31.77 30.33 8.20
CB TPO B 175 32.82 31.45 8.43
CG2 TPO B 175 33.79 31.24 9.58
OG1 TPO B 175 33.64 31.54 7.22
P TPO B 175 33.58 32.88 6.34
O1P TPO B 175 33.31 32.46 4.89
O2P TPO B 175 34.93 33.51 6.58
O3P TPO B 175 32.45 33.71 6.92
C TPO B 175 30.55 30.44 9.12
O TPO B 175 30.68 30.40 10.34
N MET B 176 29.36 30.65 8.54
CA MET B 176 28.08 30.38 9.19
C MET B 176 27.29 29.48 8.23
N ASP B 177 27.22 28.21 8.57
CA ASP B 177 26.44 27.16 7.84
C ASP B 177 26.05 26.12 8.87
N PRO B 178 24.76 26.09 9.25
CA PRO B 178 24.30 25.16 10.26
C PRO B 178 24.39 23.71 9.82
N CYS B 179 24.67 22.85 10.80
CA CYS B 179 24.67 21.38 10.64
C CYS B 179 23.31 20.90 11.14
N ASN B 180 22.78 19.85 10.53
CA ASN B 180 21.49 19.28 10.95
C ASN B 180 21.69 17.85 11.47
N SEP B 181 22.81 17.17 11.17
CA SEP B 181 22.89 15.72 11.42
CB SEP B 181 23.87 15.09 10.45
OG SEP B 181 23.64 15.61 9.13
C SEP B 181 23.23 15.34 12.88
O SEP B 181 24.22 15.76 13.42
P SEP B 181 24.91 16.02 8.24
O1P SEP B 181 24.56 16.03 6.74
O2P SEP B 181 25.92 14.92 8.53
O3P SEP B 181 25.19 17.42 8.81
N SER B 182 22.42 14.50 13.51
CA SER B 182 22.80 13.89 14.78
C SER B 182 23.85 12.81 14.47
N VAL B 183 25.10 13.19 14.57
CA VAL B 183 26.26 12.27 14.49
C VAL B 183 27.22 12.54 15.65
N GLY B 184 28.04 11.54 15.95
CA GLY B 184 29.09 11.57 16.98
C GLY B 184 28.76 10.78 18.25
N THR B 185 29.41 11.13 19.35
CA THR B 185 29.20 10.54 20.69
C THR B 185 28.34 11.45 21.58
N ILE B 186 27.24 10.92 22.07
CA ILE B 186 26.24 11.66 22.87
C ILE B 186 26.95 12.28 24.07
N ALA B 187 27.83 11.54 24.76
CA ALA B 187 28.48 12.02 26.01
C ALA B 187 29.32 13.31 25.79
N TYR B 188 29.88 13.48 24.62
CA TYR B 188 30.68 14.68 24.26
C TYR B 188 29.87 15.67 23.41
N MET B 189 28.58 15.42 23.23
CA MET B 189 27.76 16.41 22.55
C MET B 189 27.39 17.53 23.51
N SER B 190 27.37 18.75 22.92
CA SER B 190 26.83 20.03 23.47
C SER B 190 25.36 19.83 23.68
N PRO B 191 24.73 20.61 24.57
CA PRO B 191 23.31 20.44 24.84
C PRO B 191 22.48 20.54 23.57
N GLU B 192 22.84 21.46 22.67
CA GLU B 192 22.00 21.79 21.49
C GLU B 192 22.10 20.67 20.44
N ARG B 193 23.12 19.84 20.53
CA ARG B 193 23.24 18.70 19.59
C ARG B 193 22.42 17.53 20.10
N ILE B 194 22.10 17.54 21.39
CA ILE B 194 21.28 16.50 22.04
C ILE B 194 19.83 16.96 22.00
N ASN B 195 19.56 18.17 22.49
CA ASN B 195 18.19 18.75 22.59
C ASN B 195 17.88 19.55 21.32
N THR B 196 17.42 18.85 20.28
CA THR B 196 17.27 19.40 18.91
C THR B 196 15.96 20.19 18.77
N ASP B 197 15.26 20.46 19.86
CA ASP B 197 13.97 21.19 19.84
C ASP B 197 14.21 22.67 19.58
N LEU B 198 15.11 23.32 20.30
CA LEU B 198 15.03 24.79 20.43
C LEU B 198 15.49 25.45 19.12
N ASN B 199 16.38 24.83 18.35
CA ASN B 199 16.84 25.46 17.08
C ASN B 199 16.43 24.58 15.90
N HIS B 200 15.35 23.83 16.04
CA HIS B 200 14.69 23.11 14.92
C HIS B 200 15.72 22.17 14.26
N GLY B 201 16.56 21.51 15.08
CA GLY B 201 17.49 20.46 14.64
C GLY B 201 18.86 21.00 14.34
N ARG B 202 18.96 22.30 14.07
CA ARG B 202 20.22 22.89 13.55
C ARG B 202 21.10 23.33 14.72
N TYR B 203 22.41 23.31 14.48
CA TYR B 203 23.37 23.72 15.53
C TYR B 203 24.63 24.33 14.91
N ASP B 204 25.27 25.20 15.68
CA ASP B 204 26.61 25.69 15.34
C ASP B 204 27.58 24.53 15.56
N GLY B 205 28.10 23.95 14.47
CA GLY B 205 29.08 22.87 14.55
C GLY B 205 30.37 23.28 15.26
N TYR B 206 30.80 24.49 14.97
CA TYR B 206 32.03 25.13 15.51
C TYR B 206 31.94 25.15 17.03
N ALA B 207 30.83 25.67 17.58
CA ALA B 207 30.57 25.76 19.04
C ALA B 207 30.44 24.36 19.60
N GLY B 208 29.96 23.42 18.80
CA GLY B 208 29.80 22.03 19.22
C GLY B 208 31.14 21.44 19.55
N ASP B 209 32.12 21.69 18.69
CA ASP B 209 33.52 21.16 18.80
C ASP B 209 34.13 21.72 20.07
N VAL B 210 33.99 23.01 20.29
CA VAL B 210 34.58 23.74 21.45
C VAL B 210 33.94 23.23 22.74
N TRP B 211 32.69 22.79 22.72
CA TRP B 211 32.09 22.12 23.91
C TRP B 211 32.83 20.82 24.13
N SER B 212 33.03 20.06 23.06
CA SER B 212 33.60 18.70 23.18
C SER B 212 35.05 18.79 23.68
N LEU B 213 35.77 19.80 23.24
CA LEU B 213 37.16 20.05 23.69
C LEU B 213 37.14 20.43 25.17
N GLY B 214 36.13 21.15 25.61
CA GLY B 214 36.05 21.56 27.01
C GLY B 214 35.79 20.39 27.91
N VAL B 215 34.95 19.49 27.45
CA VAL B 215 34.65 18.28 28.24
C VAL B 215 35.86 17.37 28.22
N SER B 216 36.53 17.24 27.07
CA SER B 216 37.80 16.50 26.97
C SER B 216 38.86 17.10 27.91
N ILE B 217 38.99 18.43 27.97
CA ILE B 217 40.11 19.03 28.74
C ILE B 217 39.74 18.93 30.22
N LEU B 218 38.47 19.02 30.60
CA LEU B 218 38.16 18.91 32.06
C LEU B 218 38.30 17.44 32.48
N GLU B 219 38.05 16.50 31.55
CA GLU B 219 38.20 15.04 31.84
C GLU B 219 39.69 14.73 32.05
N PHE B 220 40.57 15.40 31.32
CA PHE B 220 42.02 15.27 31.55
C PHE B 220 42.40 15.78 32.95
N TYR B 221 41.83 16.93 33.35
CA TYR B 221 42.20 17.58 34.63
C TYR B 221 41.72 16.69 35.76
N LEU B 222 40.55 16.09 35.62
CA LEU B 222 39.96 15.33 36.75
C LEU B 222 40.32 13.86 36.70
N GLY B 223 40.49 13.26 35.52
CA GLY B 223 40.67 11.81 35.36
C GLY B 223 39.34 11.07 35.42
N ARG B 224 38.22 11.78 35.23
CA ARG B 224 36.89 11.16 35.19
C ARG B 224 36.03 11.92 34.17
N PHE B 225 35.01 11.28 33.59
CA PHE B 225 33.99 11.98 32.77
C PHE B 225 33.39 13.07 33.66
N PRO B 226 33.37 14.37 33.27
CA PRO B 226 33.02 15.42 34.21
C PRO B 226 31.55 15.46 34.59
N PHE B 227 30.71 14.64 33.96
CA PHE B 227 29.28 14.52 34.34
C PHE B 227 29.08 13.37 35.31
N ALA B 228 27.96 13.35 36.04
CA ALA B 228 27.65 12.36 37.10
C ALA B 228 27.02 11.08 36.55
N VAL B 229 26.88 10.92 35.26
CA VAL B 229 26.42 9.63 34.66
C VAL B 229 27.60 8.94 33.98
N SER B 230 27.48 7.65 33.64
CA SER B 230 28.51 6.96 32.81
C SER B 230 28.33 7.40 31.36
N ARG B 231 29.43 7.58 30.63
CA ARG B 231 29.44 7.82 29.17
C ARG B 231 28.61 6.76 28.41
N GLN B 232 28.43 5.58 28.98
CA GLN B 232 27.80 4.39 28.32
C GLN B 232 26.30 4.34 28.66
N GLY B 233 25.82 5.28 29.47
CA GLY B 233 24.42 5.36 29.96
C GLY B 233 23.41 5.54 28.83
N ASP B 234 22.16 5.14 29.06
CA ASP B 234 21.07 5.32 28.06
C ASP B 234 20.71 6.80 28.02
N TRP B 235 20.10 7.21 26.91
CA TRP B 235 19.99 8.62 26.44
C TRP B 235 19.43 9.56 27.49
N ALA B 236 18.36 9.16 28.18
CA ALA B 236 17.65 10.05 29.11
C ALA B 236 18.64 10.50 30.18
N SER B 237 19.50 9.59 30.63
CA SER B 237 20.39 9.88 31.79
C SER B 237 21.47 10.85 31.32
N LEU B 238 21.96 10.63 30.09
CA LEU B 238 22.98 11.51 29.47
C LEU B 238 22.34 12.86 29.13
N MET B 239 21.09 12.86 28.65
CA MET B 239 20.41 14.13 28.23
C MET B 239 20.18 14.99 29.49
N CYS B 240 19.70 14.43 30.57
CA CYS B 240 19.47 15.16 31.84
C CYS B 240 20.80 15.72 32.38
N ALA B 241 21.88 14.96 32.31
CA ALA B 241 23.17 15.33 32.94
C ALA B 241 23.83 16.49 32.18
N ILE B 242 23.64 16.52 30.86
CA ILE B 242 24.21 17.50 29.90
C ILE B 242 23.24 18.67 29.64
N CYS B 243 21.98 18.41 29.28
CA CYS B 243 21.01 19.42 28.78
C CYS B 243 20.28 20.12 29.92
N MET B 244 20.09 19.44 31.04
CA MET B 244 19.15 19.91 32.08
C MET B 244 19.90 20.28 33.37
N SER B 245 21.22 20.21 33.44
CA SER B 245 21.97 20.65 34.65
C SER B 245 22.79 21.87 34.21
N GLN B 246 23.47 22.57 35.11
CA GLN B 246 24.37 23.65 34.66
C GLN B 246 25.55 22.95 34.02
N PRO B 247 26.31 23.59 33.11
CA PRO B 247 27.54 23.00 32.59
C PRO B 247 28.58 22.74 33.69
N PRO B 248 29.42 21.69 33.55
CA PRO B 248 30.37 21.36 34.62
C PRO B 248 31.44 22.44 34.77
N GLU B 249 31.97 22.57 35.97
CA GLU B 249 33.01 23.60 36.28
C GLU B 249 34.33 22.98 36.73
N ALA B 250 35.42 23.67 36.52
CA ALA B 250 36.71 23.21 37.06
C ALA B 250 36.63 23.35 38.60
N PRO B 251 37.28 22.47 39.37
CA PRO B 251 37.17 22.55 40.82
C PRO B 251 37.87 23.81 41.31
N ALA B 252 37.45 24.29 42.50
CA ALA B 252 37.82 25.61 43.06
C ALA B 252 39.32 25.58 43.35
N THR B 253 39.85 24.38 43.53
CA THR B 253 41.28 24.12 43.78
C THR B 253 42.08 24.45 42.52
N ALA B 254 41.47 24.37 41.35
CA ALA B 254 42.23 24.69 40.14
C ALA B 254 42.46 26.19 40.13
N SER B 255 43.36 26.60 39.28
CA SER B 255 43.78 28.00 39.19
C SER B 255 42.65 28.78 38.56
N GLN B 256 42.70 30.10 38.71
CA GLN B 256 41.72 31.03 38.08
C GLN B 256 41.80 30.88 36.56
N GLU B 257 42.97 30.67 35.99
CA GLU B 257 43.15 30.69 34.53
C GLU B 257 42.42 29.46 33.97
N PHE B 258 42.60 28.32 34.62
CA PHE B 258 42.01 27.04 34.16
C PHE B 258 40.50 27.07 34.42
N ARG B 259 40.08 27.63 35.55
CA ARG B 259 38.65 27.70 35.95
C ARG B 259 37.90 28.54 34.92
N HIS B 260 38.50 29.64 34.52
CA HIS B 260 37.92 30.57 33.52
C HIS B 260 37.90 29.83 32.19
N PHE B 261 38.95 29.10 31.86
CA PHE B 261 39.10 28.52 30.50
C PHE B 261 38.02 27.47 30.29
N VAL B 262 37.65 26.64 31.27
CA VAL B 262 36.64 25.60 30.96
C VAL B 262 35.30 26.32 30.79
N SER B 263 35.09 27.44 31.49
CA SER B 263 33.81 28.20 31.36
C SER B 263 33.78 28.96 30.03
N CYS B 264 34.93 29.31 29.46
CA CYS B 264 34.94 29.93 28.10
C CYS B 264 34.61 28.89 27.02
N CYS B 265 34.59 27.60 27.34
CA CYS B 265 34.21 26.53 26.39
C CYS B 265 32.84 25.99 26.75
N LEU B 266 32.53 25.85 28.03
CA LEU B 266 31.29 25.15 28.42
C LEU B 266 30.25 26.21 28.77
N GLN B 267 29.84 26.93 27.75
CA GLN B 267 28.70 27.84 27.88
C GLN B 267 27.52 27.01 27.46
N SER B 268 26.39 27.14 28.17
CA SER B 268 25.10 26.57 27.73
C SER B 268 24.83 27.18 26.36
N ASP B 269 24.94 28.49 26.29
CA ASP B 269 24.51 29.26 25.10
C ASP B 269 25.64 29.25 24.07
N PRO B 270 25.46 28.63 22.89
CA PRO B 270 26.55 28.44 21.95
C PRO B 270 27.30 29.68 21.53
N PRO B 271 26.68 30.85 21.23
CA PRO B 271 27.49 32.02 20.86
C PRO B 271 28.41 32.55 21.98
N LYS B 272 28.06 32.30 23.22
CA LYS B 272 28.90 32.76 24.35
C LYS B 272 30.18 31.91 24.46
N ARG B 273 30.23 30.70 23.93
CA ARG B 273 31.49 29.91 23.90
C ARG B 273 32.47 30.63 23.00
N TRP B 274 33.70 30.73 23.47
CA TRP B 274 34.77 31.33 22.66
C TRP B 274 35.10 30.41 21.49
N SER B 275 35.79 30.96 20.51
CA SER B 275 36.22 30.23 19.31
C SER B 275 37.49 29.46 19.66
N ALA B 276 37.97 28.63 18.74
CA ALA B 276 39.26 27.95 18.92
C ALA B 276 40.38 29.01 18.91
N GLN B 277 40.31 30.00 18.01
CA GLN B 277 41.35 31.05 17.88
C GLN B 277 41.37 31.86 19.15
N GLN B 278 40.21 32.25 19.67
CA GLN B 278 40.12 33.10 20.88
C GLN B 278 40.74 32.37 22.08
N LEU B 279 40.54 31.06 22.19
CA LEU B 279 41.11 30.28 23.32
C LEU B 279 42.63 30.13 23.20
N LEU B 280 43.20 30.26 22.00
CA LEU B 280 44.68 30.19 21.85
C LEU B 280 45.32 31.41 22.51
N GLN B 281 44.56 32.48 22.73
CA GLN B 281 45.10 33.69 23.39
C GLN B 281 44.63 33.77 24.83
N HIS B 282 43.94 32.74 25.32
CA HIS B 282 43.48 32.74 26.72
C HIS B 282 44.67 32.53 27.66
N PRO B 283 44.71 33.20 28.83
CA PRO B 283 45.77 33.04 29.82
C PRO B 283 46.19 31.64 30.24
N PHE B 284 45.32 30.66 30.13
CA PHE B 284 45.66 29.26 30.48
C PHE B 284 46.58 28.65 29.40
N ILE B 285 46.39 29.01 28.15
CA ILE B 285 47.10 28.36 27.03
C ILE B 285 48.42 29.08 26.83
N LEU B 286 48.53 30.30 27.32
CA LEU B 286 49.80 31.06 27.23
C LEU B 286 50.72 30.55 28.32
N LYS B 287 50.17 29.84 29.28
CA LYS B 287 50.94 29.21 30.38
C LYS B 287 51.92 28.16 29.82
N ALA B 288 51.56 27.44 28.77
CA ALA B 288 52.49 26.53 28.04
C ALA B 288 53.91 27.09 28.04
N ALA C 24 10.95 13.74 49.00
CA ALA C 24 11.51 12.36 48.93
C ALA C 24 12.99 12.38 48.54
N LYS C 25 13.63 11.21 48.61
CA LYS C 25 15.10 11.10 48.53
C LYS C 25 15.48 10.15 47.39
N SEP C 26 14.90 8.94 47.39
CA SEP C 26 15.20 7.90 46.42
CB SEP C 26 16.15 6.92 47.01
OG SEP C 26 16.58 6.00 45.99
C SEP C 26 13.93 7.16 45.97
O SEP C 26 12.90 7.30 46.63
P SEP C 26 17.79 5.06 46.37
O1P SEP C 26 17.72 3.94 45.34
O2P SEP C 26 17.51 4.65 47.81
O3P SEP C 26 19.02 5.97 46.27
N LEU C 27 14.00 6.38 44.88
CA LEU C 27 12.82 5.70 44.35
C LEU C 27 12.39 4.54 45.26
N SER C 28 13.31 3.97 46.02
CA SER C 28 13.01 2.85 46.95
C SER C 28 12.10 3.35 48.09
N GLU C 29 12.12 4.65 48.36
CA GLU C 29 11.30 5.29 49.42
C GLU C 29 9.82 5.30 48.99
N LEU C 30 9.51 5.18 47.69
CA LEU C 30 8.18 5.55 47.10
C LEU C 30 7.39 4.31 46.70
N GLU C 31 6.27 4.06 47.38
CA GLU C 31 5.39 2.90 47.15
C GLU C 31 4.21 3.33 46.26
N ARG C 32 4.00 2.66 45.15
CA ARG C 32 2.89 2.97 44.23
C ARG C 32 1.58 2.41 44.78
N VAL C 33 0.54 3.20 44.66
CA VAL C 33 -0.78 2.90 45.25
C VAL C 33 -1.80 2.75 44.15
N ASN C 34 -1.99 3.76 43.30
CA ASN C 34 -3.01 3.70 42.22
C ASN C 34 -2.53 4.50 41.01
N ARG C 35 -3.38 4.66 40.01
CA ARG C 35 -3.06 5.42 38.78
C ARG C 35 -3.95 6.66 38.77
N ILE C 36 -3.34 7.84 38.64
CA ILE C 36 -4.07 9.16 38.65
C ILE C 36 -4.59 9.41 37.23
N GLY C 37 -3.70 9.35 36.26
CA GLY C 37 -4.02 9.66 34.86
C GLY C 37 -2.92 9.14 33.95
N SER C 38 -3.17 9.13 32.64
CA SER C 38 -2.28 8.53 31.64
C SER C 38 -2.35 9.38 30.39
N GLY C 39 -1.39 9.22 29.48
CA GLY C 39 -1.38 9.85 28.16
C GLY C 39 -0.33 10.93 28.07
N ALA C 40 -0.14 11.47 26.86
CA ALA C 40 0.91 12.47 26.55
C ALA C 40 2.27 11.87 26.92
N GLY C 41 3.01 12.48 27.86
CA GLY C 41 4.37 12.05 28.22
C GLY C 41 4.42 10.62 28.76
N GLY C 42 3.43 10.22 29.55
CA GLY C 42 3.33 8.87 30.12
C GLY C 42 2.23 8.80 31.17
N TPO C 43 2.42 8.02 32.23
CA TPO C 43 1.38 7.81 33.22
CB TPO C 43 1.09 6.32 33.39
CG2 TPO C 43 0.23 5.91 34.58
OG1 TPO C 43 0.37 5.93 32.19
P TPO C 43 0.84 4.55 31.55
O1P TPO C 43 2.33 4.36 31.85
O2P TPO C 43 0.55 4.79 30.09
O3P TPO C 43 -0.05 3.51 32.28
C TPO C 43 1.80 8.45 34.54
O TPO C 43 2.97 8.36 34.91
N VAL C 44 0.84 9.06 35.22
CA VAL C 44 1.07 9.51 36.58
C VAL C 44 0.49 8.51 37.59
N TYR C 45 1.31 8.00 38.53
CA TYR C 45 0.87 7.14 39.66
C TYR C 45 0.86 7.94 40.95
N LYS C 46 -0.13 7.70 41.80
CA LYS C 46 -0.07 8.13 43.20
C LYS C 46 0.96 7.28 43.94
N VAL C 47 2.03 7.91 44.40
CA VAL C 47 3.01 7.21 45.26
C VAL C 47 2.89 7.74 46.69
N ILE C 48 3.28 6.91 47.63
CA ILE C 48 3.41 7.27 49.07
C ILE C 48 4.88 7.17 49.41
N HIS C 49 5.43 8.23 49.99
CA HIS C 49 6.81 8.25 50.53
C HIS C 49 6.74 7.59 51.91
N THR C 50 7.27 6.38 52.03
CA THR C 50 7.00 5.47 53.17
C THR C 50 7.67 5.93 54.48
N PRO C 51 8.85 6.60 54.54
CA PRO C 51 9.27 7.18 55.83
C PRO C 51 8.32 8.20 56.46
N THR C 52 7.81 9.15 55.68
CA THR C 52 7.00 10.28 56.21
C THR C 52 5.50 10.00 56.02
N SER C 53 5.14 8.93 55.30
CA SER C 53 3.76 8.45 55.06
C SER C 53 2.96 9.47 54.22
N ARG C 54 3.67 10.38 53.50
CA ARG C 54 3.09 11.53 52.75
C ARG C 54 2.69 11.11 51.34
N PRO C 55 1.65 11.74 50.75
CA PRO C 55 1.31 11.52 49.35
C PRO C 55 2.11 12.34 48.33
N PHE C 56 2.30 11.76 47.15
CA PHE C 56 2.96 12.36 45.97
C PHE C 56 2.29 11.87 44.66
N ALA C 57 2.55 12.60 43.57
CA ALA C 57 2.37 12.09 42.22
C ALA C 57 3.74 11.74 41.66
N LEU C 58 3.81 10.68 40.86
CA LEU C 58 5.04 10.21 40.21
C LEU C 58 4.66 9.96 38.77
N LYS C 59 5.36 10.58 37.85
CA LYS C 59 5.01 10.51 36.42
C LYS C 59 6.18 9.83 35.71
N VAL C 60 5.91 8.73 35.03
CA VAL C 60 6.98 7.98 34.31
C VAL C 60 7.02 8.51 32.89
N ILE C 61 8.20 8.92 32.44
CA ILE C 61 8.35 9.56 31.09
C ILE C 61 8.78 8.46 30.13
N TYR C 62 7.92 8.24 29.11
CA TYR C 62 7.93 7.14 28.11
C TYR C 62 9.31 7.14 27.43
N GLY C 63 10.09 6.07 27.64
CA GLY C 63 11.38 5.85 26.98
C GLY C 63 11.21 5.25 25.59
N ASN C 64 11.46 6.03 24.53
CA ASN C 64 11.26 5.60 23.12
C ASN C 64 12.44 6.13 22.28
N HIS C 65 12.68 5.55 21.11
CA HIS C 65 13.87 5.76 20.23
C HIS C 65 13.69 6.97 19.30
N GLU C 66 12.45 7.40 19.05
CA GLU C 66 12.09 8.35 17.95
C GLU C 66 12.48 9.78 18.34
N ASP C 67 12.89 10.58 17.36
CA ASP C 67 13.38 11.98 17.54
C ASP C 67 12.26 12.90 18.04
N TPO C 68 10.98 12.57 17.78
CA TPO C 68 9.90 13.51 18.11
CB TPO C 68 8.75 13.51 17.08
CG2 TPO C 68 7.76 14.64 17.27
OG1 TPO C 68 9.31 13.73 15.76
P TPO C 68 8.55 12.98 14.58
O1P TPO C 68 9.61 12.65 13.57
O2P TPO C 68 7.49 13.96 14.06
O3P TPO C 68 7.93 11.74 15.23
C TPO C 68 9.38 13.23 19.52
O TPO C 68 8.92 14.14 20.22
N VAL C 69 9.49 11.98 19.98
CA VAL C 69 9.11 11.70 21.35
C VAL C 69 10.29 12.14 22.24
N ARG C 70 11.53 12.01 21.74
CA ARG C 70 12.72 12.47 22.49
C ARG C 70 12.67 13.99 22.62
N ARG C 71 12.14 14.67 21.60
CA ARG C 71 11.95 16.14 21.69
C ARG C 71 11.01 16.45 22.85
N GLN C 72 9.90 15.73 22.93
CA GLN C 72 8.86 16.11 23.90
C GLN C 72 9.41 15.75 25.28
N ILE C 73 10.25 14.73 25.37
CA ILE C 73 10.83 14.40 26.70
C ILE C 73 11.56 15.66 27.15
N CYS C 74 12.42 16.19 26.29
CA CYS C 74 13.25 17.37 26.62
C CYS C 74 12.33 18.55 26.98
N ARG C 75 11.33 18.80 26.16
CA ARG C 75 10.45 19.99 26.34
C ARG C 75 9.78 19.88 27.71
N GLU C 76 9.21 18.74 28.04
CA GLU C 76 8.39 18.63 29.25
C GLU C 76 9.32 18.64 30.46
N ILE C 77 10.44 17.94 30.35
CA ILE C 77 11.41 17.85 31.47
C ILE C 77 11.90 19.28 31.73
N GLU C 78 11.99 20.10 30.67
CA GLU C 78 12.52 21.48 30.80
C GLU C 78 11.51 22.29 31.55
N ILE C 79 10.25 22.12 31.22
CA ILE C 79 9.15 22.90 31.83
C ILE C 79 9.05 22.54 33.30
N LEU C 80 9.01 21.24 33.64
CA LEU C 80 8.63 20.76 34.98
C LEU C 80 9.71 21.15 35.97
N ARG C 81 10.96 21.16 35.49
CA ARG C 81 12.13 21.50 36.33
C ARG C 81 12.11 23.00 36.62
N SER C 82 11.52 23.80 35.72
CA SER C 82 11.55 25.28 35.75
C SER C 82 10.36 25.91 36.49
N VAL C 83 9.14 25.39 36.41
CA VAL C 83 7.94 26.14 36.88
C VAL C 83 7.91 26.19 38.42
N ASP C 84 7.81 27.40 38.97
CA ASP C 84 7.55 27.67 40.42
C ASP C 84 6.50 28.78 40.51
N HIS C 85 5.26 28.39 40.74
CA HIS C 85 4.10 29.30 40.84
C HIS C 85 2.99 28.57 41.57
N PRO C 86 2.22 29.21 42.47
CA PRO C 86 1.28 28.44 43.29
C PRO C 86 0.02 27.93 42.59
N ASN C 87 -0.13 28.14 41.30
CA ASN C 87 -1.28 27.68 40.52
C ASN C 87 -0.80 26.82 39.34
N VAL C 88 0.45 26.38 39.39
CA VAL C 88 1.02 25.35 38.47
C VAL C 88 1.64 24.27 39.34
N VAL C 89 1.44 23.02 38.97
CA VAL C 89 1.88 21.84 39.75
C VAL C 89 3.39 21.84 39.73
N LYS C 90 3.99 21.94 40.92
CA LYS C 90 5.46 22.04 41.03
C LYS C 90 6.03 20.63 41.13
N CYS C 91 7.08 20.37 40.38
CA CYS C 91 7.94 19.18 40.53
C CYS C 91 8.83 19.34 41.76
N HIS C 92 8.85 18.37 42.66
CA HIS C 92 9.76 18.32 43.84
C HIS C 92 11.08 17.66 43.48
N ASP C 93 11.08 16.62 42.66
CA ASP C 93 12.29 15.78 42.47
C ASP C 93 12.25 15.06 41.12
N MET C 94 13.38 14.63 40.58
CA MET C 94 13.38 13.86 39.30
C MET C 94 14.37 12.71 39.37
N PHE C 95 14.06 11.57 38.75
CA PHE C 95 14.74 10.29 39.07
C PHE C 95 15.17 9.59 37.78
N ASP C 96 16.41 9.09 37.78
CA ASP C 96 17.11 8.55 36.58
C ASP C 96 16.96 7.04 36.51
N HIS C 97 16.66 6.39 37.63
CA HIS C 97 16.75 4.91 37.73
C HIS C 97 15.78 4.25 36.73
N ASN C 98 16.09 3.04 36.28
CA ASN C 98 15.20 2.24 35.38
C ASN C 98 15.39 2.72 33.94
N GLY C 99 16.42 3.53 33.66
CA GLY C 99 16.65 4.05 32.30
C GLY C 99 15.55 5.00 31.81
N GLU C 100 14.54 5.29 32.63
CA GLU C 100 13.36 6.12 32.26
C GLU C 100 13.27 7.27 33.27
N ILE C 101 12.64 8.38 32.92
CA ILE C 101 12.67 9.53 33.86
C ILE C 101 11.37 9.50 34.67
N GLN C 102 11.50 9.51 35.98
CA GLN C 102 10.31 9.47 36.87
C GLN C 102 10.30 10.77 37.66
N VAL C 103 9.33 11.63 37.41
CA VAL C 103 9.34 13.00 37.98
C VAL C 103 8.36 12.98 39.13
N LEU C 104 8.73 13.64 40.22
CA LEU C 104 7.90 13.61 41.45
C LEU C 104 7.16 14.93 41.55
N LEU C 105 5.84 14.85 41.57
CA LEU C 105 4.93 16.01 41.53
C LEU C 105 4.15 16.07 42.84
N GLU C 106 3.59 17.23 43.13
CA GLU C 106 2.76 17.39 44.34
C GLU C 106 1.46 16.67 44.04
N PHE C 107 0.94 16.01 45.05
CA PHE C 107 -0.36 15.33 44.92
C PHE C 107 -1.46 16.31 45.26
N MET C 108 -2.45 16.46 44.38
CA MET C 108 -3.68 17.24 44.67
C MET C 108 -4.80 16.33 45.14
N ASP C 109 -5.36 16.58 46.33
CA ASP C 109 -6.26 15.63 47.06
C ASP C 109 -7.61 15.46 46.38
N GLN C 110 -8.21 16.53 45.88
CA GLN C 110 -9.58 16.52 45.32
C GLN C 110 -9.58 16.29 43.80
N GLY C 111 -8.45 15.90 43.22
CA GLY C 111 -8.37 15.58 41.78
C GLY C 111 -8.65 16.78 40.87
N SER C 112 -9.40 16.60 39.79
CA SER C 112 -9.59 17.66 38.77
C SER C 112 -11.01 18.21 38.85
N LEU C 113 -11.22 19.36 38.23
CA LEU C 113 -12.51 20.06 38.13
C LEU C 113 -13.30 19.49 36.95
N GLU C 114 -13.07 18.23 36.56
CA GLU C 114 -13.78 17.60 35.41
C GLU C 114 -15.27 17.55 35.75
N GLY C 115 -16.10 18.16 34.90
CA GLY C 115 -17.57 18.22 35.06
C GLY C 115 -18.04 18.81 36.38
N ALA C 116 -17.22 19.64 37.02
CA ALA C 116 -17.64 20.53 38.13
C ALA C 116 -18.71 21.51 37.62
N HIS C 117 -19.74 21.77 38.41
CA HIS C 117 -20.74 22.80 38.05
C HIS C 117 -20.58 23.93 39.05
N ILE C 118 -19.90 24.99 38.64
CA ILE C 118 -19.67 26.19 39.49
C ILE C 118 -20.60 27.30 39.03
N TRP C 119 -21.85 27.28 39.44
CA TRP C 119 -22.83 28.28 38.93
C TRP C 119 -22.78 29.59 39.76
N GLN C 120 -22.18 29.61 40.94
CA GLN C 120 -22.06 30.84 41.74
C GLN C 120 -20.90 31.66 41.18
N GLU C 121 -21.18 32.82 40.60
CA GLU C 121 -20.14 33.58 39.89
C GLU C 121 -18.99 33.98 40.83
N GLN C 122 -19.29 34.36 42.07
CA GLN C 122 -18.22 34.64 43.04
C GLN C 122 -17.32 33.42 43.10
N GLU C 123 -17.92 32.25 43.29
CA GLU C 123 -17.10 31.01 43.42
C GLU C 123 -16.30 30.80 42.13
N LEU C 124 -16.93 31.04 40.97
CA LEU C 124 -16.29 30.86 39.64
C LEU C 124 -15.17 31.90 39.45
N ALA C 125 -15.29 33.11 39.97
CA ALA C 125 -14.23 34.15 39.80
C ALA C 125 -13.01 33.84 40.67
N ASP C 126 -13.18 33.32 41.89
CA ASP C 126 -12.01 32.90 42.72
C ASP C 126 -11.28 31.75 42.01
N LEU C 127 -12.03 30.85 41.38
CA LEU C 127 -11.44 29.70 40.67
C LEU C 127 -10.75 30.20 39.40
N SER C 128 -11.40 31.08 38.66
CA SER C 128 -10.88 31.58 37.36
C SER C 128 -9.62 32.43 37.59
N ARG C 129 -9.61 33.23 38.66
CA ARG C 129 -8.41 34.01 39.00
C ARG C 129 -7.24 33.05 39.19
N GLN C 130 -7.42 32.02 40.02
CA GLN C 130 -6.32 31.07 40.33
C GLN C 130 -5.83 30.45 39.02
N ILE C 131 -6.76 30.01 38.15
CA ILE C 131 -6.37 29.40 36.86
C ILE C 131 -5.72 30.49 36.01
N LEU C 132 -6.19 31.74 36.05
CA LEU C 132 -5.58 32.80 35.20
C LEU C 132 -4.14 33.13 35.64
N SER C 133 -3.86 33.24 36.95
CA SER C 133 -2.50 33.54 37.46
C SER C 133 -1.53 32.46 37.02
N GLY C 134 -1.95 31.20 37.02
CA GLY C 134 -1.09 30.10 36.55
C GLY C 134 -0.76 30.31 35.08
N LEU C 135 -1.76 30.58 34.26
CA LEU C 135 -1.59 30.65 32.80
C LEU C 135 -0.84 31.94 32.43
N ALA C 136 -1.00 33.02 33.20
CA ALA C 136 -0.32 34.30 32.91
C ALA C 136 1.18 34.12 33.15
N TYR C 137 1.51 33.34 34.20
CA TYR C 137 2.88 32.91 34.59
C TYR C 137 3.48 32.14 33.41
N LEU C 138 2.81 31.10 32.93
CA LEU C 138 3.33 30.22 31.85
C LEU C 138 3.49 31.07 30.59
N HIS C 139 2.63 32.03 30.37
CA HIS C 139 2.65 32.76 29.10
C HIS C 139 3.81 33.75 29.14
N ARG C 140 4.12 34.32 30.30
CA ARG C 140 5.28 35.23 30.45
C ARG C 140 6.57 34.46 30.17
N ARG C 141 6.67 33.23 30.69
CA ARG C 141 7.87 32.40 30.50
C ARG C 141 7.84 31.79 29.10
N HIS C 142 6.98 32.29 28.22
CA HIS C 142 6.84 31.82 26.81
C HIS C 142 6.59 30.31 26.74
N ILE C 143 5.97 29.70 27.75
CA ILE C 143 5.42 28.31 27.70
C ILE C 143 3.97 28.32 27.22
N VAL C 144 3.64 27.64 26.12
CA VAL C 144 2.22 27.43 25.76
C VAL C 144 1.78 26.07 26.30
N HIS C 145 0.61 25.98 26.90
CA HIS C 145 0.15 24.70 27.51
C HIS C 145 -0.42 23.77 26.44
N ARG C 146 -1.33 24.27 25.61
CA ARG C 146 -1.96 23.57 24.46
C ARG C 146 -2.84 22.39 24.91
N ASP C 147 -3.18 22.27 26.19
CA ASP C 147 -4.17 21.26 26.65
C ASP C 147 -4.90 21.77 27.88
N ILE C 148 -5.27 23.05 27.89
CA ILE C 148 -6.08 23.62 29.01
C ILE C 148 -7.47 23.01 28.85
N LYS C 149 -7.99 22.38 29.88
CA LYS C 149 -9.26 21.60 29.86
C LYS C 149 -9.45 21.12 31.29
N PRO C 150 -10.71 21.07 31.80
CA PRO C 150 -10.93 20.92 33.23
C PRO C 150 -10.32 19.70 33.89
N SER C 151 -10.13 18.61 33.13
CA SER C 151 -9.44 17.39 33.60
C SER C 151 -7.96 17.69 33.91
N ASN C 152 -7.39 18.82 33.46
CA ASN C 152 -5.99 19.18 33.80
C ASN C 152 -5.98 20.33 34.79
N LEU C 153 -7.13 20.65 35.37
CA LEU C 153 -7.13 21.75 36.35
C LEU C 153 -7.37 21.13 37.70
N LEU C 154 -6.30 20.91 38.44
CA LEU C 154 -6.37 20.07 39.66
C LEU C 154 -6.61 20.96 40.89
N ILE C 155 -7.37 20.43 41.85
CA ILE C 155 -7.76 21.16 43.08
C ILE C 155 -7.50 20.25 44.28
N ASN C 156 -7.08 20.84 45.40
CA ASN C 156 -6.66 20.07 46.60
C ASN C 156 -7.58 20.44 47.75
N SER C 157 -7.25 19.90 48.92
CA SER C 157 -8.06 20.04 50.15
C SER C 157 -8.31 21.53 50.41
N ALA C 158 -7.28 22.35 50.22
CA ALA C 158 -7.25 23.81 50.51
C ALA C 158 -8.03 24.61 49.46
N LYS C 159 -8.66 23.96 48.49
CA LYS C 159 -9.52 24.63 47.49
C LYS C 159 -8.68 25.57 46.62
N ASN C 160 -7.40 25.27 46.35
CA ASN C 160 -6.65 26.09 45.36
C ASN C 160 -6.32 25.23 44.13
N VAL C 161 -6.21 25.87 42.97
CA VAL C 161 -6.25 25.21 41.64
C VAL C 161 -4.87 25.32 41.00
N LYS C 162 -4.37 24.24 40.46
CA LYS C 162 -3.05 24.20 39.82
C LYS C 162 -3.22 23.59 38.43
N ILE C 163 -2.59 24.19 37.42
CA ILE C 163 -2.53 23.73 36.01
C ILE C 163 -1.56 22.53 35.94
N ALA C 164 -1.89 21.48 35.19
CA ALA C 164 -1.30 20.16 35.47
C ALA C 164 -0.56 19.50 34.29
N ASP C 165 -1.15 19.28 33.12
CA ASP C 165 -0.52 18.25 32.23
C ASP C 165 0.42 18.96 31.25
N PHE C 166 1.70 18.61 31.22
CA PHE C 166 2.64 19.37 30.35
C PHE C 166 3.13 18.56 29.13
N GLY C 167 2.41 17.52 28.71
CA GLY C 167 3.00 16.56 27.75
C GLY C 167 2.87 16.98 26.29
N VAL C 168 2.30 18.14 26.03
CA VAL C 168 1.96 18.62 24.68
C VAL C 168 2.30 20.10 24.70
N SER C 169 2.70 20.56 25.88
CA SER C 169 3.18 21.92 26.10
C SER C 169 4.57 22.02 25.48
N ARG C 170 4.98 23.25 25.21
CA ARG C 170 6.08 23.61 24.29
C ARG C 170 6.58 24.98 24.73
N ILE C 171 7.86 25.22 24.56
CA ILE C 171 8.44 26.50 25.04
C ILE C 171 8.98 27.25 23.83
N LEU C 172 8.52 28.48 23.68
CA LEU C 172 8.71 29.29 22.46
C LEU C 172 9.93 30.21 22.62
N ALA C 173 10.71 30.42 21.56
CA ALA C 173 12.02 31.08 21.64
C ALA C 173 11.85 32.59 21.88
N GLN C 174 11.12 33.32 21.01
CA GLN C 174 10.79 34.75 21.27
C GLN C 174 9.34 34.88 21.74
N TPO C 175 8.79 36.10 21.65
CA TPO C 175 7.51 36.42 22.26
CB TPO C 175 7.55 37.83 22.91
CG2 TPO C 175 6.33 38.13 23.76
OG1 TPO C 175 8.73 37.91 23.79
P TPO C 175 10.04 38.86 23.49
O1P TPO C 175 10.49 38.66 22.05
O2P TPO C 175 11.11 38.42 24.47
O3P TPO C 175 9.57 40.27 23.76
C TPO C 175 6.39 36.17 21.24
O TPO C 175 5.33 35.72 21.63
N MET C 176 6.65 36.46 19.95
CA MET C 176 5.72 36.06 18.89
C MET C 176 6.47 35.05 18.00
N ASP C 177 6.33 33.77 18.34
CA ASP C 177 6.81 32.61 17.53
C ASP C 177 5.66 31.62 17.45
N PRO C 178 5.28 31.17 16.25
CA PRO C 178 4.08 30.36 16.11
C PRO C 178 4.38 28.91 16.51
N CYS C 179 3.31 28.14 16.64
CA CYS C 179 3.37 26.68 16.82
C CYS C 179 2.85 25.96 15.57
N ASN C 180 3.51 24.89 15.15
CA ASN C 180 3.08 24.14 13.94
C ASN C 180 2.21 22.97 14.36
N SEP C 181 2.55 22.37 15.51
CA SEP C 181 2.10 21.02 15.81
CB SEP C 181 2.98 20.33 16.84
OG SEP C 181 4.35 20.60 16.53
C SEP C 181 0.65 21.01 16.26
O SEP C 181 0.32 21.70 17.22
P SEP C 181 5.19 21.43 17.59
O1P SEP C 181 6.65 21.34 17.18
O2P SEP C 181 4.64 22.83 17.46
O3P SEP C 181 4.89 20.71 18.89
N SER C 182 -0.21 20.23 15.60
CA SER C 182 -1.56 20.12 16.12
C SER C 182 -1.53 18.97 17.12
N VAL C 183 -1.56 19.33 18.39
CA VAL C 183 -1.56 18.42 19.56
C VAL C 183 -2.67 18.86 20.51
N GLY C 184 -2.94 18.03 21.52
CA GLY C 184 -4.02 18.24 22.51
C GLY C 184 -5.36 17.66 22.11
N THR C 185 -6.42 18.07 22.80
CA THR C 185 -7.73 17.39 22.70
C THR C 185 -8.70 18.31 21.97
N ILE C 186 -9.40 17.72 21.01
CA ILE C 186 -10.00 18.43 19.84
C ILE C 186 -11.07 19.36 20.39
N ALA C 187 -11.85 18.90 21.36
CA ALA C 187 -12.99 19.66 21.94
C ALA C 187 -12.58 21.03 22.51
N TYR C 188 -11.40 21.11 23.09
CA TYR C 188 -10.91 22.34 23.75
C TYR C 188 -9.99 23.12 22.79
N MET C 189 -9.88 22.71 21.53
CA MET C 189 -9.01 23.46 20.60
C MET C 189 -9.81 24.60 19.99
N SER C 190 -9.12 25.73 19.79
CA SER C 190 -9.63 26.94 19.10
C SER C 190 -9.89 26.57 17.65
N PRO C 191 -10.70 27.36 16.89
CA PRO C 191 -10.94 27.05 15.48
C PRO C 191 -9.66 27.04 14.64
N GLU C 192 -8.70 27.89 14.94
CA GLU C 192 -7.50 28.02 14.08
C GLU C 192 -6.54 26.85 14.37
N ARG C 193 -6.78 26.08 15.43
CA ARG C 193 -5.93 24.90 15.75
C ARG C 193 -6.55 23.63 15.17
N ILE C 194 -7.83 23.68 14.81
CA ILE C 194 -8.52 22.55 14.11
C ILE C 194 -8.51 22.80 12.61
N ASN C 195 -8.92 23.99 12.16
CA ASN C 195 -8.91 24.38 10.73
C ASN C 195 -7.56 25.02 10.46
N THR C 196 -6.53 24.18 10.47
CA THR C 196 -5.09 24.51 10.36
C THR C 196 -4.78 25.11 8.99
N ASP C 197 -5.64 24.86 7.99
CA ASP C 197 -5.32 24.82 6.55
C ASP C 197 -4.88 26.21 6.08
N LEU C 198 -5.54 27.26 6.58
CA LEU C 198 -5.47 28.61 5.96
C LEU C 198 -4.09 29.20 6.29
N ASN C 199 -3.53 28.85 7.46
CA ASN C 199 -2.26 29.43 7.96
C ASN C 199 -1.13 28.39 7.94
N HIS C 200 -1.30 27.31 7.18
CA HIS C 200 -0.27 26.25 6.95
C HIS C 200 0.18 25.69 8.30
N GLY C 201 -0.78 25.43 9.19
CA GLY C 201 -0.56 24.71 10.46
C GLY C 201 -0.20 25.67 11.56
N ARG C 202 0.23 26.89 11.22
CA ARG C 202 0.70 27.88 12.22
C ARG C 202 -0.50 28.37 13.02
N TYR C 203 -0.33 28.57 14.32
CA TYR C 203 -1.37 29.17 15.18
C TYR C 203 -0.75 29.93 16.35
N ASP C 204 -1.45 30.97 16.84
CA ASP C 204 -1.00 31.71 18.05
C ASP C 204 -1.24 30.77 19.22
N GLY C 205 -0.14 30.32 19.83
CA GLY C 205 -0.18 29.28 20.87
C GLY C 205 -0.86 29.80 22.10
N TYR C 206 -0.74 31.10 22.34
CA TYR C 206 -1.14 31.63 23.65
C TYR C 206 -2.62 31.91 23.56
N ALA C 207 -3.09 32.44 22.42
CA ALA C 207 -4.52 32.72 22.18
C ALA C 207 -5.28 31.40 22.13
N GLY C 208 -4.62 30.34 21.68
CA GLY C 208 -5.19 28.98 21.70
C GLY C 208 -5.42 28.52 23.12
N ASP C 209 -4.51 28.86 24.02
CA ASP C 209 -4.70 28.54 25.46
C ASP C 209 -5.85 29.36 26.05
N VAL C 210 -6.05 30.59 25.61
CA VAL C 210 -7.06 31.46 26.26
C VAL C 210 -8.45 31.02 25.76
N TRP C 211 -8.54 30.42 24.57
CA TRP C 211 -9.81 29.81 24.08
C TRP C 211 -10.16 28.62 24.99
N SER C 212 -9.15 27.82 25.31
CA SER C 212 -9.38 26.54 26.02
C SER C 212 -9.90 26.91 27.41
N LEU C 213 -9.35 28.01 27.95
CA LEU C 213 -9.70 28.52 29.30
C LEU C 213 -11.12 29.02 29.31
N GLY C 214 -11.51 29.70 28.22
CA GLY C 214 -12.86 30.26 28.03
C GLY C 214 -13.88 29.17 27.90
N VAL C 215 -13.53 28.15 27.11
CA VAL C 215 -14.40 26.96 27.01
C VAL C 215 -14.49 26.34 28.41
N SER C 216 -13.38 26.23 29.14
CA SER C 216 -13.36 25.53 30.44
C SER C 216 -14.20 26.27 31.51
N ILE C 217 -14.06 27.58 31.59
CA ILE C 217 -14.75 28.38 32.62
C ILE C 217 -16.26 28.33 32.28
N LEU C 218 -16.65 28.40 30.99
CA LEU C 218 -18.09 28.31 30.61
C LEU C 218 -18.61 26.87 30.86
N GLU C 219 -17.77 25.86 30.74
CA GLU C 219 -18.23 24.48 31.03
C GLU C 219 -18.46 24.36 32.54
N PHE C 220 -17.74 25.14 33.35
CA PHE C 220 -17.98 25.18 34.81
C PHE C 220 -19.33 25.85 35.10
N TYR C 221 -19.65 26.93 34.41
CA TYR C 221 -20.84 27.76 34.71
C TYR C 221 -22.08 27.00 34.28
N LEU C 222 -22.01 26.35 33.12
CA LEU C 222 -23.21 25.67 32.57
C LEU C 222 -23.33 24.29 33.20
N GLY C 223 -22.24 23.66 33.56
CA GLY C 223 -22.26 22.26 34.03
C GLY C 223 -22.34 21.29 32.87
N ARG C 224 -22.10 21.76 31.64
CA ARG C 224 -22.09 20.91 30.42
C ARG C 224 -21.02 21.39 29.44
N PHE C 225 -20.55 20.53 28.54
CA PHE C 225 -19.69 20.98 27.39
C PHE C 225 -20.45 22.06 26.62
N PRO C 226 -19.94 23.31 26.46
CA PRO C 226 -20.79 24.41 25.95
C PRO C 226 -21.19 24.33 24.48
N PHE C 227 -20.60 23.41 23.72
CA PHE C 227 -20.91 23.21 22.30
C PHE C 227 -22.10 22.26 22.16
N ALA C 228 -22.57 22.14 20.91
CA ALA C 228 -23.74 21.32 20.46
C ALA C 228 -23.48 19.81 20.62
N VAL C 229 -22.25 19.35 20.83
CA VAL C 229 -21.90 17.94 20.54
C VAL C 229 -21.35 17.29 21.78
N SER C 230 -21.30 15.97 21.76
CA SER C 230 -20.63 15.18 22.81
C SER C 230 -19.16 15.34 22.53
N ARG C 231 -18.40 15.74 23.54
CA ARG C 231 -16.96 16.01 23.35
C ARG C 231 -16.25 14.69 23.00
N GLN C 232 -16.87 13.55 23.30
CA GLN C 232 -16.30 12.23 22.92
C GLN C 232 -16.65 11.92 21.46
N GLY C 233 -17.33 12.83 20.75
CA GLY C 233 -17.89 12.62 19.40
C GLY C 233 -16.85 12.66 18.28
N ASP C 234 -17.34 12.54 17.04
CA ASP C 234 -16.53 12.45 15.80
C ASP C 234 -15.80 13.77 15.55
N TRP C 235 -14.68 13.72 14.81
CA TRP C 235 -13.89 14.90 14.38
C TRP C 235 -14.76 15.89 13.62
N ALA C 236 -15.44 15.45 12.58
CA ALA C 236 -16.24 16.32 11.67
C ALA C 236 -17.39 16.92 12.48
N SER C 237 -17.91 16.14 13.44
CA SER C 237 -19.01 16.59 14.32
C SER C 237 -18.55 17.73 15.24
N LEU C 238 -17.38 17.60 15.89
CA LEU C 238 -16.77 18.67 16.74
C LEU C 238 -16.37 19.86 15.87
N MET C 239 -15.97 19.64 14.61
CA MET C 239 -15.34 20.67 13.76
C MET C 239 -16.40 21.71 13.40
N CYS C 240 -17.61 21.27 13.06
CA CYS C 240 -18.73 22.16 12.68
C CYS C 240 -19.20 22.94 13.89
N ALA C 241 -19.14 22.33 15.07
CA ALA C 241 -19.53 23.00 16.34
C ALA C 241 -18.55 24.14 16.61
N ILE C 242 -17.25 23.89 16.43
CA ILE C 242 -16.21 24.83 16.90
C ILE C 242 -15.92 25.84 15.79
N CYS C 243 -15.56 25.36 14.62
CA CYS C 243 -15.03 26.23 13.54
C CYS C 243 -16.22 26.84 12.79
N MET C 244 -17.25 26.05 12.50
CA MET C 244 -18.22 26.44 11.45
C MET C 244 -19.44 27.10 12.09
N SER C 245 -19.59 27.05 13.40
CA SER C 245 -20.67 27.82 14.08
C SER C 245 -20.14 29.08 14.78
N GLN C 246 -21.04 29.89 15.28
CA GLN C 246 -20.73 31.11 16.07
C GLN C 246 -20.14 30.62 17.39
N PRO C 247 -19.10 31.28 17.94
CA PRO C 247 -18.49 30.85 19.20
C PRO C 247 -19.48 31.03 20.33
N PRO C 248 -19.52 30.10 21.31
CA PRO C 248 -20.58 30.06 22.31
C PRO C 248 -20.52 31.27 23.25
N GLU C 249 -21.69 31.56 23.80
CA GLU C 249 -21.95 32.76 24.63
C GLU C 249 -22.36 32.34 26.03
N ALA C 250 -22.17 33.20 26.99
CA ALA C 250 -22.74 32.98 28.34
C ALA C 250 -24.23 33.27 28.22
N PRO C 251 -25.07 32.55 28.96
CA PRO C 251 -26.50 32.80 28.89
C PRO C 251 -26.83 34.15 29.53
N ALA C 252 -27.94 34.79 29.12
CA ALA C 252 -28.17 36.21 29.42
C ALA C 252 -28.65 36.39 30.85
N THR C 253 -28.96 35.29 31.53
CA THR C 253 -29.26 35.17 32.98
C THR C 253 -27.99 35.33 33.83
N ALA C 254 -26.81 35.23 33.21
CA ALA C 254 -25.52 35.54 33.85
C ALA C 254 -25.33 37.06 33.85
N SER C 255 -24.42 37.50 34.73
CA SER C 255 -24.08 38.92 34.91
C SER C 255 -23.42 39.47 33.66
N GLN C 256 -23.33 40.79 33.60
CA GLN C 256 -22.87 41.50 32.38
C GLN C 256 -21.37 41.28 32.36
N GLU C 257 -20.74 41.11 33.53
CA GLU C 257 -19.26 41.03 33.60
C GLU C 257 -18.85 39.63 33.13
N PHE C 258 -19.60 38.59 33.51
CA PHE C 258 -19.28 37.20 33.14
C PHE C 258 -19.59 36.95 31.66
N ARG C 259 -20.65 37.56 31.12
CA ARG C 259 -21.00 37.46 29.68
C ARG C 259 -19.83 38.04 28.88
N HIS C 260 -19.38 39.23 29.27
CA HIS C 260 -18.29 39.94 28.56
C HIS C 260 -16.98 39.19 28.76
N PHE C 261 -16.82 38.45 29.85
CA PHE C 261 -15.54 37.71 30.09
C PHE C 261 -15.46 36.50 29.13
N VAL C 262 -16.54 35.79 28.84
CA VAL C 262 -16.40 34.63 27.94
C VAL C 262 -16.25 35.17 26.51
N SER C 263 -16.82 36.32 26.18
CA SER C 263 -16.64 36.90 24.81
C SER C 263 -15.24 37.52 24.68
N CYS C 264 -14.55 37.77 25.78
CA CYS C 264 -13.13 38.20 25.74
C CYS C 264 -12.22 36.99 25.53
N CYS C 265 -12.69 35.79 25.81
CA CYS C 265 -11.89 34.55 25.65
C CYS C 265 -12.29 33.86 24.36
N LEU C 266 -13.54 33.96 23.96
CA LEU C 266 -14.04 33.12 22.84
C LEU C 266 -14.27 34.04 21.67
N GLN C 267 -13.26 34.77 21.26
CA GLN C 267 -13.36 35.42 19.92
C GLN C 267 -12.90 34.41 18.90
N SER C 268 -13.57 34.35 17.78
CA SER C 268 -13.21 33.36 16.75
C SER C 268 -11.94 33.86 16.08
N ASP C 269 -11.89 35.17 15.79
CA ASP C 269 -10.67 35.81 15.23
C ASP C 269 -9.68 35.99 16.35
N PRO C 270 -8.53 35.29 16.35
CA PRO C 270 -7.69 35.15 17.54
C PRO C 270 -7.01 36.38 18.11
N PRO C 271 -6.57 37.40 17.36
CA PRO C 271 -6.06 38.58 18.03
C PRO C 271 -7.10 39.45 18.73
N LYS C 272 -8.37 39.16 18.53
CA LYS C 272 -9.42 39.89 19.27
C LYS C 272 -9.43 39.36 20.70
N ARG C 273 -8.99 38.12 20.89
CA ARG C 273 -8.97 37.48 22.25
C ARG C 273 -7.97 38.24 23.12
N TRP C 274 -8.32 38.40 24.37
CA TRP C 274 -7.45 39.07 25.38
C TRP C 274 -6.30 38.12 25.72
N SER C 275 -5.20 38.67 26.24
CA SER C 275 -4.09 37.86 26.76
C SER C 275 -4.46 37.33 28.14
N ALA C 276 -3.63 36.50 28.73
CA ALA C 276 -3.99 35.98 30.05
C ALA C 276 -3.77 37.10 31.06
N GLN C 277 -2.76 37.95 30.81
CA GLN C 277 -2.33 39.02 31.74
C GLN C 277 -3.47 40.05 31.84
N GLN C 278 -4.07 40.35 30.68
CA GLN C 278 -5.16 41.34 30.54
C GLN C 278 -6.40 40.85 31.26
N LEU C 279 -6.72 39.57 31.17
CA LEU C 279 -7.94 39.01 31.78
C LEU C 279 -7.85 39.12 33.31
N LEU C 280 -6.64 39.17 33.87
CA LEU C 280 -6.53 39.24 35.35
C LEU C 280 -7.10 40.56 35.89
N GLN C 281 -7.18 41.58 35.03
CA GLN C 281 -7.75 42.93 35.33
C GLN C 281 -9.12 43.05 34.67
N HIS C 282 -9.73 41.93 34.28
CA HIS C 282 -11.12 41.96 33.78
C HIS C 282 -12.04 42.00 34.98
N PRO C 283 -13.09 42.85 34.97
CA PRO C 283 -13.92 43.01 36.15
C PRO C 283 -14.55 41.74 36.75
N PHE C 284 -14.85 40.74 35.91
CA PHE C 284 -15.34 39.43 36.38
C PHE C 284 -14.27 38.80 37.29
N ILE C 285 -12.98 39.00 36.99
CA ILE C 285 -11.87 38.37 37.76
C ILE C 285 -11.52 39.23 38.95
N LEU C 286 -11.85 40.51 38.92
CA LEU C 286 -11.45 41.37 40.06
C LEU C 286 -12.42 41.26 41.23
N LYS C 287 -13.55 40.55 41.05
CA LYS C 287 -14.44 40.18 42.19
C LYS C 287 -13.96 38.88 42.84
N ALA C 288 -12.73 38.42 42.58
CA ALA C 288 -12.15 37.24 43.27
C ALA C 288 -11.69 37.57 44.69
N THR C 289 -11.56 38.85 45.05
CA THR C 289 -10.91 39.25 46.33
C THR C 289 -11.84 38.91 47.51
N SER D 28 33.78 -17.42 2.80
CA SER D 28 33.40 -16.51 1.67
C SER D 28 34.56 -15.55 1.36
N GLU D 29 35.78 -16.06 1.44
CA GLU D 29 37.01 -15.23 1.46
C GLU D 29 37.76 -15.46 0.13
N LEU D 30 37.10 -16.04 -0.87
CA LEU D 30 37.58 -16.21 -2.28
C LEU D 30 37.42 -14.89 -3.06
N GLU D 31 37.91 -14.84 -4.32
CA GLU D 31 38.00 -13.56 -5.09
C GLU D 31 37.15 -13.61 -6.35
N ARG D 32 36.24 -12.63 -6.49
CA ARG D 32 35.36 -12.46 -7.69
C ARG D 32 36.24 -12.01 -8.88
N VAL D 33 36.00 -12.56 -10.08
CA VAL D 33 36.92 -12.47 -11.25
C VAL D 33 36.17 -11.81 -12.42
N ASN D 34 35.14 -12.49 -12.90
CA ASN D 34 34.49 -12.27 -14.22
C ASN D 34 32.98 -12.24 -14.00
N ARG D 35 32.27 -11.35 -14.69
CA ARG D 35 30.79 -11.32 -14.67
C ARG D 35 30.29 -11.98 -15.95
N ILE D 36 29.57 -13.08 -15.83
CA ILE D 36 28.95 -13.82 -16.98
C ILE D 36 27.44 -13.57 -17.03
N TPO D 43 22.39 -11.48 -12.79
CA TPO D 43 23.83 -11.56 -12.40
CB TPO D 43 24.19 -10.69 -11.19
CG2 TPO D 43 25.65 -10.31 -11.10
OG1 TPO D 43 23.43 -9.46 -11.24
P TPO D 43 22.59 -9.21 -9.91
O1P TPO D 43 23.60 -8.65 -8.94
O2P TPO D 43 21.51 -8.22 -10.31
O3P TPO D 43 22.04 -10.58 -9.50
C TPO D 43 24.19 -12.97 -12.00
O TPO D 43 23.47 -13.61 -11.23
N VAL D 44 25.32 -13.43 -12.54
CA VAL D 44 26.06 -14.56 -12.00
C VAL D 44 27.55 -14.26 -12.25
N TYR D 45 28.41 -14.48 -11.25
CA TYR D 45 29.87 -14.21 -11.35
C TYR D 45 30.62 -15.51 -11.71
N LYS D 46 31.80 -15.34 -12.29
CA LYS D 46 32.87 -16.36 -12.23
C LYS D 46 33.83 -15.96 -11.12
N VAL D 47 34.13 -16.88 -10.22
CA VAL D 47 35.05 -16.61 -9.08
C VAL D 47 36.15 -17.66 -9.13
N ILE D 48 37.34 -17.33 -8.62
CA ILE D 48 38.37 -18.38 -8.37
C ILE D 48 38.68 -18.36 -6.88
N HIS D 49 38.66 -19.55 -6.28
CA HIS D 49 38.99 -19.74 -4.85
C HIS D 49 40.51 -19.64 -4.76
N THR D 50 41.00 -18.58 -4.15
CA THR D 50 42.45 -18.25 -4.16
C THR D 50 43.30 -19.24 -3.36
N PRO D 51 42.88 -19.97 -2.29
CA PRO D 51 43.70 -21.11 -1.83
C PRO D 51 44.02 -22.19 -2.88
N THR D 52 43.04 -22.67 -3.65
CA THR D 52 43.26 -23.87 -4.53
C THR D 52 43.25 -23.47 -6.02
N SER D 53 43.05 -22.18 -6.34
CA SER D 53 43.06 -21.56 -7.70
C SER D 53 42.08 -22.26 -8.68
N ARG D 54 40.97 -22.78 -8.14
CA ARG D 54 39.90 -23.48 -8.88
C ARG D 54 38.80 -22.50 -9.23
N PRO D 55 38.14 -22.65 -10.39
CA PRO D 55 37.04 -21.76 -10.74
C PRO D 55 35.67 -22.23 -10.23
N PHE D 56 34.81 -21.27 -9.92
CA PHE D 56 33.41 -21.54 -9.54
C PHE D 56 32.49 -20.49 -10.17
N ALA D 57 31.18 -20.79 -10.20
CA ALA D 57 30.11 -19.85 -10.61
C ALA D 57 29.34 -19.37 -9.38
N LEU D 58 29.24 -18.05 -9.17
CA LEU D 58 28.60 -17.47 -7.95
C LEU D 58 27.31 -16.72 -8.26
N LYS D 59 26.18 -17.33 -7.88
CA LYS D 59 24.82 -16.74 -8.00
C LYS D 59 24.48 -16.05 -6.66
N VAL D 60 23.84 -14.89 -6.72
CA VAL D 60 23.25 -14.26 -5.51
C VAL D 60 21.76 -14.66 -5.48
N ILE D 61 21.20 -14.89 -4.29
CA ILE D 61 19.73 -14.95 -4.04
C ILE D 61 19.38 -13.86 -3.03
N TYR D 62 18.43 -12.98 -3.34
CA TYR D 62 18.11 -11.80 -2.49
C TYR D 62 16.80 -12.03 -1.74
N GLY D 63 16.84 -11.81 -0.42
CA GLY D 63 15.68 -11.95 0.49
C GLY D 63 14.67 -10.85 0.24
N ASN D 64 13.40 -11.23 0.06
CA ASN D 64 12.31 -10.30 -0.30
C ASN D 64 11.31 -10.25 0.85
N HIS D 65 10.24 -9.47 0.73
CA HIS D 65 9.17 -9.36 1.77
C HIS D 65 7.91 -10.11 1.33
N GLU D 66 7.82 -10.55 0.07
CA GLU D 66 6.55 -11.04 -0.53
C GLU D 66 6.55 -12.57 -0.69
N ASP D 67 5.42 -13.24 -0.37
CA ASP D 67 5.28 -14.71 -0.15
C ASP D 67 5.61 -15.57 -1.37
N TPO D 68 5.45 -15.04 -2.59
CA TPO D 68 5.67 -15.87 -3.78
CB TPO D 68 4.80 -15.46 -4.97
CG2 TPO D 68 4.73 -16.51 -6.06
OG1 TPO D 68 3.45 -15.29 -4.47
P TPO D 68 2.66 -13.95 -4.81
O1P TPO D 68 2.46 -14.04 -6.30
O2P TPO D 68 1.36 -14.00 -4.03
O3P TPO D 68 3.63 -12.84 -4.38
C TPO D 68 7.16 -15.85 -4.12
O TPO D 68 7.67 -16.83 -4.64
N VAL D 69 7.83 -14.73 -3.81
CA VAL D 69 9.27 -14.63 -4.02
C VAL D 69 9.97 -15.37 -2.88
N ARG D 70 9.51 -15.21 -1.64
CA ARG D 70 10.08 -15.90 -0.46
C ARG D 70 9.95 -17.42 -0.64
N ARG D 71 8.79 -17.91 -1.06
CA ARG D 71 8.61 -19.38 -1.26
C ARG D 71 9.38 -19.83 -2.51
N GLN D 72 9.74 -18.93 -3.43
CA GLN D 72 10.56 -19.28 -4.61
C GLN D 72 12.02 -19.39 -4.18
N ILE D 73 12.42 -18.60 -3.18
CA ILE D 73 13.77 -18.73 -2.57
C ILE D 73 13.81 -20.09 -1.88
N CYS D 74 12.74 -20.48 -1.17
CA CYS D 74 12.71 -21.75 -0.43
C CYS D 74 12.73 -22.88 -1.45
N ARG D 75 12.11 -22.71 -2.60
CA ARG D 75 12.02 -23.83 -3.56
C ARG D 75 13.40 -23.98 -4.19
N GLU D 76 14.03 -22.87 -4.51
CA GLU D 76 15.31 -22.89 -5.26
C GLU D 76 16.43 -23.38 -4.33
N ILE D 77 16.54 -22.78 -3.13
CA ILE D 77 17.75 -22.95 -2.28
C ILE D 77 17.73 -24.37 -1.68
N GLU D 78 16.57 -25.05 -1.76
CA GLU D 78 16.32 -26.45 -1.31
C GLU D 78 16.67 -27.39 -2.48
N ILE D 79 16.53 -26.98 -3.74
CA ILE D 79 16.85 -27.87 -4.89
C ILE D 79 18.36 -27.76 -5.09
N LEU D 80 18.95 -26.59 -4.83
CA LEU D 80 20.39 -26.41 -5.14
C LEU D 80 21.18 -27.35 -4.26
N ARG D 81 20.90 -27.35 -2.95
CA ARG D 81 21.67 -28.17 -1.98
C ARG D 81 21.39 -29.67 -2.20
N SER D 82 20.17 -30.05 -2.49
CA SER D 82 19.78 -31.47 -2.57
C SER D 82 20.38 -32.15 -3.81
N VAL D 83 20.48 -31.50 -4.97
CA VAL D 83 20.80 -32.21 -6.25
C VAL D 83 22.23 -32.76 -6.23
N ASP D 84 22.39 -33.98 -6.78
CA ASP D 84 23.68 -34.69 -6.91
C ASP D 84 23.57 -35.67 -8.07
N HIS D 85 23.81 -35.16 -9.29
CA HIS D 85 23.74 -35.92 -10.56
C HIS D 85 24.78 -35.38 -11.53
N PRO D 86 25.43 -36.27 -12.32
CA PRO D 86 26.38 -35.81 -13.33
C PRO D 86 25.88 -34.79 -14.37
N ASN D 87 24.57 -34.62 -14.54
CA ASN D 87 23.98 -33.86 -15.65
C ASN D 87 23.16 -32.72 -15.07
N VAL D 88 23.38 -32.43 -13.79
CA VAL D 88 22.69 -31.32 -13.08
C VAL D 88 23.82 -30.54 -12.43
N VAL D 89 23.76 -29.22 -12.54
CA VAL D 89 24.83 -28.35 -11.96
C VAL D 89 24.75 -28.49 -10.47
N LYS D 90 25.67 -29.24 -9.87
CA LYS D 90 25.75 -29.33 -8.39
C LYS D 90 26.30 -28.00 -7.90
N CYS D 91 25.80 -27.47 -6.78
CA CYS D 91 26.45 -26.35 -6.04
C CYS D 91 27.21 -26.95 -4.86
N HIS D 92 28.30 -26.32 -4.43
CA HIS D 92 29.25 -26.86 -3.42
C HIS D 92 29.10 -26.18 -2.06
N ASP D 93 28.70 -24.93 -2.02
CA ASP D 93 28.64 -24.20 -0.73
C ASP D 93 27.55 -23.14 -0.83
N MET D 94 27.09 -22.67 0.32
CA MET D 94 26.17 -21.52 0.43
C MET D 94 26.65 -20.62 1.56
N PHE D 95 26.41 -19.33 1.39
CA PHE D 95 26.81 -18.30 2.39
C PHE D 95 25.63 -17.35 2.56
N ASP D 96 25.50 -16.72 3.74
CA ASP D 96 24.55 -15.59 3.89
C ASP D 96 25.36 -14.34 4.20
N HIS D 97 25.30 -13.37 3.30
CA HIS D 97 25.92 -12.06 3.55
C HIS D 97 24.82 -11.04 3.76
N ASN D 98 24.64 -10.56 5.00
CA ASN D 98 23.74 -9.41 5.34
C ASN D 98 22.35 -9.65 4.73
N GLY D 99 21.81 -10.86 4.87
CA GLY D 99 20.43 -11.18 4.43
C GLY D 99 20.32 -11.58 2.98
N GLU D 100 21.41 -11.60 2.22
CA GLU D 100 21.34 -12.12 0.82
C GLU D 100 22.15 -13.41 0.76
N ILE D 101 21.57 -14.44 0.18
CA ILE D 101 22.19 -15.79 0.14
C ILE D 101 23.05 -15.83 -1.11
N GLN D 102 24.35 -16.06 -0.97
CA GLN D 102 25.21 -16.25 -2.14
C GLN D 102 25.52 -17.73 -2.30
N VAL D 103 25.17 -18.30 -3.44
CA VAL D 103 25.29 -19.75 -3.67
C VAL D 103 26.43 -20.01 -4.66
N LEU D 104 27.32 -20.93 -4.31
CA LEU D 104 28.54 -21.21 -5.07
C LEU D 104 28.37 -22.48 -5.87
N LEU D 105 28.28 -22.38 -7.18
CA LEU D 105 27.97 -23.52 -8.07
C LEU D 105 29.22 -23.99 -8.80
N GLU D 106 29.10 -25.15 -9.44
CA GLU D 106 30.12 -25.74 -10.33
C GLU D 106 30.24 -24.87 -11.59
N PHE D 107 31.45 -24.50 -11.97
CA PHE D 107 31.72 -23.64 -13.16
C PHE D 107 31.71 -24.50 -14.43
N MET D 108 30.94 -24.09 -15.43
CA MET D 108 30.84 -24.85 -16.70
C MET D 108 31.62 -24.14 -17.79
N ASP D 109 32.57 -24.85 -18.38
CA ASP D 109 33.77 -24.30 -19.05
C ASP D 109 33.39 -23.69 -20.39
N GLN D 110 32.71 -24.45 -21.26
CA GLN D 110 32.37 -24.06 -22.65
C GLN D 110 30.98 -23.39 -22.71
N GLY D 111 30.51 -22.73 -21.63
CA GLY D 111 29.27 -21.92 -21.60
C GLY D 111 27.96 -22.66 -21.92
N SER D 112 26.96 -21.90 -22.37
CA SER D 112 25.59 -22.40 -22.66
C SER D 112 25.50 -22.93 -24.09
N LEU D 113 24.42 -23.63 -24.40
CA LEU D 113 24.14 -24.15 -25.75
C LEU D 113 23.13 -23.25 -26.48
N GLU D 114 22.99 -21.96 -26.15
CA GLU D 114 22.07 -21.09 -26.95
C GLU D 114 22.73 -20.91 -28.31
N GLY D 115 21.94 -20.94 -29.38
CA GLY D 115 22.41 -20.79 -30.77
C GLY D 115 22.84 -22.12 -31.36
N ALA D 116 23.35 -23.05 -30.57
CA ALA D 116 24.15 -24.23 -31.01
C ALA D 116 23.46 -25.11 -32.07
N HIS D 117 24.20 -25.49 -33.09
CA HIS D 117 23.71 -26.32 -34.21
C HIS D 117 24.44 -27.65 -34.07
N ILE D 118 23.71 -28.72 -33.87
CA ILE D 118 24.27 -30.09 -33.74
C ILE D 118 23.43 -30.96 -34.66
N TRP D 119 24.01 -31.40 -35.75
CA TRP D 119 23.17 -32.00 -36.81
C TRP D 119 23.64 -33.41 -37.09
N GLN D 120 24.75 -33.85 -36.50
CA GLN D 120 25.09 -35.30 -36.57
C GLN D 120 24.20 -36.00 -35.54
N GLU D 121 23.39 -36.95 -35.97
CA GLU D 121 22.45 -37.62 -35.03
C GLU D 121 23.23 -38.33 -33.93
N GLN D 122 24.31 -39.05 -34.24
CA GLN D 122 25.05 -39.79 -33.19
C GLN D 122 25.46 -38.80 -32.10
N GLU D 123 26.01 -37.65 -32.51
CA GLU D 123 26.44 -36.61 -31.54
C GLU D 123 25.22 -36.08 -30.76
N LEU D 124 24.11 -35.82 -31.45
CA LEU D 124 22.90 -35.21 -30.81
C LEU D 124 22.29 -36.25 -29.87
N ALA D 125 22.44 -37.55 -30.19
CA ALA D 125 21.86 -38.65 -29.39
C ALA D 125 22.62 -38.78 -28.06
N ASP D 126 23.94 -38.68 -28.07
CA ASP D 126 24.73 -38.69 -26.82
C ASP D 126 24.46 -37.40 -26.04
N LEU D 127 24.23 -36.29 -26.74
CA LEU D 127 23.94 -35.00 -26.08
C LEU D 127 22.56 -35.05 -25.42
N SER D 128 21.58 -35.66 -26.09
CA SER D 128 20.18 -35.77 -25.60
C SER D 128 20.16 -36.72 -24.41
N ARG D 129 20.99 -37.78 -24.46
CA ARG D 129 21.06 -38.88 -23.46
C ARG D 129 21.44 -38.25 -22.12
N GLN D 130 22.31 -37.25 -22.15
CA GLN D 130 22.77 -36.60 -20.90
C GLN D 130 21.66 -35.73 -20.36
N ILE D 131 20.96 -34.98 -21.21
CA ILE D 131 19.98 -33.98 -20.70
C ILE D 131 18.78 -34.77 -20.19
N LEU D 132 18.45 -35.89 -20.82
CA LEU D 132 17.32 -36.73 -20.32
C LEU D 132 17.69 -37.36 -18.97
N SER D 133 18.94 -37.80 -18.77
CA SER D 133 19.39 -38.44 -17.51
C SER D 133 19.26 -37.47 -16.33
N GLY D 134 19.62 -36.22 -16.54
CA GLY D 134 19.43 -35.20 -15.49
C GLY D 134 17.95 -34.92 -15.28
N LEU D 135 17.17 -34.92 -16.35
CA LEU D 135 15.75 -34.54 -16.23
C LEU D 135 14.97 -35.69 -15.59
N ALA D 136 15.27 -36.94 -15.96
CA ALA D 136 14.61 -38.12 -15.39
C ALA D 136 14.96 -38.26 -13.90
N TYR D 137 16.14 -37.76 -13.51
CA TYR D 137 16.59 -37.68 -12.11
C TYR D 137 15.75 -36.64 -11.38
N LEU D 138 15.65 -35.43 -11.94
CA LEU D 138 14.90 -34.31 -11.31
C LEU D 138 13.43 -34.67 -11.15
N HIS D 139 12.83 -35.31 -12.14
CA HIS D 139 11.41 -35.70 -12.08
C HIS D 139 11.16 -36.77 -11.01
N ARG D 140 12.06 -37.76 -10.86
CA ARG D 140 11.79 -38.85 -9.89
C ARG D 140 12.08 -38.37 -8.47
N ARG D 141 12.75 -37.24 -8.33
CA ARG D 141 12.80 -36.54 -7.03
C ARG D 141 11.73 -35.46 -6.95
N HIS D 142 10.73 -35.50 -7.85
CA HIS D 142 9.54 -34.60 -7.85
C HIS D 142 10.00 -33.14 -7.88
N ILE D 143 11.00 -32.84 -8.71
CA ILE D 143 11.44 -31.46 -9.05
C ILE D 143 11.03 -31.20 -10.49
N VAL D 144 10.14 -30.23 -10.71
CA VAL D 144 9.93 -29.72 -12.08
C VAL D 144 10.84 -28.52 -12.22
N HIS D 145 11.40 -28.37 -13.43
CA HIS D 145 12.38 -27.32 -13.77
C HIS D 145 11.64 -26.07 -14.24
N ARG D 146 10.81 -26.30 -15.27
CA ARG D 146 9.84 -25.36 -15.91
C ARG D 146 10.52 -24.40 -16.89
N ASP D 147 11.85 -24.35 -16.98
CA ASP D 147 12.52 -23.38 -17.88
C ASP D 147 13.67 -24.08 -18.59
N ILE D 148 13.49 -25.35 -18.93
CA ILE D 148 14.40 -26.10 -19.84
C ILE D 148 14.41 -25.35 -21.16
N LYS D 149 15.57 -24.88 -21.58
CA LYS D 149 15.80 -24.21 -22.89
C LYS D 149 17.31 -24.30 -23.15
N PRO D 150 17.84 -24.08 -24.37
CA PRO D 150 19.27 -24.16 -24.56
C PRO D 150 20.08 -23.10 -23.80
N SER D 151 19.45 -22.01 -23.38
CA SER D 151 20.07 -20.96 -22.52
C SER D 151 20.56 -21.60 -21.20
N ASN D 152 19.88 -22.63 -20.73
CA ASN D 152 20.18 -23.27 -19.43
C ASN D 152 20.61 -24.73 -19.62
N LEU D 153 21.21 -25.05 -20.75
CA LEU D 153 21.86 -26.38 -20.84
C LEU D 153 23.36 -26.14 -21.02
N LEU D 154 24.11 -26.09 -19.92
CA LEU D 154 25.54 -25.70 -19.95
C LEU D 154 26.39 -26.91 -20.37
N ILE D 155 27.53 -26.60 -20.97
CA ILE D 155 28.51 -27.61 -21.47
C ILE D 155 29.92 -27.22 -21.02
N ASN D 156 30.79 -28.19 -20.84
CA ASN D 156 32.19 -27.89 -20.46
C ASN D 156 33.16 -28.47 -21.49
N SER D 157 34.44 -28.32 -21.18
CA SER D 157 35.54 -28.70 -22.07
C SER D 157 35.59 -30.24 -22.16
N ALA D 158 35.01 -30.95 -21.19
CA ALA D 158 34.92 -32.42 -21.26
C ALA D 158 33.80 -32.86 -22.23
N LYS D 159 33.09 -31.91 -22.85
CA LYS D 159 31.94 -32.17 -23.77
C LYS D 159 30.87 -32.95 -23.00
N ASN D 160 30.53 -32.55 -21.77
CA ASN D 160 29.33 -33.12 -21.11
C ASN D 160 28.42 -32.00 -20.56
N VAL D 161 27.12 -32.30 -20.43
CA VAL D 161 26.02 -31.31 -20.41
C VAL D 161 25.31 -31.35 -19.06
N LYS D 162 25.00 -30.18 -18.48
CA LYS D 162 24.40 -30.08 -17.13
C LYS D 162 23.22 -29.08 -17.16
N ILE D 163 22.06 -29.52 -16.66
CA ILE D 163 20.83 -28.69 -16.52
C ILE D 163 21.05 -27.58 -15.47
N ALA D 164 20.58 -26.35 -15.70
CA ALA D 164 21.24 -25.18 -15.08
C ALA D 164 20.35 -24.34 -14.18
N ASP D 165 19.28 -23.68 -14.64
CA ASP D 165 18.76 -22.54 -13.83
C ASP D 165 17.48 -22.92 -13.08
N PHE D 166 17.56 -23.08 -11.76
CA PHE D 166 16.41 -23.61 -10.97
C PHE D 166 15.61 -22.45 -10.37
N GLY D 167 15.57 -21.29 -11.00
CA GLY D 167 14.95 -20.06 -10.43
C GLY D 167 13.42 -20.10 -10.42
N VAL D 168 12.83 -20.98 -11.23
CA VAL D 168 11.36 -21.05 -11.47
C VAL D 168 10.89 -22.43 -10.99
N SER D 169 11.81 -23.31 -10.63
CA SER D 169 11.57 -24.73 -10.32
C SER D 169 10.70 -24.90 -9.07
N ARG D 170 9.88 -25.96 -9.05
CA ARG D 170 8.99 -26.31 -7.91
C ARG D 170 9.37 -27.70 -7.43
N ILE D 171 9.28 -27.95 -6.12
CA ILE D 171 9.24 -29.35 -5.60
C ILE D 171 7.79 -29.76 -5.34
N LEU D 172 7.35 -30.84 -6.00
CA LEU D 172 5.96 -31.36 -5.90
C LEU D 172 5.86 -32.23 -4.64
N ALA D 173 4.69 -32.23 -4.02
CA ALA D 173 4.27 -33.21 -2.97
C ALA D 173 4.30 -34.63 -3.54
N GLN D 174 3.52 -34.89 -4.59
CA GLN D 174 3.30 -36.27 -5.10
C GLN D 174 3.73 -36.38 -6.56
N TPO D 175 3.60 -37.59 -7.11
CA TPO D 175 4.02 -37.93 -8.47
CB TPO D 175 4.31 -39.44 -8.60
CG2 TPO D 175 5.21 -39.81 -9.75
OG1 TPO D 175 4.98 -39.88 -7.37
P TPO D 175 4.18 -40.77 -6.26
O1P TPO D 175 4.11 -42.13 -6.89
O2P TPO D 175 4.98 -40.75 -4.96
O3P TPO D 175 2.82 -40.12 -6.09
C TPO D 175 2.94 -37.44 -9.45
O TPO D 175 3.21 -37.29 -10.64
N MET D 176 1.71 -37.24 -8.97
CA MET D 176 0.72 -36.48 -9.70
C MET D 176 0.37 -35.27 -8.85
N ASP D 177 0.88 -34.09 -9.19
CA ASP D 177 0.54 -32.82 -8.48
C ASP D 177 0.68 -31.72 -9.51
N PRO D 178 -0.44 -31.14 -9.98
CA PRO D 178 -0.37 -30.07 -10.97
C PRO D 178 0.22 -28.76 -10.41
N CYS D 179 0.71 -27.96 -11.33
CA CYS D 179 1.34 -26.64 -11.08
C CYS D 179 0.39 -25.59 -11.67
N ASN D 180 0.20 -24.46 -11.00
CA ASN D 180 -0.78 -23.47 -11.51
C ASN D 180 -0.04 -22.28 -12.05
N SEP D 181 1.25 -22.14 -11.71
CA SEP D 181 1.96 -20.88 -11.93
CB SEP D 181 3.12 -20.75 -10.97
OG SEP D 181 2.64 -20.97 -9.62
C SEP D 181 2.44 -20.76 -13.37
O SEP D 181 3.28 -21.53 -13.82
P SEP D 181 3.49 -21.93 -8.64
O1P SEP D 181 4.90 -21.36 -8.82
O2P SEP D 181 3.01 -21.73 -7.21
O3P SEP D 181 3.12 -23.36 -9.17
N SER D 182 1.92 -19.77 -14.09
CA SER D 182 2.42 -19.50 -15.42
C SER D 182 3.74 -18.76 -15.26
N VAL D 183 4.84 -19.52 -15.28
CA VAL D 183 6.23 -19.00 -15.15
C VAL D 183 7.09 -19.82 -16.10
N GLY D 184 8.30 -19.33 -16.35
CA GLY D 184 9.29 -19.92 -17.27
C GLY D 184 9.61 -18.95 -18.40
N THR D 185 9.91 -19.48 -19.58
CA THR D 185 10.22 -18.66 -20.75
C THR D 185 9.25 -19.02 -21.87
N ILE D 186 8.55 -18.00 -22.37
CA ILE D 186 7.26 -18.06 -23.12
C ILE D 186 7.45 -18.96 -24.34
N ALA D 187 8.56 -18.75 -25.04
CA ALA D 187 8.89 -19.38 -26.34
C ALA D 187 9.03 -20.90 -26.20
N TYR D 188 9.43 -21.38 -25.02
CA TYR D 188 9.83 -22.80 -24.85
C TYR D 188 8.78 -23.55 -24.07
N MET D 189 7.72 -22.89 -23.63
CA MET D 189 6.75 -23.56 -22.73
C MET D 189 5.58 -24.12 -23.53
N SER D 190 5.16 -25.32 -23.14
CA SER D 190 4.05 -26.13 -23.70
C SER D 190 2.80 -25.28 -23.93
N PRO D 191 1.93 -25.64 -24.90
CA PRO D 191 0.72 -24.86 -25.17
C PRO D 191 -0.23 -24.77 -23.96
N GLU D 192 -0.24 -25.77 -23.08
CA GLU D 192 -1.08 -25.76 -21.86
C GLU D 192 -0.51 -24.81 -20.79
N ARG D 193 0.73 -24.34 -20.95
CA ARG D 193 1.24 -23.34 -19.98
C ARG D 193 0.87 -21.94 -20.44
N ILE D 194 0.36 -21.82 -21.68
CA ILE D 194 -0.12 -20.53 -22.28
C ILE D 194 -1.64 -20.57 -22.34
N ASN D 195 -2.24 -21.62 -22.89
CA ASN D 195 -3.70 -21.78 -23.05
C ASN D 195 -4.21 -22.44 -21.76
N THR D 196 -4.26 -21.62 -20.72
CA THR D 196 -4.42 -22.04 -19.31
C THR D 196 -5.89 -22.37 -19.02
N ASP D 197 -6.79 -21.95 -19.89
CA ASP D 197 -8.25 -21.90 -19.63
C ASP D 197 -8.86 -23.31 -19.75
N LEU D 198 -8.19 -24.26 -20.40
CA LEU D 198 -8.64 -25.68 -20.56
C LEU D 198 -8.82 -26.31 -19.17
N ASN D 199 -7.76 -26.36 -18.36
CA ASN D 199 -7.80 -27.03 -17.03
C ASN D 199 -7.60 -25.99 -15.93
N HIS D 200 -8.01 -24.75 -16.17
CA HIS D 200 -8.05 -23.61 -15.19
C HIS D 200 -6.64 -23.31 -14.66
N GLY D 201 -5.64 -23.25 -15.55
CA GLY D 201 -4.27 -22.82 -15.21
C GLY D 201 -3.41 -23.97 -14.73
N ARG D 202 -3.99 -25.16 -14.56
CA ARG D 202 -3.32 -26.33 -13.95
C ARG D 202 -2.79 -27.21 -15.08
N TYR D 203 -1.49 -27.49 -15.06
CA TYR D 203 -0.81 -28.32 -16.07
C TYR D 203 0.06 -29.39 -15.43
N ASP D 204 0.38 -30.41 -16.24
CA ASP D 204 1.39 -31.43 -15.85
C ASP D 204 2.77 -30.80 -16.02
N GLY D 205 3.53 -30.68 -14.94
CA GLY D 205 4.88 -30.06 -14.97
C GLY D 205 5.94 -30.98 -15.55
N TYR D 206 5.77 -32.28 -15.40
CA TYR D 206 6.72 -33.29 -15.92
C TYR D 206 6.69 -33.24 -17.45
N ALA D 207 5.49 -33.19 -18.01
CA ALA D 207 5.31 -33.03 -19.48
C ALA D 207 5.67 -31.60 -19.89
N GLY D 208 5.58 -30.62 -18.97
CA GLY D 208 5.86 -29.20 -19.28
C GLY D 208 7.31 -28.99 -19.63
N ASP D 209 8.17 -29.76 -18.96
CA ASP D 209 9.64 -29.86 -19.18
C ASP D 209 9.91 -30.67 -20.45
N VAL D 210 9.15 -31.74 -20.69
CA VAL D 210 9.46 -32.68 -21.81
C VAL D 210 9.11 -32.02 -23.15
N TRP D 211 8.09 -31.20 -23.18
CA TRP D 211 7.81 -30.34 -24.37
C TRP D 211 8.93 -29.31 -24.52
N SER D 212 9.38 -28.71 -23.42
CA SER D 212 10.51 -27.73 -23.42
C SER D 212 11.79 -28.43 -23.88
N LEU D 213 11.94 -29.73 -23.62
CA LEU D 213 13.17 -30.44 -24.07
C LEU D 213 13.10 -30.76 -25.57
N GLY D 214 11.94 -31.23 -26.03
CA GLY D 214 11.73 -31.58 -27.45
C GLY D 214 11.91 -30.37 -28.37
N VAL D 215 11.50 -29.18 -27.93
CA VAL D 215 11.75 -27.92 -28.67
C VAL D 215 13.25 -27.70 -28.71
N SER D 216 13.96 -27.93 -27.62
CA SER D 216 15.40 -27.61 -27.51
C SER D 216 16.27 -28.59 -28.33
N ILE D 217 15.89 -29.86 -28.40
CA ILE D 217 16.63 -30.88 -29.19
C ILE D 217 16.39 -30.62 -30.68
N LEU D 218 15.18 -30.26 -31.09
CA LEU D 218 14.85 -29.95 -32.50
C LEU D 218 15.50 -28.62 -32.90
N GLU D 219 15.58 -27.63 -32.01
CA GLU D 219 16.36 -26.38 -32.24
C GLU D 219 17.86 -26.69 -32.46
N PHE D 220 18.41 -27.73 -31.83
CA PHE D 220 19.80 -28.18 -32.10
C PHE D 220 19.91 -28.79 -33.50
N TYR D 221 18.91 -29.53 -33.96
CA TYR D 221 19.01 -30.26 -35.25
C TYR D 221 18.85 -29.29 -36.43
N LEU D 222 18.08 -28.21 -36.25
CA LEU D 222 17.79 -27.26 -37.35
C LEU D 222 18.81 -26.11 -37.32
N GLY D 223 19.30 -25.73 -36.16
CA GLY D 223 20.16 -24.54 -36.06
C GLY D 223 19.34 -23.29 -35.83
N ARG D 224 18.03 -23.46 -35.70
CA ARG D 224 17.09 -22.34 -35.47
C ARG D 224 15.91 -22.82 -34.62
N PHE D 225 15.20 -21.85 -34.02
CA PHE D 225 13.97 -22.05 -33.21
C PHE D 225 12.91 -22.69 -34.09
N PRO D 226 12.32 -23.85 -33.72
CA PRO D 226 11.55 -24.65 -34.68
C PRO D 226 10.12 -24.16 -34.98
N PHE D 227 9.85 -22.88 -34.72
CA PHE D 227 8.54 -22.22 -34.90
C PHE D 227 8.68 -21.09 -35.92
N ALA D 228 7.57 -20.71 -36.54
CA ALA D 228 7.50 -19.72 -37.64
C ALA D 228 7.56 -18.28 -37.11
N VAL D 229 7.87 -18.04 -35.84
CA VAL D 229 8.01 -16.65 -35.31
C VAL D 229 9.30 -16.59 -34.53
N SER D 230 9.72 -15.37 -34.16
CA SER D 230 10.91 -15.15 -33.29
C SER D 230 10.53 -15.49 -31.85
N ARG D 231 11.51 -15.94 -31.08
CA ARG D 231 11.33 -16.26 -29.66
C ARG D 231 11.10 -14.95 -28.88
N GLN D 232 11.68 -13.82 -29.31
CA GLN D 232 11.60 -12.52 -28.58
C GLN D 232 10.34 -11.74 -29.01
N GLY D 233 9.34 -12.43 -29.60
CA GLY D 233 8.14 -11.83 -30.19
C GLY D 233 7.12 -11.31 -29.18
N ASP D 234 5.96 -10.90 -29.66
CA ASP D 234 4.82 -10.46 -28.80
C ASP D 234 4.12 -11.69 -28.27
N TRP D 235 3.20 -11.50 -27.32
CA TRP D 235 2.52 -12.62 -26.66
C TRP D 235 1.69 -13.39 -27.70
N ALA D 236 0.85 -12.67 -28.43
CA ALA D 236 -0.20 -13.25 -29.32
C ALA D 236 0.45 -13.97 -30.50
N SER D 237 1.56 -13.45 -31.03
CA SER D 237 2.25 -14.07 -32.20
C SER D 237 2.92 -15.36 -31.74
N LEU D 238 3.46 -15.38 -30.51
CA LEU D 238 4.03 -16.62 -29.89
C LEU D 238 2.90 -17.59 -29.60
N MET D 239 1.73 -17.09 -29.24
CA MET D 239 0.61 -17.93 -28.79
C MET D 239 0.04 -18.67 -30.00
N CYS D 240 -0.05 -18.03 -31.16
CA CYS D 240 -0.61 -18.67 -32.37
C CYS D 240 0.38 -19.72 -32.89
N ALA D 241 1.68 -19.48 -32.73
CA ALA D 241 2.72 -20.38 -33.28
C ALA D 241 2.70 -21.67 -32.48
N ILE D 242 2.56 -21.55 -31.15
CA ILE D 242 2.84 -22.67 -30.21
C ILE D 242 1.54 -23.46 -29.99
N CYS D 243 0.45 -22.76 -29.69
CA CYS D 243 -0.82 -23.38 -29.23
C CYS D 243 -1.67 -23.87 -30.41
N MET D 244 -1.60 -23.19 -31.54
CA MET D 244 -2.73 -23.23 -32.51
C MET D 244 -2.42 -24.07 -33.73
N SER D 245 -1.19 -24.00 -34.24
CA SER D 245 -0.70 -24.93 -35.28
C SER D 245 -0.46 -26.31 -34.64
N GLN D 246 -0.34 -27.35 -35.46
CA GLN D 246 0.20 -28.65 -35.01
C GLN D 246 1.64 -28.43 -34.54
N PRO D 247 2.13 -29.20 -33.54
CA PRO D 247 3.47 -28.97 -32.99
C PRO D 247 4.53 -29.29 -34.06
N PRO D 248 5.75 -28.72 -33.98
CA PRO D 248 6.73 -28.90 -35.04
C PRO D 248 7.17 -30.36 -35.17
N GLU D 249 7.73 -30.72 -36.32
CA GLU D 249 8.23 -32.08 -36.63
C GLU D 249 9.70 -32.00 -37.04
N ALA D 250 10.42 -33.13 -36.93
CA ALA D 250 11.75 -33.26 -37.54
C ALA D 250 11.54 -33.33 -39.05
N PRO D 251 12.43 -32.73 -39.88
CA PRO D 251 12.37 -32.88 -41.34
C PRO D 251 12.52 -34.34 -41.77
N ALA D 252 11.91 -34.71 -42.91
CA ALA D 252 11.83 -36.11 -43.36
C ALA D 252 13.20 -36.59 -43.84
N THR D 253 14.13 -35.66 -44.08
CA THR D 253 15.58 -35.90 -44.35
C THR D 253 16.18 -36.71 -43.20
N ALA D 254 15.81 -36.35 -41.95
CA ALA D 254 16.24 -37.00 -40.68
C ALA D 254 15.76 -38.45 -40.65
N SER D 255 16.40 -39.27 -39.82
CA SER D 255 16.02 -40.71 -39.70
C SER D 255 14.71 -40.81 -38.92
N GLN D 256 14.08 -41.98 -39.01
CA GLN D 256 12.76 -42.22 -38.41
C GLN D 256 12.90 -42.29 -36.90
N GLU D 257 14.08 -42.65 -36.40
CA GLU D 257 14.34 -42.66 -34.95
C GLU D 257 14.19 -41.24 -34.43
N PHE D 258 14.72 -40.25 -35.13
CA PHE D 258 14.77 -38.88 -34.58
C PHE D 258 13.39 -38.25 -34.78
N ARG D 259 12.74 -38.59 -35.90
CA ARG D 259 11.39 -38.02 -36.23
C ARG D 259 10.39 -38.51 -35.20
N HIS D 260 10.48 -39.78 -34.80
CA HIS D 260 9.62 -40.40 -33.77
C HIS D 260 9.90 -39.73 -32.41
N PHE D 261 11.16 -39.43 -32.12
CA PHE D 261 11.61 -38.89 -30.81
C PHE D 261 11.01 -37.51 -30.59
N VAL D 262 11.00 -36.63 -31.59
CA VAL D 262 10.53 -35.24 -31.36
C VAL D 262 9.01 -35.24 -31.26
N SER D 263 8.34 -36.24 -31.84
CA SER D 263 6.86 -36.36 -31.73
C SER D 263 6.48 -36.98 -30.39
N CYS D 264 7.39 -37.74 -29.77
CA CYS D 264 7.22 -38.28 -28.40
C CYS D 264 7.40 -37.17 -27.35
N CYS D 265 8.02 -36.05 -27.68
CA CYS D 265 8.23 -34.92 -26.76
C CYS D 265 7.23 -33.82 -27.12
N LEU D 266 6.96 -33.61 -28.40
CA LEU D 266 6.04 -32.53 -28.82
C LEU D 266 4.70 -33.16 -29.20
N GLN D 267 3.98 -33.71 -28.23
CA GLN D 267 2.54 -33.99 -28.38
C GLN D 267 1.77 -32.78 -27.88
N SER D 268 0.63 -32.48 -28.48
CA SER D 268 -0.13 -31.26 -28.12
C SER D 268 -0.94 -31.54 -26.85
N ASP D 269 -1.54 -32.74 -26.74
CA ASP D 269 -2.25 -33.21 -25.52
C ASP D 269 -1.22 -33.85 -24.58
N PRO D 270 -0.89 -33.19 -23.44
CA PRO D 270 0.27 -33.53 -22.63
C PRO D 270 0.39 -34.91 -22.02
N PRO D 271 -0.67 -35.69 -21.68
CA PRO D 271 -0.41 -37.09 -21.30
C PRO D 271 0.09 -38.02 -22.42
N LYS D 272 0.10 -37.60 -23.68
CA LYS D 272 0.60 -38.51 -24.74
C LYS D 272 2.12 -38.42 -24.78
N ARG D 273 2.67 -37.27 -24.35
CA ARG D 273 4.15 -37.07 -24.27
C ARG D 273 4.74 -38.11 -23.32
N TRP D 274 5.88 -38.68 -23.68
CA TRP D 274 6.57 -39.69 -22.84
C TRP D 274 7.21 -39.01 -21.64
N SER D 275 7.48 -39.82 -20.62
CA SER D 275 8.19 -39.28 -19.44
C SER D 275 9.65 -39.22 -19.83
N ALA D 276 10.39 -38.38 -19.14
CA ALA D 276 11.84 -38.22 -19.32
C ALA D 276 12.53 -39.60 -19.20
N GLN D 277 12.12 -40.47 -18.27
CA GLN D 277 12.81 -41.77 -18.07
C GLN D 277 12.45 -42.71 -19.22
N GLN D 278 11.23 -42.59 -19.74
CA GLN D 278 10.67 -43.55 -20.71
C GLN D 278 11.31 -43.30 -22.09
N LEU D 279 11.79 -42.05 -22.31
CA LEU D 279 12.55 -41.58 -23.52
C LEU D 279 13.98 -42.12 -23.53
N LEU D 280 14.56 -42.54 -22.42
CA LEU D 280 15.96 -43.04 -22.40
C LEU D 280 16.00 -44.45 -23.00
N GLN D 281 14.84 -45.04 -23.28
CA GLN D 281 14.74 -46.34 -23.99
C GLN D 281 14.31 -46.12 -25.45
N HIS D 282 14.21 -44.87 -25.90
CA HIS D 282 13.93 -44.54 -27.33
C HIS D 282 15.13 -44.95 -28.17
N PRO D 283 14.94 -45.53 -29.38
CA PRO D 283 16.07 -46.05 -30.15
C PRO D 283 16.92 -44.95 -30.81
N PHE D 284 16.43 -43.72 -30.82
CA PHE D 284 17.26 -42.52 -31.11
C PHE D 284 18.34 -42.42 -30.04
N ILE D 285 18.01 -42.68 -28.79
CA ILE D 285 18.97 -42.53 -27.67
C ILE D 285 19.96 -43.70 -27.73
N LEU D 286 19.58 -44.82 -28.35
CA LEU D 286 20.47 -46.01 -28.46
C LEU D 286 21.62 -45.69 -29.42
N LYS D 287 21.53 -44.59 -30.17
CA LYS D 287 22.63 -44.13 -31.07
C LYS D 287 23.82 -43.57 -30.26
N ALA D 288 23.65 -43.30 -28.97
CA ALA D 288 24.73 -42.77 -28.11
C ALA D 288 25.89 -43.78 -28.04
N THR D 289 27.14 -43.29 -28.10
CA THR D 289 28.40 -44.09 -27.95
C THR D 289 28.34 -45.40 -28.75
N LYS E 25 2.92 10.74 -40.79
CA LYS E 25 1.50 11.20 -40.62
C LYS E 25 0.67 10.11 -39.92
N SEP E 26 1.10 8.84 -39.96
CA SEP E 26 0.41 7.78 -39.22
CB SEP E 26 -0.72 7.19 -40.05
OG SEP E 26 -1.15 5.94 -39.41
C SEP E 26 1.37 6.67 -38.75
O SEP E 26 2.50 6.56 -39.22
P SEP E 26 -2.66 5.84 -38.84
O1P SEP E 26 -3.44 5.57 -40.11
O2P SEP E 26 -2.99 7.20 -38.24
O3P SEP E 26 -2.75 4.73 -37.81
N LEU E 27 0.87 5.85 -37.82
CA LEU E 27 1.61 4.79 -37.17
C LEU E 27 1.60 3.52 -38.01
N SER E 28 0.57 3.36 -38.85
CA SER E 28 0.39 2.19 -39.75
C SER E 28 1.34 2.28 -40.95
N GLU E 29 1.86 3.47 -41.23
CA GLU E 29 2.78 3.74 -42.35
C GLU E 29 4.23 3.36 -41.99
N LEU E 30 4.48 2.84 -40.79
CA LEU E 30 5.86 2.54 -40.31
C LEU E 30 5.99 1.05 -40.01
N GLU E 31 7.13 0.47 -40.40
CA GLU E 31 7.41 -0.98 -40.26
C GLU E 31 8.65 -1.18 -39.39
N ARG E 32 8.52 -1.95 -38.30
CA ARG E 32 9.67 -2.34 -37.43
C ARG E 32 10.67 -3.13 -38.25
N VAL E 33 11.89 -2.61 -38.38
CA VAL E 33 12.98 -3.20 -39.20
C VAL E 33 14.11 -3.68 -38.29
N ASN E 34 14.55 -2.83 -37.35
CA ASN E 34 15.82 -3.02 -36.62
C ASN E 34 15.73 -2.33 -35.25
N ARG E 35 16.62 -2.64 -34.30
CA ARG E 35 16.58 -2.12 -32.91
C ARG E 35 17.93 -1.47 -32.55
N ILE E 36 17.92 -0.27 -31.94
CA ILE E 36 19.17 0.55 -31.78
C ILE E 36 19.60 0.63 -30.29
N TPO E 43 13.37 1.34 -25.41
CA TPO E 43 13.98 0.78 -26.65
CB TPO E 43 13.47 -0.62 -27.04
CG2 TPO E 43 14.50 -1.45 -27.76
OG1 TPO E 43 13.06 -1.34 -25.83
P TPO E 43 11.48 -1.46 -25.61
O1P TPO E 43 10.92 -1.69 -26.99
O2P TPO E 43 11.30 -2.63 -24.67
O3P TPO E 43 11.05 -0.14 -25.02
C TPO E 43 13.67 1.68 -27.83
O TPO E 43 12.54 2.17 -27.98
N VAL E 44 14.68 1.89 -28.67
CA VAL E 44 14.52 2.67 -29.87
C VAL E 44 14.59 1.70 -31.06
N TYR E 45 13.58 1.77 -31.92
CA TYR E 45 13.45 0.96 -33.17
C TYR E 45 13.92 1.78 -34.36
N LYS E 46 14.38 1.07 -35.40
CA LYS E 46 14.47 1.63 -36.76
C LYS E 46 13.17 1.26 -37.49
N VAL E 47 12.55 2.25 -38.12
CA VAL E 47 11.34 2.01 -38.95
C VAL E 47 11.61 2.51 -40.37
N ILE E 48 10.95 1.89 -41.34
CA ILE E 48 10.95 2.40 -42.74
C ILE E 48 9.52 2.84 -43.06
N HIS E 49 9.37 4.13 -43.33
CA HIS E 49 8.09 4.78 -43.67
C HIS E 49 7.77 4.33 -45.08
N THR E 50 7.02 3.25 -45.20
CA THR E 50 6.84 2.44 -46.44
C THR E 50 6.20 3.25 -47.59
N PRO E 51 5.19 4.16 -47.43
CA PRO E 51 4.77 5.02 -48.55
C PRO E 51 5.82 5.86 -49.27
N THR E 52 6.81 6.42 -48.60
CA THR E 52 7.84 7.24 -49.29
C THR E 52 9.15 6.44 -49.37
N SER E 53 9.27 5.38 -48.57
CA SER E 53 10.46 4.49 -48.44
C SER E 53 11.70 5.26 -47.92
N ARG E 54 11.50 6.34 -47.16
CA ARG E 54 12.55 7.14 -46.43
C ARG E 54 12.73 6.51 -45.05
N PRO E 55 13.95 6.48 -44.45
CA PRO E 55 14.15 5.82 -43.15
C PRO E 55 14.08 6.75 -41.92
N PHE E 56 13.57 6.26 -40.79
CA PHE E 56 13.52 7.07 -39.54
C PHE E 56 13.77 6.17 -38.33
N ALA E 57 13.91 6.75 -37.13
CA ALA E 57 13.93 6.02 -35.84
C ALA E 57 12.64 6.30 -35.06
N LEU E 58 12.18 5.30 -34.34
CA LEU E 58 10.92 5.38 -33.54
C LEU E 58 11.26 4.98 -32.11
N LYS E 59 11.03 5.90 -31.18
CA LYS E 59 11.23 5.66 -29.74
C LYS E 59 9.86 5.62 -29.07
N VAL E 60 9.60 4.60 -28.26
CA VAL E 60 8.37 4.58 -27.42
C VAL E 60 8.65 5.35 -26.14
N ILE E 61 7.80 6.31 -25.81
CA ILE E 61 7.81 7.00 -24.49
C ILE E 61 6.57 6.56 -23.74
N TYR E 62 6.73 5.64 -22.77
CA TYR E 62 5.61 5.14 -21.91
C TYR E 62 6.01 5.24 -20.43
N GLY E 63 5.10 5.77 -19.60
CA GLY E 63 5.23 5.83 -18.13
C GLY E 63 3.91 6.28 -17.53
N ASN E 64 3.37 5.53 -16.57
CA ASN E 64 2.02 5.83 -16.02
C ASN E 64 2.12 5.82 -14.50
N HIS E 65 1.47 6.81 -13.87
CA HIS E 65 1.24 6.94 -12.41
C HIS E 65 2.59 7.04 -11.69
N GLU E 66 3.55 7.74 -12.30
CA GLU E 66 4.87 8.01 -11.70
C GLU E 66 5.17 9.50 -11.84
N ASP E 67 5.04 10.26 -10.76
CA ASP E 67 5.22 11.74 -10.68
C ASP E 67 6.59 12.16 -11.23
N TPO E 68 7.66 11.38 -10.95
CA TPO E 68 9.03 11.76 -11.30
CB TPO E 68 10.03 11.16 -10.31
CG2 TPO E 68 11.34 11.90 -10.18
OG1 TPO E 68 9.36 11.21 -9.01
P TPO E 68 9.78 10.09 -7.96
O1P TPO E 68 10.67 9.08 -8.67
O2P TPO E 68 8.48 9.47 -7.45
O3P TPO E 68 10.56 10.90 -6.93
C TPO E 68 9.39 11.34 -12.73
O TPO E 68 10.35 11.89 -13.29
N VAL E 69 8.67 10.37 -13.31
CA VAL E 69 8.89 10.01 -14.71
C VAL E 69 7.91 10.82 -15.57
N ARG E 70 6.75 11.23 -15.04
CA ARG E 70 5.76 12.03 -15.79
C ARG E 70 6.32 13.45 -16.01
N ARG E 71 7.19 13.94 -15.14
CA ARG E 71 7.92 15.20 -15.40
C ARG E 71 8.94 14.97 -16.52
N GLN E 72 9.64 13.84 -16.47
CA GLN E 72 10.69 13.53 -17.47
C GLN E 72 10.03 13.20 -18.81
N ILE E 73 8.78 12.73 -18.79
CA ILE E 73 8.08 12.54 -20.07
C ILE E 73 7.80 13.95 -20.58
N CYS E 74 7.27 14.82 -19.72
CA CYS E 74 6.88 16.19 -20.13
C CYS E 74 8.12 16.96 -20.58
N ARG E 75 9.26 16.72 -19.93
CA ARG E 75 10.51 17.48 -20.24
C ARG E 75 11.02 17.02 -21.59
N GLU E 76 11.13 15.71 -21.77
CA GLU E 76 11.77 15.12 -22.97
C GLU E 76 10.92 15.48 -24.18
N ILE E 77 9.58 15.37 -24.03
CA ILE E 77 8.62 15.67 -25.12
C ILE E 77 8.70 17.17 -25.42
N GLU E 78 8.92 17.99 -24.38
CA GLU E 78 9.03 19.47 -24.55
C GLU E 78 10.34 19.76 -25.28
N ILE E 79 11.41 18.98 -25.04
CA ILE E 79 12.77 19.31 -25.57
C ILE E 79 12.90 18.75 -26.98
N LEU E 80 12.34 17.57 -27.27
CA LEU E 80 12.44 16.98 -28.63
C LEU E 80 11.73 17.91 -29.62
N ARG E 81 10.56 18.40 -29.23
CA ARG E 81 9.73 19.28 -30.10
C ARG E 81 10.43 20.64 -30.34
N SER E 82 11.02 21.24 -29.33
CA SER E 82 11.59 22.60 -29.45
C SER E 82 12.84 22.63 -30.35
N VAL E 83 13.70 21.61 -30.28
CA VAL E 83 15.08 21.68 -30.89
C VAL E 83 15.01 21.80 -32.42
N ASP E 84 15.83 22.68 -32.99
CA ASP E 84 15.90 22.93 -34.45
C ASP E 84 17.29 23.49 -34.78
N HIS E 85 18.30 22.64 -34.60
CA HIS E 85 19.72 22.97 -34.90
C HIS E 85 20.30 21.85 -35.73
N PRO E 86 21.20 22.18 -36.68
CA PRO E 86 21.96 21.16 -37.42
C PRO E 86 22.65 20.04 -36.63
N ASN E 87 23.01 20.27 -35.36
CA ASN E 87 23.90 19.36 -34.59
C ASN E 87 23.15 18.83 -33.37
N VAL E 88 21.82 18.89 -33.39
CA VAL E 88 20.90 18.22 -32.44
C VAL E 88 19.99 17.33 -33.28
N VAL E 89 19.84 16.08 -32.88
CA VAL E 89 18.96 15.08 -33.54
C VAL E 89 17.57 15.66 -33.48
N LYS E 90 17.04 15.97 -34.67
CA LYS E 90 15.75 16.68 -34.88
C LYS E 90 14.61 15.67 -34.73
N CYS E 91 13.50 16.13 -34.16
CA CYS E 91 12.27 15.32 -34.07
C CYS E 91 11.32 15.78 -35.18
N HIS E 92 10.91 14.85 -36.06
CA HIS E 92 10.10 15.18 -37.26
C HIS E 92 8.61 15.16 -36.92
N ASP E 93 8.17 14.12 -36.24
CA ASP E 93 6.72 13.94 -36.02
C ASP E 93 6.52 13.32 -34.64
N MET E 94 5.29 13.28 -34.17
CA MET E 94 4.99 12.62 -32.89
C MET E 94 3.56 12.09 -32.94
N PHE E 95 3.34 10.89 -32.41
CA PHE E 95 2.04 10.16 -32.47
C PHE E 95 1.61 9.76 -31.08
N ASP E 96 0.38 10.06 -30.70
CA ASP E 96 -0.12 9.70 -29.35
C ASP E 96 -1.09 8.53 -29.49
N HIS E 97 -0.89 7.69 -30.51
CA HIS E 97 -1.65 6.43 -30.73
C HIS E 97 -1.39 5.46 -29.57
N ASN E 98 -2.45 4.74 -29.17
CA ASN E 98 -2.43 3.52 -28.30
C ASN E 98 -1.98 3.87 -26.88
N GLY E 99 -2.20 5.13 -26.45
CA GLY E 99 -1.86 5.63 -25.11
C GLY E 99 -0.36 5.69 -24.80
N GLU E 100 0.51 5.57 -25.80
CA GLU E 100 1.98 5.71 -25.60
C GLU E 100 2.48 6.74 -26.60
N ILE E 101 3.35 7.65 -26.17
CA ILE E 101 3.90 8.68 -27.09
C ILE E 101 5.00 8.02 -27.92
N GLN E 102 4.81 7.92 -29.24
CA GLN E 102 5.80 7.32 -30.15
C GLN E 102 6.43 8.45 -30.97
N VAL E 103 7.65 8.80 -30.59
CA VAL E 103 8.30 9.99 -31.16
C VAL E 103 9.16 9.53 -32.35
N LEU E 104 8.99 10.21 -33.47
CA LEU E 104 9.70 9.85 -34.71
C LEU E 104 10.92 10.73 -34.85
N LEU E 105 12.11 10.14 -34.80
CA LEU E 105 13.38 10.89 -34.89
C LEU E 105 14.10 10.61 -36.20
N GLU E 106 14.92 11.57 -36.62
CA GLU E 106 15.82 11.37 -37.78
C GLU E 106 16.80 10.24 -37.47
N PHE E 107 17.02 9.38 -38.46
CA PHE E 107 17.88 8.18 -38.34
C PHE E 107 19.34 8.56 -38.62
N MET E 108 20.23 8.20 -37.70
CA MET E 108 21.69 8.38 -37.91
C MET E 108 22.26 7.01 -38.26
N ASP E 109 22.53 6.78 -39.55
CA ASP E 109 22.91 5.44 -40.07
C ASP E 109 24.26 5.01 -39.51
N GLN E 110 25.23 5.91 -39.44
CA GLN E 110 26.63 5.50 -39.09
C GLN E 110 26.73 5.20 -37.59
N GLY E 111 25.65 5.36 -36.81
CA GLY E 111 25.62 5.03 -35.37
C GLY E 111 26.37 6.06 -34.53
N SER E 112 26.93 5.65 -33.40
CA SER E 112 27.56 6.59 -32.42
C SER E 112 29.04 6.86 -32.74
N LEU E 113 29.66 7.76 -32.00
CA LEU E 113 31.13 7.97 -32.03
C LEU E 113 31.76 7.17 -30.88
N GLU E 114 31.01 6.23 -30.29
CA GLU E 114 31.52 5.35 -29.22
C GLU E 114 32.77 4.62 -29.71
N GLY E 115 33.83 4.57 -28.90
CA GLY E 115 35.10 3.89 -29.18
C GLY E 115 35.88 4.50 -30.33
N ALA E 116 35.56 5.72 -30.76
CA ALA E 116 36.24 6.41 -31.87
C ALA E 116 37.67 6.78 -31.48
N HIS E 117 38.50 7.04 -32.46
CA HIS E 117 39.92 7.32 -32.22
C HIS E 117 40.38 8.29 -33.29
N ILE E 118 40.30 9.56 -32.97
CA ILE E 118 40.64 10.66 -33.90
C ILE E 118 41.79 11.39 -33.24
N TRP E 119 42.97 11.28 -33.80
CA TRP E 119 44.14 12.03 -33.27
C TRP E 119 44.45 13.19 -34.19
N GLN E 120 43.95 13.17 -35.43
CA GLN E 120 44.31 14.22 -36.40
C GLN E 120 43.69 15.52 -35.90
N GLU E 121 44.52 16.52 -35.67
CA GLU E 121 44.10 17.77 -35.01
C GLU E 121 42.97 18.44 -35.81
N GLN E 122 43.17 18.63 -37.11
CA GLN E 122 42.18 19.36 -37.95
C GLN E 122 40.92 18.50 -38.03
N GLU E 123 41.08 17.19 -38.20
CA GLU E 123 39.94 16.25 -38.25
C GLU E 123 39.16 16.37 -36.93
N LEU E 124 39.85 16.51 -35.79
CA LEU E 124 39.15 16.57 -34.46
C LEU E 124 38.54 17.97 -34.25
N ALA E 125 39.22 19.04 -34.64
CA ALA E 125 38.74 20.44 -34.48
C ALA E 125 37.45 20.68 -35.30
N ASP E 126 37.35 20.18 -36.53
CA ASP E 126 36.11 20.35 -37.32
C ASP E 126 35.06 19.36 -36.80
N LEU E 127 35.44 18.30 -36.09
CA LEU E 127 34.43 17.44 -35.43
C LEU E 127 33.95 18.11 -34.14
N SER E 128 34.84 18.83 -33.47
CA SER E 128 34.53 19.45 -32.15
C SER E 128 33.68 20.71 -32.37
N ARG E 129 33.82 21.40 -33.50
CA ARG E 129 33.04 22.64 -33.78
C ARG E 129 31.58 22.25 -33.97
N GLN E 130 31.36 21.05 -34.50
CA GLN E 130 29.98 20.56 -34.67
C GLN E 130 29.37 20.22 -33.32
N ILE E 131 30.09 19.51 -32.44
CA ILE E 131 29.44 19.04 -31.17
C ILE E 131 29.20 20.29 -30.31
N LEU E 132 30.09 21.30 -30.42
CA LEU E 132 29.98 22.61 -29.72
C LEU E 132 28.75 23.42 -30.16
N SER E 133 28.52 23.59 -31.48
CA SER E 133 27.45 24.47 -32.02
C SER E 133 26.09 23.91 -31.59
N GLY E 134 25.96 22.59 -31.55
CA GLY E 134 24.80 21.92 -30.95
C GLY E 134 24.74 22.19 -29.47
N LEU E 135 25.87 22.12 -28.76
CA LEU E 135 25.85 22.23 -27.28
C LEU E 135 25.59 23.69 -26.91
N ALA E 136 26.19 24.63 -27.62
CA ALA E 136 25.96 26.08 -27.36
C ALA E 136 24.52 26.47 -27.67
N TYR E 137 23.88 25.83 -28.65
CA TYR E 137 22.46 26.09 -29.00
C TYR E 137 21.58 25.69 -27.81
N LEU E 138 21.72 24.45 -27.37
CA LEU E 138 20.92 23.89 -26.25
C LEU E 138 21.12 24.79 -25.03
N HIS E 139 22.36 25.24 -24.79
CA HIS E 139 22.68 26.08 -23.62
C HIS E 139 22.12 27.49 -23.79
N ARG E 140 22.03 28.03 -25.01
CA ARG E 140 21.43 29.38 -25.10
C ARG E 140 19.90 29.26 -25.21
N ARG E 141 19.35 28.08 -25.47
CA ARG E 141 17.88 27.85 -25.32
C ARG E 141 17.61 27.28 -23.91
N HIS E 142 18.57 27.39 -22.99
CA HIS E 142 18.45 27.06 -21.55
C HIS E 142 18.07 25.58 -21.38
N ILE E 143 18.59 24.72 -22.26
CA ILE E 143 18.49 23.24 -22.12
C ILE E 143 19.85 22.72 -21.64
N VAL E 144 19.88 21.92 -20.59
CA VAL E 144 21.15 21.25 -20.18
C VAL E 144 21.00 19.75 -20.43
N HIS E 145 22.03 19.10 -20.95
CA HIS E 145 21.89 17.74 -21.53
C HIS E 145 22.13 16.69 -20.45
N ARG E 146 23.20 16.85 -19.68
CA ARG E 146 23.67 16.05 -18.49
C ARG E 146 23.96 14.57 -18.80
N ASP E 147 23.90 14.10 -20.05
CA ASP E 147 24.49 12.79 -20.38
C ASP E 147 25.13 12.88 -21.76
N ILE E 148 25.92 13.92 -22.02
CA ILE E 148 26.92 13.91 -23.12
C ILE E 148 27.94 12.81 -22.79
N LYS E 149 27.96 11.74 -23.59
CA LYS E 149 29.04 10.72 -23.68
C LYS E 149 29.19 10.45 -25.17
N PRO E 150 30.20 9.72 -25.70
CA PRO E 150 30.24 9.44 -27.14
C PRO E 150 29.08 8.53 -27.60
N SER E 151 28.59 7.67 -26.72
CA SER E 151 27.45 6.73 -26.92
C SER E 151 26.16 7.48 -27.27
N ASN E 152 26.05 8.77 -26.96
CA ASN E 152 24.91 9.67 -27.33
C ASN E 152 25.41 10.74 -28.32
N LEU E 153 26.58 10.56 -28.93
CA LEU E 153 26.99 11.49 -30.01
C LEU E 153 26.91 10.76 -31.34
N LEU E 154 25.90 11.06 -32.16
CA LEU E 154 25.55 10.29 -33.37
C LEU E 154 26.10 10.96 -34.64
N ILE E 155 26.43 10.13 -35.62
CA ILE E 155 27.02 10.58 -36.92
C ILE E 155 26.21 9.89 -38.03
N ASN E 156 26.44 10.24 -39.30
CA ASN E 156 25.59 9.73 -40.40
C ASN E 156 26.43 9.54 -41.67
N SER E 157 25.78 9.10 -42.75
CA SER E 157 26.37 9.00 -44.10
C SER E 157 27.15 10.27 -44.46
N ALA E 158 26.56 11.45 -44.22
CA ALA E 158 27.17 12.74 -44.64
C ALA E 158 28.24 13.20 -43.62
N LYS E 159 28.45 12.41 -42.56
CA LYS E 159 29.60 12.61 -41.61
C LYS E 159 29.46 13.92 -40.81
N ASN E 160 28.25 14.38 -40.54
CA ASN E 160 28.04 15.48 -39.57
C ASN E 160 27.46 14.89 -38.27
N VAL E 161 27.79 15.49 -37.13
CA VAL E 161 27.49 14.90 -35.79
C VAL E 161 26.31 15.64 -35.15
N LYS E 162 25.46 14.90 -34.44
CA LYS E 162 24.23 15.47 -33.82
C LYS E 162 24.09 14.89 -32.42
N ILE E 163 23.82 15.74 -31.42
CA ILE E 163 23.63 15.32 -30.00
C ILE E 163 22.33 14.54 -29.91
N ALA E 164 22.24 13.50 -29.10
CA ALA E 164 21.06 12.61 -29.14
C ALA E 164 20.29 12.53 -27.81
N ASP E 165 20.50 11.53 -26.96
CA ASP E 165 19.46 11.11 -25.98
C ASP E 165 19.16 12.26 -25.00
N PHE E 166 17.88 12.61 -24.84
CA PHE E 166 17.43 13.73 -23.98
C PHE E 166 16.66 13.18 -22.77
N GLY E 167 16.85 11.90 -22.45
CA GLY E 167 16.06 11.25 -21.38
C GLY E 167 16.38 11.81 -20.01
N VAL E 168 17.60 12.27 -19.81
CA VAL E 168 18.11 12.74 -18.50
C VAL E 168 18.05 14.26 -18.51
N SER E 169 18.17 14.88 -19.68
CA SER E 169 18.19 16.35 -19.85
C SER E 169 16.95 17.00 -19.23
N ARG E 170 17.13 18.24 -18.74
CA ARG E 170 16.05 19.14 -18.28
C ARG E 170 16.22 20.51 -18.92
N ILE E 171 15.26 21.38 -18.64
CA ILE E 171 15.23 22.78 -19.16
C ILE E 171 15.07 23.69 -17.94
N LEU E 172 15.68 24.87 -17.98
CA LEU E 172 15.93 25.70 -16.78
C LEU E 172 15.12 26.98 -16.87
N ALA E 173 14.64 27.48 -15.73
CA ALA E 173 13.83 28.70 -15.64
C ALA E 173 14.60 29.93 -16.16
N GLN E 174 15.84 30.18 -15.72
CA GLN E 174 16.68 31.29 -16.27
C GLN E 174 18.07 30.78 -16.68
N TPO E 175 19.01 31.72 -16.92
CA TPO E 175 20.35 31.44 -17.45
CB TPO E 175 20.87 32.62 -18.30
CG2 TPO E 175 22.03 32.28 -19.21
OG1 TPO E 175 19.80 33.17 -19.18
P TPO E 175 19.25 34.71 -19.13
O1P TPO E 175 18.73 35.05 -20.52
O2P TPO E 175 20.46 35.56 -18.76
O3P TPO E 175 18.15 34.74 -18.06
C TPO E 175 21.27 31.02 -16.28
O TPO E 175 22.34 30.47 -16.50
N MET E 176 20.85 31.32 -15.03
CA MET E 176 21.41 30.74 -13.81
C MET E 176 20.23 30.22 -12.97
N ASP E 177 20.07 28.90 -12.93
CA ASP E 177 19.03 28.20 -12.12
C ASP E 177 19.58 26.81 -11.87
N PRO E 178 19.95 26.46 -10.62
CA PRO E 178 20.61 25.19 -10.34
C PRO E 178 19.82 23.90 -10.59
N CYS E 179 20.54 22.82 -10.90
CA CYS E 179 19.97 21.48 -11.12
C CYS E 179 20.39 20.63 -9.93
N ASN E 180 19.55 19.72 -9.44
CA ASN E 180 19.90 18.96 -8.21
C ASN E 180 19.81 17.47 -8.40
N SEP E 181 19.32 16.97 -9.55
CA SEP E 181 19.03 15.55 -9.69
CB SEP E 181 18.02 15.29 -10.78
OG SEP E 181 16.83 16.05 -10.52
C SEP E 181 20.31 14.75 -9.94
O SEP E 181 21.17 15.19 -10.73
P SEP E 181 16.45 17.23 -11.54
O1P SEP E 181 16.32 16.46 -12.85
O2P SEP E 181 17.58 18.28 -11.47
O3P SEP E 181 15.12 17.83 -11.11
N SER E 182 20.39 13.53 -9.35
CA SER E 182 21.50 12.63 -9.61
C SER E 182 21.19 11.79 -10.84
N VAL E 183 21.43 12.37 -12.01
CA VAL E 183 21.08 11.76 -13.32
C VAL E 183 22.33 11.68 -14.18
N GLY E 184 22.22 10.88 -15.23
CA GLY E 184 23.25 10.69 -16.27
C GLY E 184 24.05 9.45 -15.97
N THR E 185 25.23 9.37 -16.54
CA THR E 185 26.12 8.21 -16.35
C THR E 185 27.40 8.71 -15.72
N ILE E 186 27.86 7.94 -14.72
CA ILE E 186 28.74 8.39 -13.62
C ILE E 186 30.12 8.70 -14.21
N ALA E 187 30.52 7.93 -15.21
CA ALA E 187 31.87 7.99 -15.80
C ALA E 187 32.09 9.29 -16.59
N TYR E 188 31.06 10.10 -16.85
CA TYR E 188 31.27 11.32 -17.66
C TYR E 188 30.78 12.56 -16.92
N MET E 189 30.21 12.33 -15.72
CA MET E 189 29.75 13.39 -14.79
C MET E 189 30.96 14.22 -14.34
N SER E 190 30.72 15.50 -14.09
CA SER E 190 31.75 16.42 -13.54
C SER E 190 31.99 16.07 -12.08
N PRO E 191 33.13 16.48 -11.48
CA PRO E 191 33.40 16.18 -10.07
C PRO E 191 32.29 16.74 -9.17
N GLU E 192 31.81 17.94 -9.50
CA GLU E 192 30.75 18.61 -8.72
C GLU E 192 29.47 17.77 -8.74
N ARG E 193 29.23 17.00 -9.79
CA ARG E 193 27.98 16.19 -9.89
C ARG E 193 28.12 14.90 -9.08
N ILE E 194 29.35 14.50 -8.73
CA ILE E 194 29.57 13.19 -8.04
C ILE E 194 29.71 13.43 -6.53
N ASN E 195 30.64 14.29 -6.13
CA ASN E 195 30.74 14.83 -4.76
C ASN E 195 29.75 15.98 -4.68
N THR E 196 28.53 15.73 -4.21
CA THR E 196 27.45 16.75 -4.08
C THR E 196 27.19 17.10 -2.62
N ASP E 197 28.16 16.99 -1.70
CA ASP E 197 27.90 17.33 -0.28
C ASP E 197 27.73 18.84 -0.14
N LEU E 198 28.64 19.63 -0.70
CA LEU E 198 28.83 21.06 -0.31
C LEU E 198 27.63 21.89 -0.76
N ASN E 199 27.06 21.60 -1.92
CA ASN E 199 26.00 22.51 -2.42
C ASN E 199 24.63 21.82 -2.35
N HIS E 200 24.48 20.79 -1.53
CA HIS E 200 23.19 20.09 -1.26
C HIS E 200 22.56 19.57 -2.56
N GLY E 201 23.39 18.94 -3.41
CA GLY E 201 22.95 18.33 -4.68
C GLY E 201 23.02 19.31 -5.83
N ARG E 202 23.15 20.61 -5.57
CA ARG E 202 22.99 21.64 -6.62
C ARG E 202 24.31 21.79 -7.37
N TYR E 203 24.24 21.99 -8.69
CA TYR E 203 25.42 22.11 -9.57
C TYR E 203 25.13 22.99 -10.78
N ASP E 204 26.18 23.55 -11.39
CA ASP E 204 25.97 24.28 -12.66
C ASP E 204 25.78 23.22 -13.74
N GLY E 205 24.56 23.13 -14.28
CA GLY E 205 24.19 22.13 -15.29
C GLY E 205 24.86 22.43 -16.61
N TYR E 206 25.19 23.70 -16.86
CA TYR E 206 25.84 24.12 -18.12
C TYR E 206 27.28 23.60 -18.11
N ALA E 207 28.03 23.89 -17.07
CA ALA E 207 29.46 23.51 -17.01
C ALA E 207 29.56 22.00 -16.77
N GLY E 208 28.54 21.38 -16.19
CA GLY E 208 28.49 19.92 -16.02
C GLY E 208 28.55 19.24 -17.38
N ASP E 209 27.85 19.84 -18.35
CA ASP E 209 27.90 19.44 -19.78
C ASP E 209 29.29 19.71 -20.38
N VAL E 210 29.87 20.88 -20.09
CA VAL E 210 31.15 21.28 -20.75
C VAL E 210 32.33 20.46 -20.21
N TRP E 211 32.17 19.86 -19.02
CA TRP E 211 33.11 18.81 -18.54
C TRP E 211 32.94 17.61 -19.44
N SER E 212 31.69 17.22 -19.72
CA SER E 212 31.36 15.94 -20.40
C SER E 212 31.90 16.00 -21.84
N LEU E 213 31.86 17.19 -22.45
CA LEU E 213 32.41 17.43 -23.80
C LEU E 213 33.92 17.17 -23.74
N GLY E 214 34.57 17.71 -22.70
CA GLY E 214 36.03 17.71 -22.52
C GLY E 214 36.55 16.29 -22.34
N VAL E 215 35.83 15.44 -21.60
CA VAL E 215 36.22 14.02 -21.38
C VAL E 215 36.05 13.29 -22.71
N SER E 216 34.99 13.59 -23.44
CA SER E 216 34.67 12.92 -24.73
C SER E 216 35.66 13.34 -25.82
N ILE E 217 35.99 14.63 -25.95
CA ILE E 217 37.00 15.12 -26.93
C ILE E 217 38.40 14.59 -26.60
N LEU E 218 38.71 14.46 -25.32
CA LEU E 218 39.96 13.77 -24.92
C LEU E 218 39.84 12.26 -25.18
N GLU E 219 38.66 11.65 -25.08
CA GLU E 219 38.49 10.20 -25.31
C GLU E 219 38.62 9.88 -26.82
N PHE E 220 38.36 10.85 -27.68
CA PHE E 220 38.57 10.68 -29.12
C PHE E 220 40.07 10.71 -29.37
N TYR E 221 40.82 11.53 -28.62
CA TYR E 221 42.28 11.75 -28.87
C TYR E 221 43.10 10.58 -28.33
N LEU E 222 42.78 10.10 -27.15
CA LEU E 222 43.57 9.00 -26.55
C LEU E 222 43.06 7.66 -27.10
N GLY E 223 41.81 7.60 -27.53
CA GLY E 223 41.19 6.34 -27.99
C GLY E 223 40.89 5.39 -26.83
N ARG E 224 41.09 5.84 -25.59
CA ARG E 224 40.65 5.10 -24.38
C ARG E 224 39.94 6.12 -23.50
N PHE E 225 39.27 5.63 -22.46
CA PHE E 225 38.71 6.48 -21.39
C PHE E 225 39.85 7.23 -20.72
N PRO E 226 39.87 8.59 -20.68
CA PRO E 226 41.06 9.34 -20.24
C PRO E 226 41.35 9.32 -18.73
N PHE E 227 40.54 8.61 -17.96
CA PHE E 227 40.81 8.33 -16.53
C PHE E 227 41.47 6.96 -16.45
N ALA E 228 41.96 6.60 -15.28
CA ALA E 228 42.75 5.37 -15.09
C ALA E 228 41.85 4.23 -14.64
N VAL E 229 40.59 4.16 -15.08
CA VAL E 229 39.61 3.16 -14.56
C VAL E 229 38.65 2.68 -15.67
N SER E 230 37.82 1.70 -15.32
CA SER E 230 36.69 1.22 -16.15
C SER E 230 35.54 2.22 -16.11
N ARG E 231 34.89 2.45 -17.24
CA ARG E 231 33.63 3.23 -17.29
C ARG E 231 32.54 2.56 -16.44
N GLN E 232 32.49 1.22 -16.43
CA GLN E 232 31.45 0.44 -15.70
C GLN E 232 32.04 -0.10 -14.39
N GLY E 233 33.07 0.58 -13.86
CA GLY E 233 33.77 0.20 -12.62
C GLY E 233 33.00 0.55 -11.36
N ASP E 234 33.70 0.54 -10.22
CA ASP E 234 33.11 0.76 -8.88
C ASP E 234 32.69 2.23 -8.77
N TRP E 235 31.82 2.54 -7.79
CA TRP E 235 31.54 3.95 -7.39
C TRP E 235 32.83 4.59 -6.88
N ALA E 236 33.50 3.92 -5.94
CA ALA E 236 34.62 4.50 -5.17
C ALA E 236 35.86 4.66 -6.05
N SER E 237 36.05 3.82 -7.06
CA SER E 237 37.20 3.97 -8.01
C SER E 237 36.90 5.12 -8.97
N LEU E 238 35.64 5.27 -9.40
CA LEU E 238 35.21 6.31 -10.38
C LEU E 238 35.24 7.69 -9.71
N MET E 239 34.75 7.74 -8.47
CA MET E 239 34.69 8.97 -7.63
C MET E 239 36.12 9.47 -7.42
N CYS E 240 37.02 8.59 -6.96
CA CYS E 240 38.39 8.94 -6.54
C CYS E 240 39.22 9.35 -7.76
N ALA E 241 38.94 8.82 -8.96
CA ALA E 241 39.71 9.17 -10.19
C ALA E 241 39.22 10.51 -10.76
N ILE E 242 37.93 10.80 -10.63
CA ILE E 242 37.33 12.03 -11.21
C ILE E 242 37.38 13.14 -10.17
N CYS E 243 36.93 12.88 -8.93
CA CYS E 243 36.81 13.91 -7.85
C CYS E 243 38.13 14.21 -7.14
N MET E 244 38.87 13.17 -6.74
CA MET E 244 39.97 13.29 -5.74
C MET E 244 41.32 13.13 -6.43
N SER E 245 41.35 13.30 -7.75
CA SER E 245 42.61 13.44 -8.53
C SER E 245 42.56 14.74 -9.32
N GLN E 246 43.66 15.12 -9.95
CA GLN E 246 43.64 16.31 -10.83
C GLN E 246 42.92 15.90 -12.12
N PRO E 247 42.18 16.82 -12.79
CA PRO E 247 41.63 16.53 -14.11
C PRO E 247 42.71 16.15 -15.11
N PRO E 248 42.36 15.34 -16.15
CA PRO E 248 43.33 14.94 -17.16
C PRO E 248 43.73 16.12 -18.05
N GLU E 249 44.86 15.97 -18.70
CA GLU E 249 45.27 16.91 -19.76
C GLU E 249 45.59 16.11 -21.03
N ALA E 250 45.70 16.84 -22.13
CA ALA E 250 46.31 16.33 -23.36
C ALA E 250 47.77 16.14 -23.04
N PRO E 251 48.41 15.06 -23.54
CA PRO E 251 49.86 14.95 -23.44
C PRO E 251 50.61 16.12 -24.12
N ALA E 252 51.87 16.32 -23.71
CA ALA E 252 52.73 17.45 -24.13
C ALA E 252 53.04 17.34 -25.62
N THR E 253 52.96 16.12 -26.18
CA THR E 253 53.12 15.77 -27.61
C THR E 253 52.10 16.52 -28.48
N ALA E 254 50.90 16.78 -27.96
CA ALA E 254 49.82 17.50 -28.66
C ALA E 254 50.11 19.00 -28.74
N SER E 255 49.19 19.77 -29.31
CA SER E 255 49.45 21.20 -29.64
C SER E 255 49.35 22.04 -28.38
N GLN E 256 49.86 23.27 -28.41
CA GLN E 256 49.52 24.27 -27.36
C GLN E 256 48.04 24.67 -27.48
N GLU E 257 47.40 24.62 -28.65
CA GLU E 257 45.96 24.96 -28.79
C GLU E 257 45.13 23.85 -28.12
N PHE E 258 45.50 22.59 -28.25
CA PHE E 258 44.61 21.49 -27.82
C PHE E 258 44.89 21.14 -26.37
N ARG E 259 46.14 21.31 -25.92
CA ARG E 259 46.47 21.21 -24.47
C ARG E 259 45.69 22.31 -23.73
N HIS E 260 45.62 23.52 -24.32
CA HIS E 260 44.88 24.66 -23.72
C HIS E 260 43.38 24.37 -23.73
N PHE E 261 42.86 23.66 -24.74
CA PHE E 261 41.40 23.49 -24.95
C PHE E 261 40.89 22.49 -23.92
N VAL E 262 41.62 21.43 -23.61
CA VAL E 262 41.12 20.42 -22.62
C VAL E 262 41.15 21.06 -21.23
N SER E 263 42.12 21.95 -20.97
CA SER E 263 42.21 22.69 -19.68
C SER E 263 41.11 23.76 -19.59
N CYS E 264 40.56 24.25 -20.70
CA CYS E 264 39.42 25.22 -20.69
C CYS E 264 38.08 24.50 -20.43
N CYS E 265 38.02 23.17 -20.59
CA CYS E 265 36.80 22.33 -20.36
C CYS E 265 36.97 21.60 -19.03
N LEU E 266 38.11 20.93 -18.87
CA LEU E 266 38.39 20.15 -17.65
C LEU E 266 39.10 21.07 -16.67
N GLN E 267 38.32 21.92 -16.03
CA GLN E 267 38.70 22.59 -14.77
C GLN E 267 37.92 21.87 -13.67
N SER E 268 38.57 21.56 -12.54
CA SER E 268 37.87 20.88 -11.42
C SER E 268 36.98 21.88 -10.69
N ASP E 269 37.28 23.19 -10.75
CA ASP E 269 36.39 24.22 -10.15
C ASP E 269 35.53 24.81 -11.26
N PRO E 270 34.21 24.54 -11.24
CA PRO E 270 33.35 24.78 -12.39
C PRO E 270 33.35 26.16 -13.03
N PRO E 271 33.37 27.31 -12.33
CA PRO E 271 33.28 28.57 -13.08
C PRO E 271 34.54 28.98 -13.85
N LYS E 272 35.67 28.33 -13.59
CA LYS E 272 36.90 28.61 -14.37
C LYS E 272 36.77 28.00 -15.76
N ARG E 273 35.85 27.02 -15.93
CA ARG E 273 35.57 26.38 -17.23
C ARG E 273 35.08 27.45 -18.18
N TRP E 274 35.41 27.28 -19.45
CA TRP E 274 34.85 28.12 -20.52
C TRP E 274 33.38 27.76 -20.76
N SER E 275 32.65 28.77 -21.24
CA SER E 275 31.31 28.63 -21.83
C SER E 275 31.39 27.72 -23.07
N ALA E 276 30.35 26.95 -23.34
CA ALA E 276 30.14 26.31 -24.66
C ALA E 276 30.07 27.39 -25.77
N GLN E 277 29.47 28.56 -25.52
CA GLN E 277 29.43 29.68 -26.49
C GLN E 277 30.83 30.26 -26.71
N GLN E 278 31.67 30.26 -25.67
CA GLN E 278 33.01 30.87 -25.78
C GLN E 278 33.98 29.88 -26.42
N LEU E 279 33.74 28.58 -26.27
CA LEU E 279 34.70 27.58 -26.81
C LEU E 279 34.59 27.52 -28.33
N LEU E 280 33.52 28.03 -28.92
CA LEU E 280 33.44 28.28 -30.38
C LEU E 280 34.54 29.29 -30.78
N GLN E 281 34.92 30.20 -29.88
CA GLN E 281 35.91 31.28 -30.14
C GLN E 281 37.31 30.85 -29.66
N HIS E 282 37.46 29.59 -29.27
CA HIS E 282 38.80 29.06 -28.88
C HIS E 282 39.63 28.83 -30.14
N PRO E 283 40.94 29.20 -30.14
CA PRO E 283 41.77 29.02 -31.34
C PRO E 283 42.02 27.57 -31.78
N PHE E 284 41.56 26.57 -31.05
CA PHE E 284 41.60 25.19 -31.57
C PHE E 284 40.47 24.98 -32.56
N ILE E 285 39.31 25.49 -32.20
CA ILE E 285 38.07 25.31 -33.00
C ILE E 285 38.14 26.17 -34.26
N LEU E 286 38.67 27.39 -34.16
CA LEU E 286 38.54 28.45 -35.19
C LEU E 286 39.52 28.19 -36.36
N LYS E 287 40.10 27.00 -36.50
CA LYS E 287 41.04 26.76 -37.65
C LYS E 287 40.25 26.46 -38.92
N ALA E 288 39.12 25.75 -38.82
CA ALA E 288 38.07 25.75 -39.88
C ALA E 288 36.71 25.50 -39.24
N ALA F 24 -35.93 25.45 5.55
CA ALA F 24 -35.96 24.11 6.23
C ALA F 24 -35.01 24.13 7.44
N LYS F 25 -35.24 23.28 8.45
CA LYS F 25 -34.45 23.33 9.71
C LYS F 25 -34.16 21.95 10.31
N SEP F 26 -34.92 20.87 9.98
CA SEP F 26 -34.55 19.52 10.43
CB SEP F 26 -35.47 19.03 11.54
OG SEP F 26 -35.23 17.59 11.72
C SEP F 26 -34.48 18.51 9.27
O SEP F 26 -35.12 18.72 8.24
P SEP F 26 -34.32 17.05 12.97
O1P SEP F 26 -32.86 17.32 12.65
O2P SEP F 26 -34.62 15.55 13.09
O3P SEP F 26 -34.78 17.85 14.16
N LEU F 27 -33.70 17.43 9.47
CA LEU F 27 -33.47 16.37 8.49
C LEU F 27 -34.69 15.44 8.42
N SER F 28 -35.46 15.37 9.49
CA SER F 28 -36.63 14.46 9.58
C SER F 28 -37.79 15.03 8.74
N GLU F 29 -37.78 16.34 8.41
CA GLU F 29 -38.78 17.00 7.52
C GLU F 29 -38.63 16.54 6.07
N LEU F 30 -37.43 16.15 5.66
CA LEU F 30 -37.13 15.95 4.21
C LEU F 30 -36.80 14.48 3.93
N GLU F 31 -37.36 13.97 2.82
CA GLU F 31 -37.34 12.53 2.46
C GLU F 31 -36.82 12.33 1.03
N ARG F 32 -36.04 11.26 0.86
CA ARG F 32 -35.23 10.94 -0.36
C ARG F 32 -36.18 10.67 -1.54
N VAL F 33 -35.79 11.08 -2.73
CA VAL F 33 -36.55 10.79 -3.99
C VAL F 33 -35.63 10.05 -4.96
N ASN F 34 -34.54 10.68 -5.41
CA ASN F 34 -33.73 10.21 -6.56
C ASN F 34 -32.27 10.68 -6.44
N ARG F 35 -31.33 9.91 -6.99
CA ARG F 35 -29.88 10.28 -7.08
C ARG F 35 -29.68 11.41 -8.11
N THR F 43 -22.70 10.46 -5.01
CA THR F 43 -23.81 10.33 -4.01
C THR F 43 -24.28 11.74 -3.60
N VAL F 44 -25.23 12.28 -4.38
CA VAL F 44 -25.99 13.54 -4.12
C VAL F 44 -27.45 13.30 -4.51
N TYR F 45 -28.40 13.59 -3.60
CA TYR F 45 -29.83 13.18 -3.70
C TYR F 45 -30.73 14.43 -3.79
N LYS F 46 -31.97 14.21 -4.24
CA LYS F 46 -33.05 15.24 -4.26
C LYS F 46 -34.04 14.87 -3.15
N VAL F 47 -34.36 15.83 -2.29
CA VAL F 47 -35.25 15.58 -1.12
C VAL F 47 -36.35 16.63 -1.15
N ILE F 48 -37.50 16.36 -0.55
CA ILE F 48 -38.59 17.37 -0.46
C ILE F 48 -38.79 17.75 1.02
N HIS F 49 -38.92 19.03 1.33
CA HIS F 49 -39.19 19.49 2.72
C HIS F 49 -40.70 19.67 2.82
N THR F 50 -41.35 18.91 3.69
CA THR F 50 -42.83 18.84 3.72
C THR F 50 -43.37 20.23 4.06
N PRO F 51 -42.92 20.91 5.13
CA PRO F 51 -43.50 22.18 5.55
C PRO F 51 -43.62 23.24 4.45
N THR F 52 -42.56 23.43 3.68
CA THR F 52 -42.53 24.41 2.57
C THR F 52 -42.82 23.69 1.24
N SER F 53 -42.96 22.36 1.28
CA SER F 53 -43.18 21.52 0.07
C SER F 53 -42.17 21.91 -1.02
N ARG F 54 -40.90 22.08 -0.65
CA ARG F 54 -39.85 22.57 -1.58
C ARG F 54 -38.87 21.45 -1.88
N PRO F 55 -38.57 21.18 -3.16
CA PRO F 55 -37.49 20.25 -3.51
C PRO F 55 -36.13 20.84 -3.18
N PHE F 56 -35.17 20.02 -2.77
CA PHE F 56 -33.79 20.47 -2.44
C PHE F 56 -32.78 19.42 -2.84
N ALA F 57 -31.49 19.78 -2.82
CA ALA F 57 -30.35 18.88 -3.13
C ALA F 57 -29.52 18.62 -1.87
N LEU F 58 -29.32 17.35 -1.52
CA LEU F 58 -28.64 16.96 -0.27
C LEU F 58 -27.34 16.22 -0.61
N LYS F 59 -26.21 16.73 -0.11
CA LYS F 59 -24.86 16.18 -0.36
C LYS F 59 -24.32 15.64 0.96
N VAL F 60 -23.65 14.49 0.90
CA VAL F 60 -22.89 13.91 2.05
C VAL F 60 -21.43 14.36 1.99
N ILE F 61 -20.90 14.72 3.15
CA ILE F 61 -19.44 14.91 3.37
C ILE F 61 -19.05 13.97 4.51
N TYR F 62 -18.21 12.97 4.27
CA TYR F 62 -17.71 12.08 5.35
C TYR F 62 -16.28 12.48 5.69
N GLY F 63 -16.01 12.62 6.99
CA GLY F 63 -14.66 12.87 7.52
C GLY F 63 -13.85 11.58 7.61
N ASN F 64 -12.97 11.35 6.65
CA ASN F 64 -11.96 10.28 6.75
C ASN F 64 -10.85 10.72 7.72
N HIS F 65 -10.05 9.76 8.20
CA HIS F 65 -8.88 10.00 9.08
C HIS F 65 -7.75 10.76 8.36
N GLU F 66 -7.69 10.76 7.02
CA GLU F 66 -6.54 11.35 6.27
C GLU F 66 -6.63 12.88 6.38
N ASP F 67 -5.50 13.56 6.54
CA ASP F 67 -5.46 15.00 6.90
C ASP F 67 -5.86 15.86 5.71
N TPO F 68 -5.52 15.42 4.49
CA TPO F 68 -5.82 16.16 3.27
CB TPO F 68 -4.92 15.73 2.10
CG2 TPO F 68 -5.04 16.59 0.85
OG1 TPO F 68 -3.53 15.80 2.55
P TPO F 68 -2.55 14.56 2.30
O1P TPO F 68 -1.16 15.16 2.25
O2P TPO F 68 -2.99 13.98 0.95
O3P TPO F 68 -2.77 13.57 3.44
C TPO F 68 -7.30 15.97 2.95
O TPO F 68 -7.88 16.80 2.25
N VAL F 69 -7.92 14.90 3.46
CA VAL F 69 -9.37 14.78 3.46
C VAL F 69 -9.90 15.80 4.46
N ARG F 70 -9.34 15.86 5.67
CA ARG F 70 -9.82 16.75 6.76
C ARG F 70 -9.65 18.22 6.39
N ARG F 71 -8.56 18.58 5.69
CA ARG F 71 -8.37 19.96 5.18
C ARG F 71 -9.46 20.26 4.15
N GLN F 72 -9.82 19.25 3.35
CA GLN F 72 -10.73 19.37 2.20
C GLN F 72 -12.14 19.45 2.73
N ILE F 73 -12.43 18.78 3.87
CA ILE F 73 -13.77 18.92 4.51
C ILE F 73 -13.87 20.40 4.91
N CYS F 74 -12.90 20.90 5.67
CA CYS F 74 -12.97 22.27 6.23
C CYS F 74 -13.14 23.29 5.12
N ARG F 75 -12.27 23.29 4.11
CA ARG F 75 -12.28 24.37 3.09
C ARG F 75 -13.61 24.31 2.32
N GLU F 76 -14.13 23.12 2.08
CA GLU F 76 -15.44 23.01 1.38
C GLU F 76 -16.55 23.55 2.28
N ILE F 77 -16.64 23.06 3.52
CA ILE F 77 -17.72 23.49 4.47
C ILE F 77 -17.61 25.02 4.65
N GLU F 78 -16.39 25.57 4.68
CA GLU F 78 -16.13 27.02 4.90
C GLU F 78 -16.63 27.79 3.67
N ILE F 79 -16.61 27.16 2.50
CA ILE F 79 -17.05 27.85 1.26
C ILE F 79 -18.57 27.69 1.13
N LEU F 80 -19.19 26.57 1.50
CA LEU F 80 -20.63 26.31 1.19
C LEU F 80 -21.51 27.21 2.06
N ARG F 81 -21.12 27.45 3.32
CA ARG F 81 -21.86 28.40 4.19
C ARG F 81 -21.56 29.83 3.75
N SER F 82 -20.32 30.18 3.46
CA SER F 82 -19.91 31.59 3.20
C SER F 82 -20.39 32.15 1.85
N VAL F 83 -20.47 31.38 0.76
CA VAL F 83 -20.77 31.95 -0.59
C VAL F 83 -22.18 32.54 -0.65
N ASP F 84 -22.33 33.70 -1.32
CA ASP F 84 -23.64 34.38 -1.55
C ASP F 84 -23.59 35.16 -2.87
N HIS F 85 -23.99 34.52 -3.97
CA HIS F 85 -24.02 35.11 -5.33
C HIS F 85 -25.14 34.44 -6.13
N PRO F 86 -25.86 35.18 -6.99
CA PRO F 86 -26.88 34.56 -7.84
C PRO F 86 -26.23 33.47 -8.69
N ASN F 87 -24.94 33.66 -9.01
CA ASN F 87 -24.21 32.79 -9.97
C ASN F 87 -23.40 31.72 -9.24
N VAL F 88 -23.58 31.57 -7.92
CA VAL F 88 -22.95 30.46 -7.16
C VAL F 88 -24.02 29.75 -6.35
N VAL F 89 -24.09 28.42 -6.45
CA VAL F 89 -25.07 27.63 -5.65
C VAL F 89 -24.82 27.92 -4.17
N LYS F 90 -25.88 28.34 -3.47
CA LYS F 90 -25.85 28.59 -2.00
C LYS F 90 -26.31 27.30 -1.29
N CYS F 91 -25.81 27.07 -0.08
CA CYS F 91 -26.41 26.10 0.87
C CYS F 91 -27.31 26.87 1.85
N HIS F 92 -28.39 26.24 2.25
CA HIS F 92 -29.43 26.89 3.10
C HIS F 92 -29.25 26.45 4.55
N ASP F 93 -28.90 25.19 4.75
CA ASP F 93 -28.78 24.63 6.12
C ASP F 93 -27.78 23.46 6.08
N MET F 94 -27.25 23.11 7.24
CA MET F 94 -26.17 22.09 7.39
C MET F 94 -26.50 21.24 8.61
N PHE F 95 -26.40 19.94 8.48
CA PHE F 95 -26.85 19.00 9.54
C PHE F 95 -25.78 17.95 9.78
N ASP F 96 -25.93 17.25 10.89
CA ASP F 96 -24.88 16.33 11.39
C ASP F 96 -25.57 15.15 12.06
N HIS F 97 -25.89 14.13 11.27
CA HIS F 97 -26.38 12.82 11.79
C HIS F 97 -25.21 11.86 11.75
N ASN F 98 -24.82 11.39 12.93
CA ASN F 98 -23.95 10.20 13.12
C ASN F 98 -22.58 10.50 12.51
N GLY F 99 -22.11 11.75 12.64
CA GLY F 99 -20.75 12.21 12.25
C GLY F 99 -20.58 12.39 10.74
N GLU F 100 -21.63 12.17 9.96
CA GLU F 100 -21.57 12.40 8.49
C GLU F 100 -22.29 13.72 8.21
N ILE F 101 -21.70 14.57 7.39
CA ILE F 101 -22.17 15.98 7.27
C ILE F 101 -23.20 16.03 6.15
N GLN F 102 -24.37 16.56 6.46
CA GLN F 102 -25.50 16.68 5.52
C GLN F 102 -25.62 18.16 5.14
N VAL F 103 -25.26 18.49 3.91
CA VAL F 103 -25.36 19.89 3.46
C VAL F 103 -26.49 19.98 2.45
N LEU F 104 -27.42 20.91 2.69
CA LEU F 104 -28.67 21.07 1.90
C LEU F 104 -28.50 22.26 0.96
N LEU F 105 -28.77 22.06 -0.32
CA LEU F 105 -28.45 23.02 -1.40
C LEU F 105 -29.68 23.28 -2.25
N GLU F 106 -29.64 24.39 -3.00
CA GLU F 106 -30.67 24.76 -4.01
C GLU F 106 -30.78 23.65 -5.04
N PHE F 107 -31.98 23.23 -5.35
CA PHE F 107 -32.20 22.29 -6.48
C PHE F 107 -32.03 23.07 -7.77
N MET F 108 -31.33 22.51 -8.75
CA MET F 108 -31.21 23.15 -10.08
C MET F 108 -32.00 22.33 -11.09
N ASP F 109 -32.92 23.00 -11.81
CA ASP F 109 -34.02 22.34 -12.56
C ASP F 109 -33.47 21.61 -13.77
N GLN F 110 -32.79 22.35 -14.64
CA GLN F 110 -32.35 21.88 -15.96
C GLN F 110 -31.05 21.08 -15.81
N GLY F 111 -30.47 21.04 -14.61
CA GLY F 111 -29.29 20.20 -14.31
C GLY F 111 -28.02 20.78 -14.92
N SER F 112 -27.13 19.91 -15.42
CA SER F 112 -25.77 20.28 -15.88
C SER F 112 -25.81 20.94 -17.26
N LEU F 113 -24.76 21.68 -17.61
CA LEU F 113 -24.56 22.20 -18.99
C LEU F 113 -23.68 21.23 -19.79
N GLU F 114 -23.74 19.94 -19.49
CA GLU F 114 -22.95 18.94 -20.23
C GLU F 114 -23.60 18.74 -21.61
N GLY F 115 -22.80 18.60 -22.66
CA GLY F 115 -23.28 18.35 -24.03
C GLY F 115 -23.87 19.60 -24.66
N ALA F 116 -23.78 20.77 -24.00
CA ALA F 116 -24.46 22.02 -24.43
C ALA F 116 -23.80 22.62 -25.67
N HIS F 117 -24.55 22.75 -26.77
CA HIS F 117 -24.15 23.55 -27.96
C HIS F 117 -24.78 24.93 -27.81
N ILE F 118 -23.98 25.95 -27.49
CA ILE F 118 -24.40 27.38 -27.43
C ILE F 118 -23.57 28.17 -28.43
N TRP F 119 -24.14 28.36 -29.64
CA TRP F 119 -23.47 29.01 -30.80
C TRP F 119 -23.89 30.47 -30.93
N GLN F 120 -25.01 30.86 -30.30
CA GLN F 120 -25.50 32.25 -30.29
C GLN F 120 -24.50 33.08 -29.51
N GLU F 121 -23.98 34.16 -30.10
CA GLU F 121 -23.01 35.06 -29.44
C GLU F 121 -23.69 35.84 -28.31
N GLN F 122 -24.95 36.24 -28.47
CA GLN F 122 -25.73 36.97 -27.42
C GLN F 122 -26.02 36.05 -26.24
N GLU F 123 -26.34 34.77 -26.51
CA GLU F 123 -26.59 33.74 -25.46
C GLU F 123 -25.28 33.46 -24.72
N LEU F 124 -24.20 33.24 -25.46
CA LEU F 124 -22.90 32.81 -24.88
C LEU F 124 -22.25 33.96 -24.11
N ALA F 125 -22.43 35.23 -24.52
CA ALA F 125 -21.88 36.40 -23.78
C ALA F 125 -22.64 36.57 -22.46
N ASP F 126 -23.94 36.28 -22.44
CA ASP F 126 -24.77 36.30 -21.21
C ASP F 126 -24.32 35.14 -20.31
N LEU F 127 -24.11 33.97 -20.87
CA LEU F 127 -23.71 32.79 -20.06
C LEU F 127 -22.33 33.09 -19.48
N SER F 128 -21.43 33.60 -20.31
CA SER F 128 -20.04 33.92 -19.90
C SER F 128 -20.05 34.92 -18.76
N ARG F 129 -20.75 36.05 -18.92
CA ARG F 129 -20.81 37.14 -17.90
C ARG F 129 -21.34 36.55 -16.59
N GLN F 130 -22.39 35.73 -16.67
CA GLN F 130 -23.02 35.09 -15.49
C GLN F 130 -21.96 34.22 -14.79
N ILE F 131 -21.37 33.28 -15.52
CA ILE F 131 -20.38 32.32 -14.97
C ILE F 131 -19.17 33.14 -14.49
N LEU F 132 -18.81 34.23 -15.16
CA LEU F 132 -17.62 35.04 -14.77
C LEU F 132 -17.96 35.96 -13.58
N SER F 133 -19.21 36.38 -13.40
CA SER F 133 -19.63 37.23 -12.24
C SER F 133 -19.46 36.44 -10.95
N GLY F 134 -19.89 35.18 -10.97
CA GLY F 134 -19.69 34.24 -9.85
C GLY F 134 -18.21 34.02 -9.62
N LEU F 135 -17.47 33.76 -10.70
CA LEU F 135 -16.05 33.37 -10.54
C LEU F 135 -15.21 34.60 -10.16
N ALA F 136 -15.57 35.81 -10.57
CA ALA F 136 -14.85 37.03 -10.14
C ALA F 136 -15.16 37.35 -8.67
N TYR F 137 -16.38 37.05 -8.22
CA TYR F 137 -16.73 37.12 -6.79
C TYR F 137 -15.84 36.14 -6.02
N LEU F 138 -15.72 34.93 -6.55
CA LEU F 138 -14.97 33.80 -5.92
C LEU F 138 -13.51 34.23 -5.76
N HIS F 139 -12.89 34.77 -6.82
CA HIS F 139 -11.43 35.09 -6.80
C HIS F 139 -11.22 36.25 -5.84
N ARG F 140 -12.20 37.16 -5.76
CA ARG F 140 -12.11 38.36 -4.91
C ARG F 140 -12.03 37.91 -3.46
N ARG F 141 -12.74 36.83 -3.13
CA ARG F 141 -12.81 36.29 -1.76
C ARG F 141 -11.65 35.34 -1.52
N HIS F 142 -10.69 35.28 -2.45
CA HIS F 142 -9.47 34.43 -2.36
C HIS F 142 -9.85 32.95 -2.44
N ILE F 143 -10.99 32.60 -3.04
CA ILE F 143 -11.32 31.16 -3.20
C ILE F 143 -11.12 30.79 -4.67
N VAL F 144 -10.38 29.72 -4.93
CA VAL F 144 -10.15 29.20 -6.31
C VAL F 144 -11.00 27.94 -6.46
N HIS F 145 -11.65 27.72 -7.59
CA HIS F 145 -12.62 26.61 -7.74
C HIS F 145 -11.94 25.28 -8.07
N ARG F 146 -10.94 25.34 -8.98
CA ARG F 146 -10.03 24.25 -9.45
C ARG F 146 -10.71 23.11 -10.24
N ASP F 147 -12.04 23.04 -10.31
CA ASP F 147 -12.71 22.02 -11.15
C ASP F 147 -13.80 22.69 -11.97
N ILE F 148 -13.44 23.74 -12.70
CA ILE F 148 -14.41 24.35 -13.66
C ILE F 148 -14.50 23.41 -14.84
N LYS F 149 -15.70 22.87 -15.05
CA LYS F 149 -16.01 21.98 -16.19
C LYS F 149 -17.51 22.05 -16.42
N PRO F 150 -18.02 21.70 -17.62
CA PRO F 150 -19.46 21.66 -17.87
C PRO F 150 -20.28 20.78 -16.90
N SER F 151 -19.70 19.72 -16.34
CA SER F 151 -20.41 18.81 -15.41
C SER F 151 -20.65 19.50 -14.05
N ASN F 152 -19.90 20.56 -13.74
CA ASN F 152 -20.05 21.34 -12.48
C ASN F 152 -20.56 22.76 -12.78
N LEU F 153 -21.23 22.98 -13.92
CA LEU F 153 -21.93 24.26 -14.18
C LEU F 153 -23.42 23.95 -14.33
N LEU F 154 -24.22 24.47 -13.41
CA LEU F 154 -25.65 24.13 -13.32
C LEU F 154 -26.51 25.34 -13.73
N ILE F 155 -27.66 25.05 -14.34
CA ILE F 155 -28.64 26.05 -14.87
C ILE F 155 -30.04 25.54 -14.54
N ASN F 156 -30.98 26.45 -14.29
CA ASN F 156 -32.34 26.12 -13.82
C ASN F 156 -33.37 26.52 -14.89
N SER F 157 -34.64 26.45 -14.54
CA SER F 157 -35.76 26.91 -15.40
C SER F 157 -35.69 28.45 -15.56
N ALA F 158 -35.11 29.18 -14.60
CA ALA F 158 -34.97 30.66 -14.65
C ALA F 158 -33.81 31.09 -15.57
N LYS F 159 -33.10 30.13 -16.18
CA LYS F 159 -31.99 30.29 -17.18
C LYS F 159 -30.93 31.28 -16.68
N ASN F 160 -30.62 31.24 -15.39
CA ASN F 160 -29.33 31.80 -14.89
C ASN F 160 -28.43 30.63 -14.51
N VAL F 161 -27.12 30.81 -14.65
CA VAL F 161 -26.13 29.72 -14.48
C VAL F 161 -25.44 29.88 -13.14
N LYS F 162 -25.26 28.78 -12.42
CA LYS F 162 -24.65 28.77 -11.08
C LYS F 162 -23.49 27.78 -11.06
N ILE F 163 -22.33 28.23 -10.59
CA ILE F 163 -21.16 27.35 -10.29
C ILE F 163 -21.49 26.44 -9.09
N ALA F 164 -21.18 25.15 -9.17
CA ALA F 164 -21.78 24.13 -8.27
C ALA F 164 -20.80 23.44 -7.31
N ASP F 165 -19.81 22.67 -7.77
CA ASP F 165 -19.12 21.66 -6.94
C ASP F 165 -17.86 22.28 -6.33
N PHE F 166 -17.67 22.18 -5.02
CA PHE F 166 -16.51 22.83 -4.36
C PHE F 166 -15.56 21.82 -3.73
N GLY F 167 -15.75 20.52 -3.96
CA GLY F 167 -15.07 19.45 -3.19
C GLY F 167 -13.59 19.42 -3.44
N VAL F 168 -13.15 20.11 -4.48
CA VAL F 168 -11.76 20.07 -4.99
C VAL F 168 -11.16 21.46 -4.81
N SER F 169 -11.97 22.45 -4.40
CA SER F 169 -11.64 23.91 -4.36
C SER F 169 -10.87 24.25 -3.08
N ARG F 170 -10.41 25.49 -2.95
CA ARG F 170 -9.45 25.93 -1.88
C ARG F 170 -9.55 27.46 -1.70
N ILE F 171 -9.20 27.93 -0.50
CA ILE F 171 -9.35 29.35 -0.07
C ILE F 171 -7.98 29.87 0.38
N LEU F 172 -7.55 31.05 -0.08
CA LEU F 172 -6.11 31.43 -0.19
C LEU F 172 -5.75 32.58 0.77
N ALA F 173 -4.46 32.70 1.13
CA ALA F 173 -3.93 33.64 2.14
C ALA F 173 -3.93 35.07 1.56
N GLN F 174 -3.08 35.37 0.59
CA GLN F 174 -3.12 36.67 -0.13
C GLN F 174 -3.50 36.40 -1.59
N TPO F 175 -3.47 37.43 -2.43
CA TPO F 175 -3.85 37.28 -3.84
CB TPO F 175 -4.54 38.57 -4.33
CG2 TPO F 175 -5.44 38.41 -5.54
OG1 TPO F 175 -5.40 39.07 -3.27
P TPO F 175 -4.95 40.49 -2.65
O1P TPO F 175 -4.68 41.33 -3.90
O2P TPO F 175 -6.11 41.03 -1.85
O3P TPO F 175 -3.70 40.22 -1.81
C TPO F 175 -2.63 36.80 -4.64
O TPO F 175 -2.76 36.34 -5.77
N MET F 176 -1.44 36.94 -4.05
CA MET F 176 -0.21 36.34 -4.55
C MET F 176 0.12 35.18 -3.60
N ASP F 177 -0.74 34.17 -3.55
CA ASP F 177 -0.50 32.93 -2.75
C ASP F 177 -0.69 31.78 -3.72
N PRO F 178 0.36 30.97 -3.97
CA PRO F 178 0.25 29.84 -4.90
C PRO F 178 -0.53 28.62 -4.37
N CYS F 179 -0.56 27.54 -5.18
CA CYS F 179 -1.31 26.28 -4.92
C CYS F 179 -0.34 25.07 -5.01
N ASN F 180 -0.35 24.18 -4.02
CA ASN F 180 0.67 23.10 -3.91
C ASN F 180 0.07 21.74 -4.30
N SEP F 181 -1.03 21.68 -5.09
CA SEP F 181 -1.77 20.42 -5.26
CB SEP F 181 -3.02 20.37 -4.43
OG SEP F 181 -2.74 20.49 -3.01
C SEP F 181 -2.17 20.16 -6.72
O SEP F 181 -2.84 20.99 -7.34
P SEP F 181 -3.81 21.34 -2.12
O1P SEP F 181 -3.58 22.79 -2.58
O2P SEP F 181 -3.52 21.06 -0.66
O3P SEP F 181 -5.15 20.78 -2.53
N SER F 182 -1.89 18.95 -7.18
CA SER F 182 -2.42 18.46 -8.45
C SER F 182 -3.81 17.87 -8.18
N VAL F 183 -4.83 18.71 -8.22
CA VAL F 183 -6.25 18.26 -8.14
C VAL F 183 -7.05 18.84 -9.33
N GLY F 184 -8.27 18.33 -9.48
CA GLY F 184 -9.19 18.70 -10.56
C GLY F 184 -9.38 17.55 -11.51
N THR F 185 -9.85 17.84 -12.71
CA THR F 185 -10.09 16.86 -13.79
C THR F 185 -9.18 17.25 -14.95
N ILE F 186 -8.37 16.29 -15.43
CA ILE F 186 -7.10 16.52 -16.19
C ILE F 186 -7.44 17.20 -17.51
N ALA F 187 -8.58 16.83 -18.10
CA ALA F 187 -9.11 17.36 -19.39
C ALA F 187 -9.28 18.90 -19.38
N TYR F 188 -9.54 19.51 -18.24
CA TYR F 188 -9.81 20.97 -18.17
C TYR F 188 -8.68 21.70 -17.50
N MET F 189 -7.58 21.01 -17.19
CA MET F 189 -6.47 21.61 -16.42
C MET F 189 -5.65 22.49 -17.35
N SER F 190 -5.08 23.55 -16.81
CA SER F 190 -4.17 24.44 -17.56
C SER F 190 -2.86 23.70 -17.78
N PRO F 191 -2.04 24.11 -18.77
CA PRO F 191 -0.75 23.46 -19.01
C PRO F 191 0.08 23.39 -17.73
N GLU F 192 0.11 24.48 -16.96
CA GLU F 192 0.98 24.55 -15.76
C GLU F 192 0.50 23.51 -14.73
N ARG F 193 -0.78 23.19 -14.70
CA ARG F 193 -1.34 22.21 -13.74
C ARG F 193 -1.05 20.78 -14.21
N ILE F 194 -0.60 20.56 -15.44
CA ILE F 194 -0.19 19.19 -15.89
C ILE F 194 1.35 19.15 -16.01
N ASN F 195 1.94 20.18 -16.59
CA ASN F 195 3.41 20.29 -16.70
C ASN F 195 3.92 20.93 -15.41
N THR F 196 3.93 20.15 -14.35
CA THR F 196 4.22 20.58 -12.96
C THR F 196 5.72 20.90 -12.81
N ASP F 197 6.57 20.49 -13.76
CA ASP F 197 8.04 20.65 -13.66
C ASP F 197 8.41 22.12 -13.86
N LEU F 198 7.66 22.83 -14.73
CA LEU F 198 7.94 24.21 -15.21
C LEU F 198 8.20 25.13 -14.01
N ASN F 199 7.39 25.01 -12.95
CA ASN F 199 7.32 25.99 -11.83
C ASN F 199 7.41 25.28 -10.47
N HIS F 200 8.16 24.16 -10.38
CA HIS F 200 8.42 23.37 -9.14
C HIS F 200 7.14 22.84 -8.48
N GLY F 201 6.08 22.56 -9.23
CA GLY F 201 4.81 22.03 -8.67
C GLY F 201 3.76 23.11 -8.46
N ARG F 202 4.18 24.35 -8.19
CA ARG F 202 3.27 25.39 -7.63
C ARG F 202 2.77 26.29 -8.76
N TYR F 203 1.47 26.55 -8.80
CA TYR F 203 0.83 27.30 -9.90
C TYR F 203 -0.08 28.42 -9.37
N ASP F 204 -0.28 29.45 -10.19
CA ASP F 204 -1.28 30.52 -9.94
C ASP F 204 -2.67 29.89 -10.09
N GLY F 205 -3.38 29.77 -8.99
CA GLY F 205 -4.69 29.07 -8.92
C GLY F 205 -5.75 29.82 -9.71
N TYR F 206 -5.73 31.16 -9.60
CA TYR F 206 -6.73 32.10 -10.18
C TYR F 206 -6.71 31.92 -11.69
N ALA F 207 -5.51 31.85 -12.27
CA ALA F 207 -5.28 31.79 -13.73
C ALA F 207 -5.72 30.41 -14.26
N GLY F 208 -5.52 29.35 -13.48
CA GLY F 208 -5.88 27.98 -13.89
C GLY F 208 -7.38 27.81 -14.06
N ASP F 209 -8.16 28.52 -13.27
CA ASP F 209 -9.63 28.51 -13.43
C ASP F 209 -10.00 29.28 -14.68
N VAL F 210 -9.25 30.34 -15.00
CA VAL F 210 -9.54 31.22 -16.16
C VAL F 210 -9.40 30.37 -17.44
N TRP F 211 -8.43 29.45 -17.44
CA TRP F 211 -8.23 28.40 -18.48
C TRP F 211 -9.47 27.49 -18.53
N SER F 212 -9.87 26.96 -17.38
CA SER F 212 -10.81 25.81 -17.30
C SER F 212 -12.16 26.33 -17.77
N LEU F 213 -12.44 27.57 -17.38
CA LEU F 213 -13.57 28.42 -17.86
C LEU F 213 -13.50 28.51 -19.39
N GLY F 214 -12.33 28.92 -19.89
CA GLY F 214 -12.09 29.21 -21.32
C GLY F 214 -12.24 27.96 -22.18
N VAL F 215 -11.86 26.80 -21.68
CA VAL F 215 -12.07 25.51 -22.41
C VAL F 215 -13.56 25.19 -22.38
N SER F 216 -14.24 25.53 -21.29
CA SER F 216 -15.68 25.21 -21.12
C SER F 216 -16.49 26.06 -22.10
N ILE F 217 -16.16 27.35 -22.18
CA ILE F 217 -16.84 28.36 -23.06
C ILE F 217 -16.61 27.94 -24.51
N LEU F 218 -15.40 27.50 -24.85
CA LEU F 218 -15.06 27.03 -26.22
C LEU F 218 -15.71 25.66 -26.45
N GLU F 219 -15.97 24.85 -25.41
CA GLU F 219 -16.74 23.59 -25.54
C GLU F 219 -18.20 23.98 -25.80
N PHE F 220 -18.64 25.08 -25.21
CA PHE F 220 -20.02 25.59 -25.38
C PHE F 220 -20.21 26.12 -26.80
N TYR F 221 -19.22 26.81 -27.36
CA TYR F 221 -19.32 27.38 -28.73
C TYR F 221 -19.26 26.27 -29.78
N LEU F 222 -18.35 25.33 -29.62
CA LEU F 222 -18.10 24.30 -30.66
C LEU F 222 -19.08 23.16 -30.47
N GLY F 223 -19.60 22.94 -29.27
CA GLY F 223 -20.48 21.81 -28.97
C GLY F 223 -19.73 20.48 -28.88
N ARG F 224 -18.40 20.51 -28.88
CA ARG F 224 -17.57 19.32 -28.58
C ARG F 224 -16.34 19.78 -27.79
N PHE F 225 -15.55 18.82 -27.30
CA PHE F 225 -14.30 19.09 -26.55
C PHE F 225 -13.33 19.81 -27.48
N PRO F 226 -12.87 21.04 -27.17
CA PRO F 226 -12.01 21.80 -28.08
C PRO F 226 -10.69 21.11 -28.44
N PHE F 227 -10.07 20.41 -27.50
CA PHE F 227 -8.80 19.67 -27.73
C PHE F 227 -9.07 18.41 -28.56
N ALA F 228 -8.08 18.02 -29.37
CA ALA F 228 -8.16 16.84 -30.25
C ALA F 228 -7.80 15.57 -29.47
N VAL F 229 -8.64 15.14 -28.52
CA VAL F 229 -8.39 13.94 -27.65
C VAL F 229 -9.68 13.64 -26.86
N SER F 230 -9.84 12.43 -26.32
CA SER F 230 -11.03 12.08 -25.49
C SER F 230 -10.79 12.53 -24.04
N ARG F 231 -11.79 13.18 -23.44
CA ARG F 231 -11.78 13.55 -22.00
C ARG F 231 -11.61 12.29 -21.16
N GLN F 232 -12.43 11.26 -21.41
CA GLN F 232 -12.23 9.93 -20.78
C GLN F 232 -11.13 9.26 -21.60
N GLY F 233 -9.89 9.67 -21.39
CA GLY F 233 -8.77 9.24 -22.24
C GLY F 233 -7.52 8.93 -21.46
N ASP F 234 -6.40 8.91 -22.16
CA ASP F 234 -5.08 8.53 -21.60
C ASP F 234 -4.47 9.77 -20.97
N TRP F 235 -3.49 9.60 -20.07
CA TRP F 235 -2.77 10.72 -19.41
C TRP F 235 -1.94 11.47 -20.45
N ALA F 236 -1.06 10.78 -21.16
CA ALA F 236 -0.05 11.40 -22.04
C ALA F 236 -0.73 11.96 -23.28
N SER F 237 -1.83 11.33 -23.68
CA SER F 237 -2.69 11.78 -24.80
C SER F 237 -3.26 13.17 -24.47
N LEU F 238 -3.71 13.37 -23.22
CA LEU F 238 -4.27 14.66 -22.76
C LEU F 238 -3.14 15.66 -22.58
N MET F 239 -1.95 15.17 -22.23
CA MET F 239 -0.81 16.06 -21.94
C MET F 239 -0.39 16.73 -23.24
N CYS F 240 -0.25 15.95 -24.32
CA CYS F 240 0.32 16.45 -25.59
C CYS F 240 -0.63 17.40 -26.28
N ALA F 241 -1.95 17.20 -26.13
CA ALA F 241 -2.95 18.09 -26.78
C ALA F 241 -2.95 19.44 -26.06
N ILE F 242 -2.88 19.41 -24.72
CA ILE F 242 -2.93 20.64 -23.89
C ILE F 242 -1.55 21.30 -23.80
N CYS F 243 -0.54 20.57 -23.31
CA CYS F 243 0.77 21.19 -22.95
C CYS F 243 1.62 21.37 -24.20
N MET F 244 1.45 20.50 -25.20
CA MET F 244 2.49 20.37 -26.25
C MET F 244 2.00 20.84 -27.62
N SER F 245 0.70 20.71 -27.92
CA SER F 245 0.05 21.43 -29.05
C SER F 245 -0.29 22.84 -28.57
N GLN F 246 -0.85 23.65 -29.44
CA GLN F 246 -1.30 25.00 -29.06
C GLN F 246 -2.51 24.90 -28.14
N PRO F 247 -2.75 25.96 -27.32
CA PRO F 247 -4.10 26.28 -26.87
C PRO F 247 -4.95 26.45 -28.11
N PRO F 248 -6.17 25.87 -28.16
CA PRO F 248 -7.06 26.08 -29.30
C PRO F 248 -7.47 27.55 -29.32
N GLU F 249 -7.70 28.06 -30.52
CA GLU F 249 -8.43 29.34 -30.67
C GLU F 249 -9.76 29.01 -31.31
N ALA F 250 -10.67 29.97 -31.23
CA ALA F 250 -12.01 29.89 -31.83
C ALA F 250 -11.80 29.87 -33.34
N PRO F 251 -12.63 29.14 -34.12
CA PRO F 251 -12.61 29.29 -35.58
C PRO F 251 -12.83 30.74 -36.02
N ALA F 252 -12.37 31.10 -37.23
CA ALA F 252 -12.55 32.46 -37.78
C ALA F 252 -13.99 32.64 -38.29
N THR F 253 -14.83 31.59 -38.33
CA THR F 253 -16.30 31.68 -38.57
C THR F 253 -16.95 32.50 -37.44
N ALA F 254 -16.38 32.47 -36.22
CA ALA F 254 -16.82 33.23 -35.03
C ALA F 254 -16.47 34.71 -35.12
N SER F 255 -16.87 35.46 -34.11
CA SER F 255 -16.64 36.92 -34.07
C SER F 255 -15.19 37.21 -33.70
N GLN F 256 -14.72 38.42 -34.04
CA GLN F 256 -13.39 38.96 -33.64
C GLN F 256 -13.32 39.13 -32.12
N GLU F 257 -14.44 39.49 -31.48
CA GLU F 257 -14.45 39.77 -30.03
C GLU F 257 -14.50 38.44 -29.25
N PHE F 258 -14.94 37.35 -29.87
CA PHE F 258 -14.99 36.05 -29.17
C PHE F 258 -13.64 35.37 -29.30
N ARG F 259 -12.99 35.56 -30.45
CA ARG F 259 -11.61 35.06 -30.68
C ARG F 259 -10.65 35.83 -29.75
N HIS F 260 -10.90 37.12 -29.47
CA HIS F 260 -10.08 37.89 -28.49
C HIS F 260 -10.41 37.46 -27.04
N PHE F 261 -11.62 37.05 -26.74
CA PHE F 261 -11.95 36.60 -25.37
C PHE F 261 -11.34 35.21 -25.20
N VAL F 262 -11.37 34.34 -26.22
CA VAL F 262 -10.83 32.96 -26.01
C VAL F 262 -9.31 33.03 -26.00
N SER F 263 -8.71 34.08 -26.54
CA SER F 263 -7.24 34.23 -26.46
C SER F 263 -6.81 35.00 -25.19
N CYS F 264 -7.73 35.53 -24.36
CA CYS F 264 -7.39 36.12 -23.03
C CYS F 264 -7.48 35.04 -21.92
N CYS F 265 -8.35 34.06 -22.14
CA CYS F 265 -8.46 32.85 -21.30
C CYS F 265 -7.29 31.90 -21.60
N LEU F 266 -7.18 31.52 -22.87
CA LEU F 266 -6.27 30.43 -23.28
C LEU F 266 -4.94 31.03 -23.77
N GLN F 267 -4.25 31.72 -22.87
CA GLN F 267 -2.80 31.95 -23.01
C GLN F 267 -2.11 30.77 -22.34
N SER F 268 -1.05 30.26 -22.94
CA SER F 268 -0.31 29.11 -22.36
C SER F 268 0.53 29.65 -21.20
N ASP F 269 0.87 30.95 -21.20
CA ASP F 269 1.67 31.56 -20.10
C ASP F 269 0.75 32.06 -18.98
N PRO F 270 0.97 31.65 -17.70
CA PRO F 270 0.05 31.97 -16.61
C PRO F 270 -0.11 33.44 -16.20
N PRO F 271 0.91 34.35 -16.15
CA PRO F 271 0.58 35.77 -15.91
C PRO F 271 -0.17 36.43 -17.07
N LYS F 272 -0.01 35.94 -18.29
CA LYS F 272 -0.54 36.59 -19.50
C LYS F 272 -2.06 36.41 -19.56
N ARG F 273 -2.65 35.45 -18.83
CA ARG F 273 -4.13 35.35 -18.81
C ARG F 273 -4.65 36.59 -18.10
N TRP F 274 -5.83 37.03 -18.50
CA TRP F 274 -6.47 38.12 -17.75
C TRP F 274 -7.10 37.56 -16.47
N SER F 275 -7.26 38.44 -15.49
CA SER F 275 -8.04 38.19 -14.26
C SER F 275 -9.53 38.19 -14.58
N ALA F 276 -10.35 37.66 -13.67
CA ALA F 276 -11.79 37.44 -13.91
C ALA F 276 -12.55 38.80 -13.93
N GLN F 277 -12.04 39.83 -13.24
CA GLN F 277 -12.61 41.20 -13.31
C GLN F 277 -12.19 41.86 -14.63
N GLN F 278 -10.94 41.66 -15.05
CA GLN F 278 -10.44 42.20 -16.34
C GLN F 278 -11.17 41.51 -17.50
N LEU F 279 -11.54 40.22 -17.34
CA LEU F 279 -12.37 39.47 -18.31
C LEU F 279 -13.83 40.00 -18.27
N LEU F 280 -14.29 40.61 -17.17
CA LEU F 280 -15.68 41.12 -17.11
C LEU F 280 -15.82 42.43 -17.91
N GLN F 281 -14.72 43.16 -18.12
CA GLN F 281 -14.78 44.41 -18.92
C GLN F 281 -14.23 44.16 -20.33
N HIS F 282 -14.32 42.91 -20.80
CA HIS F 282 -13.98 42.51 -22.19
C HIS F 282 -15.12 42.98 -23.11
N PRO F 283 -14.81 43.43 -24.34
CA PRO F 283 -15.82 43.73 -25.36
C PRO F 283 -16.84 42.63 -25.68
N PHE F 284 -16.49 41.36 -25.50
CA PHE F 284 -17.42 40.24 -25.76
C PHE F 284 -18.52 40.29 -24.70
N ILE F 285 -18.20 40.77 -23.50
CA ILE F 285 -19.08 40.74 -22.29
C ILE F 285 -20.12 41.87 -22.38
N LEU F 286 -19.90 42.87 -23.24
CA LEU F 286 -20.86 44.00 -23.44
C LEU F 286 -22.17 43.49 -24.06
N LYS F 287 -22.14 42.40 -24.85
CA LYS F 287 -23.33 41.79 -25.51
C LYS F 287 -24.30 41.24 -24.44
N ALA G 24 -6.26 -17.19 -48.96
CA ALA G 24 -5.41 -15.97 -49.09
C ALA G 24 -3.98 -16.23 -48.58
N LYS G 25 -3.08 -15.26 -48.77
CA LYS G 25 -1.66 -15.44 -48.36
C LYS G 25 -1.15 -14.29 -47.51
N SEP G 26 -1.63 -13.06 -47.68
CA SEP G 26 -1.04 -11.95 -46.93
CB SEP G 26 0.18 -11.43 -47.69
OG SEP G 26 0.95 -10.57 -46.80
C SEP G 26 -2.04 -10.82 -46.64
O SEP G 26 -3.13 -10.80 -47.22
P SEP G 26 2.58 -10.57 -46.91
O1P SEP G 26 2.85 -10.27 -48.37
O2P SEP G 26 3.08 -9.46 -45.98
O3P SEP G 26 3.06 -11.96 -46.48
N LEU G 27 -1.62 -9.89 -45.76
CA LEU G 27 -2.41 -8.73 -45.32
C LEU G 27 -2.28 -7.59 -46.35
N SER G 28 -1.25 -7.60 -47.20
CA SER G 28 -1.10 -6.58 -48.26
C SER G 28 -1.84 -7.01 -49.53
N GLU G 29 -2.71 -8.02 -49.45
CA GLU G 29 -3.64 -8.44 -50.56
C GLU G 29 -5.10 -8.11 -50.22
N LEU G 30 -5.37 -7.31 -49.17
CA LEU G 30 -6.77 -6.97 -48.79
C LEU G 30 -6.94 -5.45 -48.72
N GLU G 31 -8.07 -4.97 -49.23
CA GLU G 31 -8.46 -3.53 -49.18
C GLU G 31 -9.71 -3.37 -48.31
N ARG G 32 -9.59 -2.63 -47.19
CA ARG G 32 -10.68 -2.26 -46.26
C ARG G 32 -11.74 -1.46 -47.01
N VAL G 33 -13.01 -1.89 -47.01
CA VAL G 33 -14.08 -1.27 -47.84
C VAL G 33 -15.07 -0.54 -46.93
N ASN G 34 -15.81 -1.26 -46.10
CA ASN G 34 -16.91 -0.71 -45.28
C ASN G 34 -16.86 -1.34 -43.89
N ARG G 35 -17.21 -0.55 -42.87
CA ARG G 35 -17.27 -1.03 -41.47
C ARG G 35 -18.51 -1.91 -41.28
N ILE G 36 -18.38 -3.00 -40.52
CA ILE G 36 -19.48 -3.96 -40.20
C ILE G 36 -19.92 -3.78 -38.75
N TPO G 43 -13.03 -4.85 -33.71
CA TPO G 43 -13.77 -4.21 -34.84
CB TPO G 43 -13.15 -2.85 -35.24
CG2 TPO G 43 -14.05 -2.05 -36.16
OG1 TPO G 43 -12.93 -2.06 -34.03
P TPO G 43 -11.73 -0.97 -33.95
O1P TPO G 43 -10.96 -1.14 -35.25
O2P TPO G 43 -12.42 0.38 -33.82
O3P TPO G 43 -10.90 -1.32 -32.72
C TPO G 43 -13.73 -5.12 -36.05
O TPO G 43 -12.67 -5.68 -36.34
N VAL G 44 -14.85 -5.23 -36.77
CA VAL G 44 -14.97 -6.07 -37.94
C VAL G 44 -15.03 -5.22 -39.22
N TYR G 45 -14.32 -5.63 -40.28
CA TYR G 45 -14.20 -4.91 -41.58
C TYR G 45 -14.61 -5.82 -42.75
N LYS G 46 -15.36 -5.24 -43.69
CA LYS G 46 -15.48 -5.76 -45.07
C LYS G 46 -14.16 -5.50 -45.81
N VAL G 47 -13.57 -6.56 -46.36
CA VAL G 47 -12.34 -6.43 -47.20
C VAL G 47 -12.58 -7.16 -48.51
N ILE G 48 -11.85 -6.75 -49.56
CA ILE G 48 -11.85 -7.44 -50.88
C ILE G 48 -10.44 -7.99 -51.14
N HIS G 49 -10.36 -9.25 -51.53
CA HIS G 49 -9.08 -9.89 -51.94
C HIS G 49 -8.78 -9.45 -53.37
N THR G 50 -7.87 -8.49 -53.55
CA THR G 50 -7.64 -7.80 -54.84
C THR G 50 -7.13 -8.78 -55.90
N PRO G 51 -6.26 -9.80 -55.66
CA PRO G 51 -6.06 -10.84 -56.68
C PRO G 51 -7.28 -11.68 -57.11
N THR G 52 -8.20 -12.02 -56.22
CA THR G 52 -9.27 -13.00 -56.55
C THR G 52 -10.58 -12.26 -56.88
N SER G 53 -10.71 -11.00 -56.43
CA SER G 53 -11.92 -10.15 -56.45
C SER G 53 -13.06 -10.87 -55.73
N ARG G 54 -12.73 -11.56 -54.63
CA ARG G 54 -13.69 -12.19 -53.69
C ARG G 54 -13.72 -11.37 -52.40
N PRO G 55 -14.91 -11.04 -51.87
CA PRO G 55 -15.02 -10.36 -50.58
C PRO G 55 -14.90 -11.32 -49.39
N PHE G 56 -14.27 -10.84 -48.32
CA PHE G 56 -14.20 -11.56 -47.01
C PHE G 56 -14.40 -10.55 -45.88
N ALA G 57 -14.50 -11.02 -44.63
CA ALA G 57 -14.69 -10.19 -43.41
C ALA G 57 -13.42 -10.27 -42.53
N LEU G 58 -12.95 -9.13 -42.02
CA LEU G 58 -11.66 -9.07 -41.26
C LEU G 58 -11.90 -8.52 -39.86
N LYS G 59 -11.36 -9.18 -38.83
CA LYS G 59 -11.49 -8.79 -37.39
C LYS G 59 -10.13 -8.59 -36.73
N VAL G 60 -10.01 -7.55 -35.90
CA VAL G 60 -8.81 -7.32 -35.03
C VAL G 60 -9.15 -7.74 -33.59
N ILE G 61 -8.23 -8.46 -32.98
CA ILE G 61 -8.22 -8.70 -31.51
C ILE G 61 -6.88 -8.17 -30.96
N TYR G 62 -6.94 -7.15 -30.12
CA TYR G 62 -5.74 -6.49 -29.55
C TYR G 62 -5.22 -7.34 -28.39
N GLY G 63 -3.90 -7.37 -28.21
CA GLY G 63 -3.25 -7.97 -27.03
C GLY G 63 -3.52 -7.10 -25.82
N ASN G 64 -4.34 -7.58 -24.87
CA ASN G 64 -4.65 -6.83 -23.62
C ASN G 64 -3.70 -7.28 -22.52
N HIS G 65 -3.50 -6.43 -21.53
CA HIS G 65 -2.55 -6.64 -20.40
C HIS G 65 -3.07 -7.77 -19.51
N GLU G 66 -4.39 -7.79 -19.27
CA GLU G 66 -5.04 -8.63 -18.24
C GLU G 66 -5.02 -10.11 -18.66
N ASP G 67 -4.76 -10.99 -17.69
CA ASP G 67 -4.66 -12.47 -17.84
C ASP G 67 -6.01 -13.08 -18.24
N TPO G 68 -7.14 -12.36 -18.05
CA TPO G 68 -8.47 -12.90 -18.34
CB TPO G 68 -9.53 -12.45 -17.32
CG2 TPO G 68 -10.55 -13.49 -16.99
OG1 TPO G 68 -8.81 -12.11 -16.10
P TPO G 68 -9.19 -10.71 -15.45
O1P TPO G 68 -9.60 -9.81 -16.59
O2P TPO G 68 -10.34 -11.04 -14.53
O3P TPO G 68 -7.92 -10.24 -14.75
C TPO G 68 -8.98 -12.50 -19.74
O TPO G 68 -9.85 -13.19 -20.29
N VAL G 69 -8.48 -11.39 -20.32
CA VAL G 69 -8.82 -11.01 -21.69
C VAL G 69 -8.02 -11.94 -22.61
N ARG G 70 -6.75 -12.19 -22.23
CA ARG G 70 -5.83 -13.17 -22.87
C ARG G 70 -6.45 -14.57 -22.84
N ARG G 71 -7.12 -14.92 -21.75
CA ARG G 71 -7.82 -16.23 -21.60
C ARG G 71 -8.98 -16.27 -22.61
N GLN G 72 -9.61 -15.13 -22.88
CA GLN G 72 -10.76 -15.03 -23.85
C GLN G 72 -10.21 -15.04 -25.28
N ILE G 73 -9.05 -14.41 -25.50
CA ILE G 73 -8.38 -14.38 -26.83
C ILE G 73 -8.11 -15.82 -27.25
N CYS G 74 -7.46 -16.61 -26.38
CA CYS G 74 -6.98 -17.97 -26.74
C CYS G 74 -8.19 -18.89 -26.93
N ARG G 75 -9.33 -18.62 -26.28
CA ARG G 75 -10.56 -19.42 -26.45
C ARG G 75 -11.18 -19.08 -27.80
N GLU G 76 -11.22 -17.79 -28.11
CA GLU G 76 -11.89 -17.24 -29.33
C GLU G 76 -11.18 -17.79 -30.57
N ILE G 77 -9.85 -17.71 -30.59
CA ILE G 77 -9.00 -18.17 -31.72
C ILE G 77 -9.22 -19.68 -31.92
N GLU G 78 -9.26 -20.45 -30.82
CA GLU G 78 -9.34 -21.92 -30.88
C GLU G 78 -10.62 -22.29 -31.60
N ILE G 79 -11.73 -21.63 -31.25
CA ILE G 79 -13.07 -22.04 -31.78
C ILE G 79 -13.06 -21.81 -33.29
N LEU G 80 -12.48 -20.70 -33.73
CA LEU G 80 -12.52 -20.32 -35.17
C LEU G 80 -11.85 -21.40 -36.02
N ARG G 81 -10.69 -21.92 -35.61
CA ARG G 81 -9.92 -22.86 -36.47
C ARG G 81 -10.68 -24.20 -36.61
N SER G 82 -11.35 -24.69 -35.57
CA SER G 82 -11.98 -26.03 -35.57
C SER G 82 -13.21 -26.13 -36.48
N VAL G 83 -14.08 -25.11 -36.56
CA VAL G 83 -15.46 -25.23 -37.14
C VAL G 83 -15.47 -25.62 -38.63
N ASP G 84 -16.27 -26.62 -39.00
CA ASP G 84 -16.46 -27.13 -40.39
C ASP G 84 -17.94 -27.41 -40.62
N HIS G 85 -18.73 -26.37 -40.87
CA HIS G 85 -20.20 -26.52 -40.99
C HIS G 85 -20.72 -25.48 -41.97
N PRO G 86 -21.76 -25.82 -42.76
CA PRO G 86 -22.47 -24.84 -43.60
C PRO G 86 -23.05 -23.60 -42.90
N ASN G 87 -23.34 -23.67 -41.60
CA ASN G 87 -24.19 -22.70 -40.86
C ASN G 87 -23.41 -22.08 -39.69
N VAL G 88 -22.09 -22.21 -39.74
CA VAL G 88 -21.15 -21.49 -38.85
C VAL G 88 -20.20 -20.69 -39.75
N VAL G 89 -19.99 -19.43 -39.39
CA VAL G 89 -19.00 -18.56 -40.09
C VAL G 89 -17.62 -19.18 -39.85
N LYS G 90 -17.08 -19.86 -40.87
CA LYS G 90 -15.70 -20.41 -40.88
C LYS G 90 -14.72 -19.28 -41.24
N CYS G 91 -13.48 -19.39 -40.77
CA CYS G 91 -12.41 -18.50 -41.24
C CYS G 91 -11.55 -19.28 -42.22
N HIS G 92 -11.24 -18.64 -43.34
CA HIS G 92 -10.49 -19.24 -44.46
C HIS G 92 -9.00 -19.26 -44.07
N ASP G 93 -8.49 -18.15 -43.57
CA ASP G 93 -7.11 -18.05 -43.05
C ASP G 93 -7.13 -17.08 -41.89
N MET G 94 -5.98 -16.87 -41.26
CA MET G 94 -5.81 -15.83 -40.21
C MET G 94 -4.34 -15.43 -40.12
N PHE G 95 -4.07 -14.21 -39.65
CA PHE G 95 -2.76 -13.53 -39.84
C PHE G 95 -2.36 -12.78 -38.56
N ASP G 96 -1.06 -12.58 -38.35
CA ASP G 96 -0.53 -11.77 -37.21
C ASP G 96 0.58 -10.83 -37.69
N HIS G 97 0.48 -9.57 -37.28
CA HIS G 97 1.61 -8.61 -37.35
C HIS G 97 1.35 -7.60 -36.25
N ASN G 98 2.42 -7.06 -35.69
CA ASN G 98 2.39 -5.86 -34.81
C ASN G 98 1.67 -6.17 -33.48
N GLY G 99 1.62 -7.45 -33.08
CA GLY G 99 0.97 -7.90 -31.83
C GLY G 99 -0.55 -7.85 -31.92
N GLU G 100 -1.09 -7.86 -33.13
CA GLU G 100 -2.56 -7.81 -33.38
C GLU G 100 -2.93 -9.06 -34.17
N ILE G 101 -4.00 -9.73 -33.81
CA ILE G 101 -4.42 -10.95 -34.56
C ILE G 101 -5.50 -10.56 -35.57
N GLN G 102 -5.18 -10.72 -36.85
CA GLN G 102 -6.11 -10.48 -37.98
C GLN G 102 -6.74 -11.84 -38.34
N VAL G 103 -8.06 -11.97 -38.17
CA VAL G 103 -8.74 -13.24 -38.58
C VAL G 103 -9.65 -12.93 -39.77
N LEU G 104 -9.58 -13.78 -40.80
CA LEU G 104 -10.18 -13.54 -42.13
C LEU G 104 -11.36 -14.50 -42.33
N LEU G 105 -12.56 -13.95 -42.20
CA LEU G 105 -13.84 -14.69 -42.17
C LEU G 105 -14.59 -14.46 -43.47
N GLU G 106 -15.47 -15.41 -43.83
CA GLU G 106 -16.27 -15.28 -45.07
C GLU G 106 -17.30 -14.15 -44.93
N PHE G 107 -17.53 -13.44 -46.03
CA PHE G 107 -18.31 -12.17 -46.03
C PHE G 107 -19.79 -12.51 -46.23
N MET G 108 -20.61 -11.88 -45.40
CA MET G 108 -22.06 -12.09 -45.37
C MET G 108 -22.71 -10.78 -45.82
N ASP G 109 -23.08 -10.72 -47.10
CA ASP G 109 -23.36 -9.45 -47.82
C ASP G 109 -24.77 -8.93 -47.51
N GLN G 110 -25.71 -9.80 -47.11
CA GLN G 110 -27.11 -9.40 -46.83
C GLN G 110 -27.26 -8.89 -45.39
N GLY G 111 -26.32 -9.23 -44.51
CA GLY G 111 -26.32 -8.81 -43.09
C GLY G 111 -26.99 -9.83 -42.19
N SER G 112 -27.48 -9.36 -41.04
CA SER G 112 -28.03 -10.18 -39.93
C SER G 112 -29.54 -10.42 -40.09
N LEU G 113 -30.10 -11.26 -39.24
CA LEU G 113 -31.56 -11.48 -39.18
C LEU G 113 -32.18 -10.50 -38.16
N GLU G 114 -31.52 -9.37 -37.89
CA GLU G 114 -32.00 -8.39 -36.87
C GLU G 114 -33.29 -7.72 -37.38
N GLY G 115 -34.33 -7.68 -36.53
CA GLY G 115 -35.64 -7.07 -36.83
C GLY G 115 -36.44 -7.81 -37.90
N ALA G 116 -36.17 -9.09 -38.19
CA ALA G 116 -36.86 -9.87 -39.25
C ALA G 116 -38.21 -10.38 -38.73
N HIS G 117 -39.31 -9.76 -39.20
CA HIS G 117 -40.71 -10.22 -38.98
C HIS G 117 -41.05 -11.29 -40.04
N ILE G 118 -40.67 -12.54 -39.78
CA ILE G 118 -40.89 -13.68 -40.71
C ILE G 118 -41.92 -14.62 -40.06
N TRP G 119 -43.16 -14.56 -40.55
CA TRP G 119 -44.35 -15.20 -39.93
C TRP G 119 -44.70 -16.52 -40.59
N GLN G 120 -44.24 -16.77 -41.82
CA GLN G 120 -44.64 -17.98 -42.60
C GLN G 120 -44.10 -19.23 -41.88
N GLU G 121 -45.01 -20.10 -41.43
CA GLU G 121 -44.69 -21.30 -40.63
C GLU G 121 -43.91 -22.31 -41.51
N GLN G 122 -43.79 -22.08 -42.81
CA GLN G 122 -42.95 -22.96 -43.67
C GLN G 122 -41.57 -22.31 -43.89
N GLU G 123 -41.53 -20.99 -44.16
CA GLU G 123 -40.25 -20.27 -44.38
C GLU G 123 -39.42 -20.29 -43.08
N LEU G 124 -40.03 -20.05 -41.93
CA LEU G 124 -39.31 -20.03 -40.62
C LEU G 124 -38.87 -21.45 -40.29
N ALA G 125 -39.69 -22.45 -40.57
CA ALA G 125 -39.34 -23.88 -40.45
C ALA G 125 -37.98 -24.11 -41.13
N ASP G 126 -37.77 -23.45 -42.27
CA ASP G 126 -36.60 -23.70 -43.13
C ASP G 126 -35.39 -22.91 -42.62
N LEU G 127 -35.62 -21.76 -41.94
CA LEU G 127 -34.55 -21.01 -41.21
C LEU G 127 -34.23 -21.73 -39.89
N SER G 128 -35.22 -22.36 -39.25
CA SER G 128 -35.01 -23.09 -37.97
C SER G 128 -34.29 -24.40 -38.25
N ARG G 129 -34.40 -24.94 -39.47
CA ARG G 129 -33.60 -26.14 -39.88
C ARG G 129 -32.12 -25.74 -39.89
N GLN G 130 -31.78 -24.55 -40.42
CA GLN G 130 -30.36 -24.12 -40.64
C GLN G 130 -29.69 -23.72 -39.31
N ILE G 131 -30.38 -23.03 -38.39
CA ILE G 131 -29.74 -22.56 -37.13
C ILE G 131 -29.57 -23.76 -36.20
N LEU G 132 -30.46 -24.74 -36.30
CA LEU G 132 -30.35 -25.98 -35.49
C LEU G 132 -29.24 -26.90 -35.99
N SER G 133 -28.94 -26.94 -37.30
CA SER G 133 -27.80 -27.74 -37.83
C SER G 133 -26.49 -27.14 -37.30
N GLY G 134 -26.41 -25.81 -37.32
CA GLY G 134 -25.23 -25.01 -36.91
C GLY G 134 -25.05 -25.08 -35.41
N LEU G 135 -26.14 -25.11 -34.67
CA LEU G 135 -26.01 -25.10 -33.20
C LEU G 135 -25.67 -26.51 -32.70
N ALA G 136 -26.27 -27.55 -33.28
CA ALA G 136 -26.07 -28.94 -32.83
C ALA G 136 -24.65 -29.37 -33.17
N TYR G 137 -24.06 -28.79 -34.21
CA TYR G 137 -22.64 -29.08 -34.56
C TYR G 137 -21.74 -28.54 -33.45
N LEU G 138 -21.94 -27.30 -33.00
CA LEU G 138 -21.08 -26.68 -31.95
C LEU G 138 -21.29 -27.40 -30.61
N HIS G 139 -22.48 -27.90 -30.32
CA HIS G 139 -22.78 -28.45 -28.98
C HIS G 139 -22.15 -29.84 -28.84
N ARG G 140 -22.08 -30.66 -29.90
CA ARG G 140 -21.45 -32.00 -29.72
C ARG G 140 -19.94 -31.82 -29.87
N ARG G 141 -19.50 -30.67 -30.39
CA ARG G 141 -18.07 -30.23 -30.42
C ARG G 141 -17.78 -29.41 -29.16
N HIS G 142 -18.68 -29.42 -28.17
CA HIS G 142 -18.43 -28.98 -26.76
C HIS G 142 -18.14 -27.48 -26.68
N ILE G 143 -18.73 -26.70 -27.58
CA ILE G 143 -18.53 -25.22 -27.61
C ILE G 143 -19.86 -24.55 -27.28
N VAL G 144 -19.89 -23.73 -26.24
CA VAL G 144 -21.12 -22.99 -25.85
C VAL G 144 -21.00 -21.57 -26.41
N HIS G 145 -21.99 -21.12 -27.20
CA HIS G 145 -21.87 -19.85 -27.95
C HIS G 145 -22.11 -18.65 -27.03
N ARG G 146 -23.09 -18.74 -26.11
CA ARG G 146 -23.33 -17.81 -24.97
C ARG G 146 -23.72 -16.39 -25.40
N ASP G 147 -23.93 -16.12 -26.68
CA ASP G 147 -24.47 -14.80 -27.14
C ASP G 147 -25.31 -15.02 -28.40
N ILE G 148 -26.12 -16.06 -28.42
CA ILE G 148 -27.10 -16.27 -29.52
C ILE G 148 -28.13 -15.14 -29.47
N LYS G 149 -28.34 -14.48 -30.60
CA LYS G 149 -29.27 -13.34 -30.79
C LYS G 149 -29.48 -13.20 -32.31
N PRO G 150 -30.56 -12.55 -32.76
CA PRO G 150 -30.75 -12.25 -34.18
C PRO G 150 -29.55 -11.51 -34.78
N SER G 151 -28.94 -10.59 -34.01
CA SER G 151 -27.78 -9.77 -34.44
C SER G 151 -26.61 -10.68 -34.84
N ASN G 152 -26.40 -11.78 -34.13
CA ASN G 152 -25.24 -12.67 -34.38
C ASN G 152 -25.68 -13.80 -35.30
N LEU G 153 -26.86 -13.73 -35.88
CA LEU G 153 -27.27 -14.71 -36.93
C LEU G 153 -27.25 -13.98 -38.27
N LEU G 154 -26.34 -14.34 -39.18
CA LEU G 154 -26.14 -13.57 -40.45
C LEU G 154 -26.69 -14.35 -41.64
N ILE G 155 -26.94 -13.66 -42.75
CA ILE G 155 -27.50 -14.26 -44.00
C ILE G 155 -26.79 -13.66 -45.21
N ASN G 156 -26.66 -14.47 -46.27
CA ASN G 156 -25.86 -14.12 -47.46
C ASN G 156 -26.78 -13.95 -48.67
N SER G 157 -26.18 -13.76 -49.82
CA SER G 157 -26.91 -13.68 -51.11
C SER G 157 -27.49 -15.05 -51.50
N ALA G 158 -26.95 -16.18 -51.00
CA ALA G 158 -27.51 -17.54 -51.24
C ALA G 158 -28.63 -17.85 -50.24
N LYS G 159 -28.99 -16.85 -49.41
CA LYS G 159 -29.88 -16.91 -48.20
C LYS G 159 -29.63 -18.18 -47.37
N ASN G 160 -28.37 -18.46 -47.07
CA ASN G 160 -27.96 -19.47 -46.08
C ASN G 160 -27.63 -18.69 -44.80
N VAL G 161 -27.90 -19.24 -43.62
CA VAL G 161 -27.72 -18.51 -42.33
C VAL G 161 -26.54 -19.10 -41.57
N LYS G 162 -25.72 -18.26 -40.94
CA LYS G 162 -24.50 -18.71 -40.22
C LYS G 162 -24.38 -18.03 -38.85
N ILE G 163 -23.99 -18.79 -37.82
CA ILE G 163 -23.78 -18.27 -36.43
C ILE G 163 -22.47 -17.47 -36.45
N ALA G 164 -22.39 -16.33 -35.75
CA ALA G 164 -21.29 -15.37 -35.98
C ALA G 164 -20.42 -15.15 -34.74
N ASP G 165 -20.64 -14.07 -33.97
CA ASP G 165 -19.60 -13.58 -33.02
C ASP G 165 -19.32 -14.62 -31.92
N PHE G 166 -18.05 -14.97 -31.74
CA PHE G 166 -17.59 -15.95 -30.73
C PHE G 166 -16.81 -15.21 -29.63
N GLY G 167 -17.01 -13.89 -29.51
CA GLY G 167 -16.27 -13.01 -28.57
C GLY G 167 -16.46 -13.42 -27.12
N VAL G 168 -17.62 -13.99 -26.79
CA VAL G 168 -18.00 -14.41 -25.42
C VAL G 168 -17.94 -15.95 -25.32
N SER G 169 -18.03 -16.66 -26.43
CA SER G 169 -18.14 -18.15 -26.43
C SER G 169 -16.93 -18.86 -25.79
N ARG G 170 -17.18 -20.06 -25.29
CA ARG G 170 -16.19 -20.84 -24.50
C ARG G 170 -16.22 -22.29 -25.01
N ILE G 171 -15.09 -22.98 -24.87
CA ILE G 171 -15.00 -24.44 -25.16
C ILE G 171 -14.84 -25.14 -23.81
N LEU G 172 -15.46 -26.31 -23.63
CA LEU G 172 -15.58 -27.00 -22.32
C LEU G 172 -14.97 -28.41 -22.37
N ALA G 173 -14.47 -28.87 -21.20
CA ALA G 173 -13.65 -30.10 -20.99
C ALA G 173 -14.43 -31.36 -21.38
N GLN G 174 -15.63 -31.56 -20.85
CA GLN G 174 -16.48 -32.73 -21.19
C GLN G 174 -17.81 -32.21 -21.75
N TPO G 175 -18.82 -33.09 -21.81
CA TPO G 175 -20.19 -32.73 -22.17
CB TPO G 175 -20.94 -33.93 -22.80
CG2 TPO G 175 -22.06 -33.54 -23.74
OG1 TPO G 175 -19.99 -34.75 -23.58
P TPO G 175 -19.64 -36.27 -23.16
O1P TPO G 175 -18.98 -36.88 -24.38
O2P TPO G 175 -20.96 -36.94 -22.81
O3P TPO G 175 -18.70 -36.18 -21.96
C TPO G 175 -20.91 -32.19 -20.94
O TPO G 175 -21.98 -31.60 -21.03
N MET G 176 -20.27 -32.35 -19.76
CA MET G 176 -20.89 -32.30 -18.45
C MET G 176 -20.12 -31.29 -17.58
N ASP G 177 -19.71 -30.16 -18.15
CA ASP G 177 -18.86 -29.13 -17.49
C ASP G 177 -19.66 -27.82 -17.43
N PRO G 178 -19.86 -27.22 -16.25
CA PRO G 178 -20.59 -25.97 -16.17
C PRO G 178 -19.75 -24.76 -16.61
N CYS G 179 -20.43 -23.65 -16.83
CA CYS G 179 -19.83 -22.31 -17.03
C CYS G 179 -19.99 -21.46 -15.76
N ASN G 180 -19.05 -20.56 -15.51
CA ASN G 180 -19.02 -19.76 -14.26
C ASN G 180 -19.16 -18.28 -14.57
N SEP G 181 -18.94 -17.86 -15.83
CA SEP G 181 -18.87 -16.43 -16.17
CB SEP G 181 -17.82 -16.14 -17.26
OG SEP G 181 -16.55 -16.79 -16.98
C SEP G 181 -20.25 -15.88 -16.59
O SEP G 181 -20.96 -16.46 -17.42
P SEP G 181 -16.01 -17.86 -18.09
O1P SEP G 181 -15.76 -17.05 -19.34
O2P SEP G 181 -14.72 -18.40 -17.54
O3P SEP G 181 -17.10 -18.95 -18.28
N SER G 182 -20.62 -14.72 -16.05
CA SER G 182 -21.84 -14.08 -16.47
C SER G 182 -21.48 -12.99 -17.48
N VAL G 183 -21.36 -13.38 -18.75
CA VAL G 183 -21.17 -12.42 -19.86
C VAL G 183 -22.10 -12.81 -21.00
N GLY G 184 -22.22 -11.90 -21.98
CA GLY G 184 -23.13 -11.98 -23.13
C GLY G 184 -24.00 -10.74 -23.20
N THR G 185 -25.22 -10.89 -23.68
CA THR G 185 -26.22 -9.80 -23.68
C THR G 185 -27.41 -10.30 -22.87
N ILE G 186 -27.87 -9.40 -21.99
CA ILE G 186 -28.76 -9.69 -20.83
C ILE G 186 -30.13 -10.12 -21.36
N ALA G 187 -30.64 -9.46 -22.40
CA ALA G 187 -32.03 -9.60 -22.89
C ALA G 187 -32.24 -10.94 -23.62
N TYR G 188 -31.18 -11.71 -23.86
CA TYR G 188 -31.30 -13.06 -24.47
C TYR G 188 -30.67 -14.10 -23.55
N MET G 189 -30.53 -13.73 -22.29
CA MET G 189 -30.05 -14.71 -21.30
C MET G 189 -31.21 -15.59 -20.88
N SER G 190 -30.86 -16.74 -20.31
CA SER G 190 -31.80 -17.63 -19.62
C SER G 190 -32.07 -17.05 -18.23
N PRO G 191 -33.15 -17.47 -17.54
CA PRO G 191 -33.29 -17.15 -16.12
C PRO G 191 -32.07 -17.58 -15.30
N GLU G 192 -31.47 -18.75 -15.60
CA GLU G 192 -30.36 -19.30 -14.78
C GLU G 192 -29.09 -18.48 -15.02
N ARG G 193 -29.01 -17.71 -16.09
CA ARG G 193 -27.80 -16.91 -16.37
C ARG G 193 -27.95 -15.53 -15.74
N ILE G 194 -29.16 -15.16 -15.28
CA ILE G 194 -29.34 -13.89 -14.52
C ILE G 194 -29.48 -14.20 -13.02
N ASN G 195 -30.23 -15.25 -12.66
CA ASN G 195 -30.43 -15.63 -11.25
C ASN G 195 -29.25 -16.48 -10.79
N THR G 196 -28.09 -15.85 -10.61
CA THR G 196 -26.76 -16.52 -10.49
C THR G 196 -26.64 -17.25 -9.16
N ASP G 197 -27.34 -16.80 -8.11
CA ASP G 197 -27.05 -17.16 -6.70
C ASP G 197 -27.40 -18.61 -6.44
N LEU G 198 -28.50 -19.11 -7.02
CA LEU G 198 -29.16 -20.37 -6.60
C LEU G 198 -28.25 -21.57 -6.84
N ASN G 199 -27.34 -21.47 -7.82
CA ASN G 199 -26.45 -22.59 -8.22
C ASN G 199 -24.99 -22.12 -8.11
N HIS G 200 -24.75 -21.06 -7.33
CA HIS G 200 -23.43 -20.42 -7.05
C HIS G 200 -22.71 -20.05 -8.36
N GLY G 201 -23.37 -19.30 -9.23
CA GLY G 201 -22.76 -18.74 -10.46
C GLY G 201 -22.72 -19.76 -11.59
N ARG G 202 -23.03 -21.03 -11.31
CA ARG G 202 -22.89 -22.13 -12.30
C ARG G 202 -24.21 -22.28 -13.09
N TYR G 203 -24.09 -22.50 -14.40
CA TYR G 203 -25.24 -22.78 -15.29
C TYR G 203 -24.87 -23.75 -16.40
N ASP G 204 -25.87 -24.46 -16.90
CA ASP G 204 -25.71 -25.30 -18.12
C ASP G 204 -25.62 -24.33 -19.30
N GLY G 205 -24.46 -24.27 -19.93
CA GLY G 205 -24.23 -23.41 -21.10
C GLY G 205 -24.95 -23.92 -22.33
N TYR G 206 -25.18 -25.24 -22.42
CA TYR G 206 -25.72 -25.91 -23.64
C TYR G 206 -27.20 -25.56 -23.74
N ALA G 207 -27.95 -25.83 -22.67
CA ALA G 207 -29.40 -25.56 -22.65
C ALA G 207 -29.62 -24.04 -22.51
N GLY G 208 -28.64 -23.29 -22.00
CA GLY G 208 -28.71 -21.81 -21.93
C GLY G 208 -28.61 -21.15 -23.30
N ASP G 209 -28.09 -21.86 -24.29
CA ASP G 209 -28.09 -21.43 -25.70
C ASP G 209 -29.40 -21.84 -26.36
N VAL G 210 -30.00 -22.97 -25.96
CA VAL G 210 -31.29 -23.45 -26.53
C VAL G 210 -32.42 -22.47 -26.16
N TRP G 211 -32.36 -21.88 -24.95
CA TRP G 211 -33.21 -20.74 -24.53
C TRP G 211 -33.02 -19.57 -25.49
N SER G 212 -31.78 -19.13 -25.63
CA SER G 212 -31.40 -17.93 -26.44
C SER G 212 -31.88 -18.14 -27.89
N LEU G 213 -31.78 -19.39 -28.37
CA LEU G 213 -32.29 -19.84 -29.70
C LEU G 213 -33.82 -19.65 -29.78
N GLY G 214 -34.56 -20.22 -28.83
CA GLY G 214 -36.04 -20.20 -28.89
C GLY G 214 -36.60 -18.80 -28.70
N VAL G 215 -35.90 -17.92 -27.96
CA VAL G 215 -36.29 -16.49 -27.81
C VAL G 215 -36.16 -15.83 -29.19
N SER G 216 -35.12 -16.15 -29.95
CA SER G 216 -34.88 -15.60 -31.31
C SER G 216 -35.92 -16.13 -32.30
N ILE G 217 -36.22 -17.42 -32.26
CA ILE G 217 -37.20 -18.08 -33.18
C ILE G 217 -38.63 -17.54 -32.94
N LEU G 218 -39.01 -17.29 -31.68
CA LEU G 218 -40.30 -16.65 -31.37
C LEU G 218 -40.24 -15.16 -31.76
N GLU G 219 -39.07 -14.53 -31.69
CA GLU G 219 -38.90 -13.09 -32.04
C GLU G 219 -39.11 -12.95 -33.55
N PHE G 220 -38.70 -13.96 -34.30
CA PHE G 220 -38.85 -13.97 -35.77
C PHE G 220 -40.33 -14.08 -36.11
N TYR G 221 -41.05 -14.97 -35.42
CA TYR G 221 -42.49 -15.21 -35.71
C TYR G 221 -43.30 -13.97 -35.32
N LEU G 222 -43.10 -13.46 -34.11
CA LEU G 222 -43.88 -12.30 -33.60
C LEU G 222 -43.39 -10.99 -34.24
N GLY G 223 -42.11 -10.88 -34.61
CA GLY G 223 -41.55 -9.64 -35.17
C GLY G 223 -41.31 -8.59 -34.12
N ARG G 224 -41.59 -8.94 -32.87
CA ARG G 224 -41.19 -8.15 -31.67
C ARG G 224 -40.40 -9.11 -30.78
N PHE G 225 -39.62 -8.55 -29.86
CA PHE G 225 -38.97 -9.31 -28.77
C PHE G 225 -40.06 -9.96 -27.92
N PRO G 226 -40.06 -11.29 -27.70
CA PRO G 226 -41.20 -11.99 -27.09
C PRO G 226 -41.55 -11.63 -25.64
N PHE G 227 -40.72 -10.88 -24.94
CA PHE G 227 -41.03 -10.42 -23.55
C PHE G 227 -41.74 -9.07 -23.62
N ALA G 228 -42.26 -8.61 -22.49
CA ALA G 228 -43.03 -7.35 -22.36
C ALA G 228 -42.10 -6.16 -22.60
N VAL G 229 -41.01 -6.03 -21.83
CA VAL G 229 -40.16 -4.80 -21.86
C VAL G 229 -39.30 -4.80 -23.14
N SER G 230 -38.60 -3.68 -23.40
CA SER G 230 -37.59 -3.58 -24.49
C SER G 230 -36.30 -4.28 -24.09
N ARG G 231 -35.44 -4.54 -25.07
CA ARG G 231 -34.06 -5.06 -24.89
C ARG G 231 -33.22 -4.09 -24.05
N GLN G 232 -33.38 -2.79 -24.31
CA GLN G 232 -32.42 -1.74 -23.89
C GLN G 232 -32.71 -1.30 -22.45
N GLY G 233 -33.73 -1.90 -21.81
CA GLY G 233 -34.21 -1.53 -20.47
C GLY G 233 -33.22 -1.87 -19.36
N ASP G 234 -33.49 -1.41 -18.14
CA ASP G 234 -32.65 -1.64 -16.93
C ASP G 234 -32.64 -3.14 -16.60
N TRP G 235 -31.70 -3.57 -15.77
CA TRP G 235 -31.53 -5.03 -15.50
C TRP G 235 -32.69 -5.49 -14.60
N ALA G 236 -33.21 -4.60 -13.75
CA ALA G 236 -34.35 -4.89 -12.85
C ALA G 236 -35.60 -5.08 -13.70
N SER G 237 -35.72 -4.34 -14.81
CA SER G 237 -36.87 -4.49 -15.73
C SER G 237 -36.74 -5.81 -16.50
N LEU G 238 -35.53 -6.15 -16.97
CA LEU G 238 -35.32 -7.37 -17.79
C LEU G 238 -35.37 -8.63 -16.93
N MET G 239 -35.05 -8.51 -15.64
CA MET G 239 -35.06 -9.70 -14.76
C MET G 239 -36.51 -10.13 -14.51
N CYS G 240 -37.35 -9.18 -14.09
CA CYS G 240 -38.76 -9.43 -13.71
C CYS G 240 -39.55 -9.91 -14.92
N ALA G 241 -39.13 -9.55 -16.13
CA ALA G 241 -39.74 -10.06 -17.38
C ALA G 241 -39.34 -11.53 -17.56
N ILE G 242 -38.06 -11.86 -17.40
CA ILE G 242 -37.57 -13.19 -17.88
C ILE G 242 -37.32 -14.19 -16.73
N CYS G 243 -37.03 -13.73 -15.51
CA CYS G 243 -36.82 -14.62 -14.34
C CYS G 243 -38.12 -14.86 -13.56
N MET G 244 -38.87 -13.79 -13.31
CA MET G 244 -39.93 -13.81 -12.28
C MET G 244 -41.31 -13.96 -12.92
N SER G 245 -41.41 -13.82 -14.24
CA SER G 245 -42.66 -14.12 -14.99
C SER G 245 -42.58 -15.54 -15.57
N GLN G 246 -43.68 -16.04 -16.10
CA GLN G 246 -43.65 -17.35 -16.81
C GLN G 246 -42.88 -17.11 -18.12
N PRO G 247 -42.12 -18.10 -18.63
CA PRO G 247 -41.54 -18.00 -19.97
C PRO G 247 -42.62 -17.88 -21.05
N PRO G 248 -42.35 -17.20 -22.19
CA PRO G 248 -43.32 -17.05 -23.26
C PRO G 248 -43.65 -18.34 -24.03
N GLU G 249 -44.83 -18.34 -24.66
CA GLU G 249 -45.30 -19.40 -25.59
C GLU G 249 -45.74 -18.70 -26.88
N ALA G 250 -45.84 -19.44 -27.98
CA ALA G 250 -46.39 -18.93 -29.24
C ALA G 250 -47.88 -18.85 -28.99
N PRO G 251 -48.62 -17.86 -29.52
CA PRO G 251 -50.09 -17.87 -29.43
C PRO G 251 -50.70 -19.18 -29.97
N ALA G 252 -51.88 -19.53 -29.46
CA ALA G 252 -52.52 -20.84 -29.76
C ALA G 252 -53.09 -20.78 -31.17
N THR G 253 -53.24 -19.57 -31.73
CA THR G 253 -53.57 -19.32 -33.16
C THR G 253 -52.49 -19.94 -34.05
N ALA G 254 -51.21 -19.86 -33.65
CA ALA G 254 -50.08 -20.48 -34.37
C ALA G 254 -50.17 -22.02 -34.26
N SER G 255 -49.47 -22.72 -35.16
CA SER G 255 -49.57 -24.19 -35.41
C SER G 255 -49.18 -24.95 -34.15
N GLN G 256 -49.78 -26.12 -33.92
CA GLN G 256 -49.52 -26.89 -32.68
C GLN G 256 -48.16 -27.59 -32.79
N GLU G 257 -47.57 -27.60 -33.99
CA GLU G 257 -46.12 -27.92 -34.18
C GLU G 257 -45.28 -26.75 -33.65
N PHE G 258 -45.57 -25.50 -34.06
CA PHE G 258 -44.73 -24.32 -33.72
C PHE G 258 -44.96 -23.88 -32.27
N ARG G 259 -46.20 -23.99 -31.77
CA ARG G 259 -46.56 -23.67 -30.36
C ARG G 259 -45.81 -24.66 -29.45
N HIS G 260 -45.66 -25.91 -29.91
CA HIS G 260 -44.95 -26.97 -29.14
C HIS G 260 -43.46 -26.69 -29.22
N PHE G 261 -43.02 -26.11 -30.34
CA PHE G 261 -41.58 -25.97 -30.65
C PHE G 261 -40.92 -25.03 -29.63
N VAL G 262 -41.55 -23.87 -29.43
CA VAL G 262 -41.05 -22.83 -28.49
C VAL G 262 -41.22 -23.36 -27.05
N SER G 263 -42.16 -24.29 -26.82
CA SER G 263 -42.35 -24.97 -25.50
C SER G 263 -41.18 -25.92 -25.21
N CYS G 264 -40.49 -26.41 -26.24
CA CYS G 264 -39.32 -27.32 -26.09
C CYS G 264 -38.01 -26.54 -25.91
N CYS G 265 -38.04 -25.23 -26.15
CA CYS G 265 -36.87 -24.34 -26.03
C CYS G 265 -37.01 -23.46 -24.79
N LEU G 266 -38.21 -22.97 -24.51
CA LEU G 266 -38.37 -21.90 -23.49
C LEU G 266 -39.01 -22.50 -22.23
N GLN G 267 -38.31 -23.42 -21.57
CA GLN G 267 -38.68 -23.90 -20.22
C GLN G 267 -37.95 -23.08 -19.17
N SER G 268 -38.59 -22.86 -18.03
CA SER G 268 -37.97 -22.11 -16.91
C SER G 268 -36.97 -23.04 -16.22
N ASP G 269 -37.30 -24.33 -16.17
CA ASP G 269 -36.38 -25.39 -15.65
C ASP G 269 -35.40 -25.75 -16.75
N PRO G 270 -34.06 -25.54 -16.56
CA PRO G 270 -33.07 -25.81 -17.61
C PRO G 270 -33.00 -27.22 -18.19
N PRO G 271 -33.10 -28.35 -17.46
CA PRO G 271 -33.15 -29.65 -18.14
C PRO G 271 -34.44 -29.96 -18.92
N LYS G 272 -35.50 -29.16 -18.82
CA LYS G 272 -36.76 -29.47 -19.53
C LYS G 272 -36.67 -28.92 -20.95
N ARG G 273 -35.63 -28.12 -21.26
CA ARG G 273 -35.28 -27.73 -22.64
C ARG G 273 -34.92 -28.99 -23.42
N TRP G 274 -35.31 -29.08 -24.69
CA TRP G 274 -34.74 -30.13 -25.57
C TRP G 274 -33.29 -29.75 -25.89
N SER G 275 -32.49 -30.77 -26.20
CA SER G 275 -31.17 -30.58 -26.85
C SER G 275 -31.41 -30.02 -28.25
N ALA G 276 -30.45 -29.26 -28.76
CA ALA G 276 -30.48 -28.66 -30.13
C ALA G 276 -30.46 -29.77 -31.20
N GLN G 277 -29.92 -30.96 -30.88
CA GLN G 277 -29.90 -32.10 -31.83
C GLN G 277 -31.22 -32.85 -31.73
N GLN G 278 -31.88 -32.82 -30.55
CA GLN G 278 -33.25 -33.38 -30.38
C GLN G 278 -34.24 -32.57 -31.21
N LEU G 279 -33.98 -31.26 -31.36
CA LEU G 279 -34.87 -30.29 -32.06
C LEU G 279 -34.71 -30.38 -33.59
N LEU G 280 -33.61 -30.93 -34.09
CA LEU G 280 -33.38 -31.07 -35.56
C LEU G 280 -34.44 -32.00 -36.13
N GLN G 281 -34.94 -32.93 -35.33
CA GLN G 281 -35.96 -33.93 -35.77
C GLN G 281 -37.29 -33.60 -35.10
N HIS G 282 -37.47 -32.35 -34.69
CA HIS G 282 -38.80 -31.79 -34.30
C HIS G 282 -39.66 -31.66 -35.56
N PRO G 283 -40.97 -31.92 -35.44
CA PRO G 283 -41.91 -31.71 -36.56
C PRO G 283 -41.97 -30.31 -37.21
N PHE G 284 -41.70 -29.24 -36.46
CA PHE G 284 -41.63 -27.86 -37.01
C PHE G 284 -40.38 -27.74 -37.89
N ILE G 285 -39.23 -28.26 -37.45
CA ILE G 285 -37.97 -28.15 -38.25
C ILE G 285 -38.03 -29.16 -39.40
N LEU G 286 -38.83 -30.24 -39.29
CA LEU G 286 -39.00 -31.26 -40.37
C LEU G 286 -39.73 -30.64 -41.58
N LYS G 287 -40.65 -29.68 -41.38
CA LYS G 287 -41.19 -28.79 -42.46
C LYS G 287 -40.11 -27.82 -42.95
N LYS H 25 -54.26 -4.68 -9.69
CA LYS H 25 -53.72 -3.42 -9.03
C LYS H 25 -52.59 -2.86 -9.90
N SEP H 26 -52.50 -1.53 -10.03
CA SEP H 26 -51.37 -0.88 -10.68
CB SEP H 26 -51.79 -0.20 -11.97
OG SEP H 26 -50.91 0.95 -12.20
C SEP H 26 -50.71 0.14 -9.75
O SEP H 26 -51.37 0.59 -8.80
P SEP H 26 -50.82 1.57 -13.69
O1P SEP H 26 -50.15 0.50 -14.54
O2P SEP H 26 -50.01 2.87 -13.66
O3P SEP H 26 -52.28 1.81 -14.06
N LEU H 27 -49.46 0.51 -10.07
CA LEU H 27 -48.59 1.41 -9.30
C LEU H 27 -49.16 2.84 -9.14
N SER H 28 -50.01 3.29 -10.06
CA SER H 28 -50.68 4.61 -9.96
C SER H 28 -52.08 4.46 -9.33
N GLU H 29 -52.66 3.25 -9.24
CA GLU H 29 -53.97 3.00 -8.55
C GLU H 29 -53.81 3.20 -7.04
N LEU H 30 -52.68 2.74 -6.49
CA LEU H 30 -52.39 2.75 -5.03
C LEU H 30 -51.42 3.90 -4.72
N GLU H 31 -51.67 4.62 -3.63
CA GLU H 31 -50.82 5.77 -3.22
C GLU H 31 -50.49 5.66 -1.72
N ARG H 32 -49.35 6.29 -1.36
CA ARG H 32 -48.74 6.32 0.00
C ARG H 32 -49.73 6.94 0.98
N VAL H 33 -49.74 6.45 2.21
CA VAL H 33 -50.54 7.01 3.33
C VAL H 33 -49.55 7.36 4.44
N ASN H 34 -48.84 6.36 4.96
CA ASN H 34 -47.93 6.57 6.11
C ASN H 34 -46.74 5.62 6.01
N ARG H 35 -45.63 6.02 6.61
CA ARG H 35 -44.36 5.24 6.57
C ARG H 35 -44.33 4.23 7.73
N ILE H 36 -44.04 2.97 7.42
CA ILE H 36 -43.71 1.93 8.44
C ILE H 36 -42.20 2.04 8.72
N GLY H 37 -41.86 2.71 9.83
CA GLY H 37 -40.48 2.99 10.29
C GLY H 37 -39.76 3.98 9.36
N THR H 43 -36.71 0.92 4.64
CA THR H 43 -37.70 1.94 4.20
C THR H 43 -38.82 1.24 3.40
N VAL H 44 -40.06 1.39 3.88
CA VAL H 44 -41.26 0.65 3.37
C VAL H 44 -42.52 1.39 3.85
N TYR H 45 -43.49 1.57 2.96
CA TYR H 45 -44.66 2.46 3.20
C TYR H 45 -45.95 1.63 3.27
N LYS H 46 -46.97 2.25 3.86
CA LYS H 46 -48.37 1.75 3.82
C LYS H 46 -49.11 2.42 2.66
N VAL H 47 -49.65 1.64 1.75
CA VAL H 47 -50.43 2.18 0.58
C VAL H 47 -51.88 1.71 0.71
N ILE H 48 -52.81 2.47 0.15
CA ILE H 48 -54.24 2.03 0.07
C ILE H 48 -54.59 1.89 -1.40
N HIS H 49 -55.22 0.79 -1.78
CA HIS H 49 -55.69 0.60 -3.17
C HIS H 49 -56.89 1.54 -3.33
N THR H 50 -56.79 2.61 -4.10
CA THR H 50 -57.90 3.61 -4.18
C THR H 50 -59.17 2.94 -4.69
N PRO H 51 -59.17 2.13 -5.79
CA PRO H 51 -60.38 1.45 -6.24
C PRO H 51 -61.06 0.55 -5.20
N THR H 52 -60.33 -0.32 -4.51
CA THR H 52 -60.98 -1.31 -3.62
C THR H 52 -60.90 -0.81 -2.17
N SER H 53 -60.30 0.36 -1.93
CA SER H 53 -60.14 0.96 -0.57
C SER H 53 -59.54 -0.09 0.37
N ARG H 54 -58.51 -0.83 -0.07
CA ARG H 54 -57.95 -1.97 0.71
C ARG H 54 -56.56 -1.61 1.21
N PRO H 55 -56.27 -1.79 2.53
CA PRO H 55 -54.92 -1.58 3.06
C PRO H 55 -53.91 -2.62 2.53
N PHE H 56 -52.70 -2.17 2.21
CA PHE H 56 -51.59 -3.01 1.71
C PHE H 56 -50.27 -2.40 2.19
N ALA H 57 -49.16 -3.13 2.08
CA ALA H 57 -47.80 -2.61 2.38
C ALA H 57 -46.97 -2.60 1.09
N LEU H 58 -46.27 -1.51 0.80
CA LEU H 58 -45.48 -1.42 -0.45
C LEU H 58 -44.01 -1.27 -0.10
N LYS H 59 -43.18 -2.18 -0.57
CA LYS H 59 -41.72 -2.12 -0.34
C LYS H 59 -41.01 -1.80 -1.67
N VAL H 60 -40.08 -0.86 -1.63
CA VAL H 60 -39.22 -0.58 -2.81
C VAL H 60 -37.97 -1.46 -2.71
N ILE H 61 -37.59 -2.06 -3.84
CA ILE H 61 -36.30 -2.80 -3.99
C ILE H 61 -35.52 -2.10 -5.11
N TYR H 62 -34.29 -1.64 -4.86
CA TYR H 62 -33.55 -0.81 -5.83
C TYR H 62 -32.43 -1.63 -6.48
N GLY H 63 -32.15 -1.38 -7.77
CA GLY H 63 -31.11 -2.08 -8.56
C GLY H 63 -29.79 -1.33 -8.59
N ASN H 64 -28.84 -1.66 -7.70
CA ASN H 64 -27.48 -1.02 -7.61
C ASN H 64 -26.52 -1.61 -8.66
N HIS H 65 -25.41 -0.90 -8.94
CA HIS H 65 -24.35 -1.30 -9.92
C HIS H 65 -23.53 -2.47 -9.35
N GLU H 66 -23.48 -2.62 -8.02
CA GLU H 66 -22.74 -3.73 -7.33
C GLU H 66 -23.43 -5.08 -7.64
N ASP H 67 -22.66 -6.15 -7.80
CA ASP H 67 -23.18 -7.48 -8.25
C ASP H 67 -23.69 -8.33 -7.09
N TPO H 68 -23.29 -8.02 -5.85
CA TPO H 68 -23.72 -8.71 -4.65
CB TPO H 68 -22.66 -8.56 -3.55
CG2 TPO H 68 -22.95 -9.28 -2.24
OG1 TPO H 68 -21.44 -9.15 -4.10
P TPO H 68 -20.07 -8.44 -3.73
O1P TPO H 68 -19.16 -8.61 -4.93
O2P TPO H 68 -19.61 -9.20 -2.50
O3P TPO H 68 -20.44 -6.99 -3.43
C TPO H 68 -25.10 -8.16 -4.25
O TPO H 68 -25.85 -8.81 -3.51
N VAL H 69 -25.42 -6.97 -4.76
CA VAL H 69 -26.76 -6.42 -4.68
C VAL H 69 -27.65 -7.24 -5.63
N ARG H 70 -27.15 -7.56 -6.82
CA ARG H 70 -27.95 -8.17 -7.90
C ARG H 70 -28.39 -9.59 -7.48
N ARG H 71 -27.55 -10.32 -6.73
CA ARG H 71 -27.92 -11.66 -6.22
C ARG H 71 -29.01 -11.52 -5.16
N GLN H 72 -28.90 -10.50 -4.29
CA GLN H 72 -29.76 -10.37 -3.08
C GLN H 72 -31.16 -9.96 -3.51
N ILE H 73 -31.29 -9.21 -4.60
CA ILE H 73 -32.60 -8.94 -5.23
C ILE H 73 -33.15 -10.27 -5.76
N CYS H 74 -32.36 -11.03 -6.51
CA CYS H 74 -32.81 -12.29 -7.12
C CYS H 74 -33.29 -13.24 -6.02
N ARG H 75 -32.64 -13.21 -4.86
CA ARG H 75 -32.96 -14.12 -3.74
C ARG H 75 -34.26 -13.64 -3.10
N GLU H 76 -34.32 -12.34 -2.80
CA GLU H 76 -35.43 -11.75 -1.98
C GLU H 76 -36.72 -11.85 -2.80
N ILE H 77 -36.67 -11.53 -4.09
CA ILE H 77 -37.87 -11.45 -4.97
C ILE H 77 -38.44 -12.86 -5.13
N GLU H 78 -37.58 -13.83 -5.44
CA GLU H 78 -38.01 -15.21 -5.71
C GLU H 78 -38.69 -15.76 -4.46
N ILE H 79 -38.09 -15.49 -3.29
CA ILE H 79 -38.64 -15.95 -1.98
C ILE H 79 -40.05 -15.36 -1.82
N LEU H 80 -40.23 -14.07 -2.07
CA LEU H 80 -41.52 -13.37 -1.81
C LEU H 80 -42.63 -13.96 -2.65
N ARG H 81 -42.38 -14.22 -3.94
CA ARG H 81 -43.45 -14.75 -4.81
C ARG H 81 -43.75 -16.21 -4.44
N SER H 82 -42.75 -17.02 -4.13
CA SER H 82 -42.93 -18.49 -3.94
C SER H 82 -43.70 -18.79 -2.64
N VAL H 83 -43.52 -18.03 -1.56
CA VAL H 83 -44.06 -18.40 -0.21
C VAL H 83 -45.59 -18.36 -0.23
N ASP H 84 -46.23 -19.35 0.40
CA ASP H 84 -47.71 -19.48 0.52
C ASP H 84 -48.02 -20.23 1.83
N HIS H 85 -48.19 -19.49 2.92
CA HIS H 85 -48.42 -20.07 4.26
C HIS H 85 -49.10 -19.03 5.13
N PRO H 86 -50.06 -19.43 6.00
CA PRO H 86 -50.71 -18.49 6.91
C PRO H 86 -49.80 -17.67 7.83
N ASN H 87 -48.55 -18.09 8.01
CA ASN H 87 -47.68 -17.51 9.06
C ASN H 87 -46.45 -16.91 8.41
N VAL H 88 -46.49 -16.64 7.11
CA VAL H 88 -45.41 -15.94 6.35
C VAL H 88 -46.07 -14.90 5.44
N VAL H 89 -45.64 -13.65 5.58
CA VAL H 89 -46.16 -12.44 4.90
C VAL H 89 -46.16 -12.70 3.38
N LYS H 90 -47.36 -12.78 2.83
CA LYS H 90 -47.61 -13.13 1.41
C LYS H 90 -47.29 -11.90 0.56
N CYS H 91 -46.75 -12.11 -0.63
CA CYS H 91 -46.70 -11.05 -1.66
C CYS H 91 -47.92 -11.16 -2.58
N HIS H 92 -48.60 -10.05 -2.85
CA HIS H 92 -49.83 -9.99 -3.68
C HIS H 92 -49.52 -9.56 -5.12
N ASP H 93 -48.70 -8.52 -5.32
CA ASP H 93 -48.33 -8.07 -6.70
C ASP H 93 -46.90 -7.56 -6.72
N MET H 94 -46.23 -7.64 -7.88
CA MET H 94 -44.91 -6.99 -8.09
C MET H 94 -44.89 -6.11 -9.34
N PHE H 95 -44.34 -4.92 -9.23
CA PHE H 95 -44.38 -3.88 -10.29
C PHE H 95 -42.98 -3.49 -10.74
N ASP H 96 -42.79 -3.36 -12.05
CA ASP H 96 -41.54 -2.86 -12.67
C ASP H 96 -41.80 -1.42 -13.12
N HIS H 97 -41.44 -0.45 -12.28
CA HIS H 97 -41.58 0.98 -12.59
C HIS H 97 -40.21 1.64 -12.48
N ASN H 98 -39.74 2.22 -13.59
CA ASN H 98 -38.65 3.23 -13.62
C ASN H 98 -37.34 2.60 -13.12
N GLY H 99 -37.11 1.31 -13.45
CA GLY H 99 -35.94 0.52 -13.03
C GLY H 99 -35.97 0.14 -11.56
N GLU H 100 -37.12 0.31 -10.90
CA GLU H 100 -37.28 -0.07 -9.48
C GLU H 100 -38.35 -1.15 -9.40
N ILE H 101 -38.08 -2.19 -8.64
CA ILE H 101 -39.07 -3.28 -8.41
C ILE H 101 -39.77 -2.99 -7.09
N GLN H 102 -41.08 -2.84 -7.16
CA GLN H 102 -41.95 -2.52 -6.01
C GLN H 102 -42.84 -3.73 -5.73
N VAL H 103 -42.85 -4.15 -4.47
CA VAL H 103 -43.48 -5.44 -4.08
C VAL H 103 -44.63 -5.11 -3.11
N LEU H 104 -45.82 -5.56 -3.49
CA LEU H 104 -47.05 -5.27 -2.72
C LEU H 104 -47.25 -6.40 -1.72
N LEU H 105 -47.09 -6.11 -0.44
CA LEU H 105 -47.15 -7.15 0.62
C LEU H 105 -48.45 -6.98 1.40
N GLU H 106 -48.79 -7.99 2.20
CA GLU H 106 -49.90 -7.96 3.18
C GLU H 106 -49.64 -6.84 4.18
N PHE H 107 -50.70 -6.16 4.60
CA PHE H 107 -50.59 -5.19 5.70
C PHE H 107 -50.92 -5.94 6.98
N MET H 108 -50.14 -5.67 8.02
CA MET H 108 -50.36 -6.25 9.37
C MET H 108 -50.70 -5.10 10.33
N ASP H 109 -51.89 -5.21 10.95
CA ASP H 109 -52.68 -4.12 11.57
C ASP H 109 -52.04 -3.65 12.88
N GLN H 110 -51.47 -4.55 13.68
CA GLN H 110 -50.97 -4.22 15.03
C GLN H 110 -49.44 -4.27 15.06
N GLY H 111 -48.80 -4.02 13.91
CA GLY H 111 -47.33 -3.87 13.81
C GLY H 111 -46.60 -5.17 14.12
N SER H 112 -45.48 -5.09 14.84
CA SER H 112 -44.63 -6.27 15.18
C SER H 112 -44.78 -6.62 16.64
N LEU H 113 -44.21 -7.77 17.01
CA LEU H 113 -44.14 -8.30 18.40
C LEU H 113 -42.90 -7.74 19.13
N GLU H 114 -42.27 -6.67 18.62
CA GLU H 114 -41.09 -6.06 19.26
C GLU H 114 -41.50 -5.55 20.63
N GLY H 115 -40.75 -5.92 21.65
CA GLY H 115 -40.98 -5.42 23.01
C GLY H 115 -42.09 -6.18 23.69
N ALA H 116 -42.77 -7.11 23.00
CA ALA H 116 -43.93 -7.89 23.54
C ALA H 116 -43.53 -8.69 24.78
N HIS H 117 -44.46 -8.79 25.72
CA HIS H 117 -44.30 -9.65 26.90
C HIS H 117 -45.53 -10.55 26.97
N ILE H 118 -45.30 -11.84 26.86
CA ILE H 118 -46.36 -12.84 27.10
C ILE H 118 -46.04 -13.62 28.37
N TRP H 119 -46.88 -13.51 29.40
CA TRP H 119 -46.72 -14.26 30.66
C TRP H 119 -47.75 -15.38 30.77
N GLN H 120 -48.92 -15.26 30.13
CA GLN H 120 -49.90 -16.39 30.10
C GLN H 120 -49.29 -17.45 29.18
N GLU H 121 -49.03 -18.67 29.69
CA GLU H 121 -48.22 -19.64 28.91
C GLU H 121 -49.01 -20.21 27.72
N GLN H 122 -50.34 -20.29 27.82
CA GLN H 122 -51.15 -20.78 26.68
C GLN H 122 -51.07 -19.68 25.61
N GLU H 123 -50.97 -18.42 26.02
CA GLU H 123 -50.89 -17.29 25.07
C GLU H 123 -49.54 -17.43 24.34
N LEU H 124 -48.47 -17.81 25.04
CA LEU H 124 -47.12 -17.93 24.41
C LEU H 124 -46.99 -19.20 23.58
N ALA H 125 -47.59 -20.30 23.97
CA ALA H 125 -47.60 -21.53 23.14
C ALA H 125 -48.34 -21.28 21.83
N ASP H 126 -49.44 -20.54 21.88
CA ASP H 126 -50.28 -20.30 20.69
C ASP H 126 -49.49 -19.39 19.74
N LEU H 127 -48.70 -18.48 20.31
CA LEU H 127 -47.87 -17.59 19.48
C LEU H 127 -46.75 -18.38 18.90
N SER H 128 -46.20 -19.31 19.68
CA SER H 128 -44.97 -20.07 19.32
C SER H 128 -45.32 -21.01 18.18
N ARG H 129 -46.45 -21.72 18.31
CA ARG H 129 -46.96 -22.70 17.33
C ARG H 129 -47.13 -22.00 15.98
N GLN H 130 -47.57 -20.76 15.98
CA GLN H 130 -47.76 -20.06 14.69
C GLN H 130 -46.42 -19.65 14.09
N ILE H 131 -45.48 -19.14 14.89
CA ILE H 131 -44.15 -18.77 14.34
C ILE H 131 -43.47 -20.06 13.88
N LEU H 132 -43.65 -21.17 14.61
CA LEU H 132 -43.02 -22.46 14.23
C LEU H 132 -43.61 -22.98 12.92
N SER H 133 -44.90 -22.77 12.67
CA SER H 133 -45.57 -23.27 11.45
C SER H 133 -44.94 -22.62 10.22
N GLY H 134 -44.68 -21.33 10.33
CA GLY H 134 -44.13 -20.56 9.22
C GLY H 134 -42.69 -20.94 9.01
N LEU H 135 -41.96 -21.15 10.10
CA LEU H 135 -40.52 -21.45 9.98
C LEU H 135 -40.34 -22.89 9.49
N ALA H 136 -41.25 -23.80 9.86
CA ALA H 136 -41.14 -25.20 9.40
C ALA H 136 -41.47 -25.23 7.91
N TYR H 137 -42.35 -24.34 7.47
CA TYR H 137 -42.71 -24.17 6.04
C TYR H 137 -41.45 -23.74 5.29
N LEU H 138 -40.87 -22.66 5.76
CA LEU H 138 -39.69 -22.03 5.10
C LEU H 138 -38.54 -23.05 5.05
N HIS H 139 -38.36 -23.86 6.08
CA HIS H 139 -37.19 -24.76 6.17
C HIS H 139 -37.36 -25.94 5.21
N ARG H 140 -38.60 -26.42 4.98
CA ARG H 140 -38.84 -27.51 4.00
C ARG H 140 -38.69 -26.94 2.58
N ARG H 141 -39.05 -25.68 2.36
CA ARG H 141 -38.81 -25.02 1.03
C ARG H 141 -37.33 -24.58 0.93
N HIS H 142 -36.48 -25.06 1.85
CA HIS H 142 -35.01 -24.77 1.87
C HIS H 142 -34.75 -23.26 1.94
N ILE H 143 -35.58 -22.49 2.60
CA ILE H 143 -35.29 -21.06 2.91
C ILE H 143 -34.81 -20.94 4.36
N VAL H 144 -33.64 -20.35 4.55
CA VAL H 144 -33.18 -19.99 5.92
C VAL H 144 -33.39 -18.49 6.04
N HIS H 145 -34.01 -18.05 7.12
CA HIS H 145 -34.54 -16.66 7.21
C HIS H 145 -33.44 -15.68 7.61
N ARG H 146 -32.68 -16.05 8.65
CA ARG H 146 -31.40 -15.45 9.11
C ARG H 146 -31.59 -14.12 9.84
N ASP H 147 -32.80 -13.57 9.92
CA ASP H 147 -33.02 -12.40 10.82
C ASP H 147 -34.32 -12.58 11.59
N ILE H 148 -34.59 -13.76 12.12
CA ILE H 148 -35.71 -14.02 13.06
C ILE H 148 -35.45 -13.20 14.34
N LYS H 149 -36.35 -12.28 14.65
CA LYS H 149 -36.29 -11.43 15.85
C LYS H 149 -37.70 -10.90 16.08
N PRO H 150 -38.03 -10.39 17.29
CA PRO H 150 -39.36 -9.82 17.51
C PRO H 150 -39.78 -8.69 16.54
N SER H 151 -38.85 -7.88 16.05
CA SER H 151 -39.05 -6.83 15.02
C SER H 151 -39.67 -7.42 13.75
N ASN H 152 -39.30 -8.63 13.35
CA ASN H 152 -39.74 -9.14 12.03
C ASN H 152 -40.80 -10.20 12.26
N LEU H 153 -41.43 -10.20 13.43
CA LEU H 153 -42.65 -11.04 13.64
C LEU H 153 -43.86 -10.13 13.73
N LEU H 154 -44.64 -10.10 12.66
CA LEU H 154 -45.80 -9.19 12.48
C LEU H 154 -47.06 -9.85 13.01
N ILE H 155 -47.94 -9.02 13.55
CA ILE H 155 -49.25 -9.50 14.10
C ILE H 155 -50.32 -8.51 13.67
N ASN H 156 -51.51 -9.02 13.38
CA ASN H 156 -52.65 -8.21 12.87
C ASN H 156 -53.76 -8.17 13.93
N SER H 157 -54.91 -7.58 13.57
CA SER H 157 -56.11 -7.50 14.44
C SER H 157 -56.58 -8.92 14.74
N ALA H 158 -56.45 -9.82 13.77
CA ALA H 158 -56.93 -11.22 13.90
C ALA H 158 -56.04 -11.98 14.90
N LYS H 159 -54.94 -11.36 15.34
CA LYS H 159 -53.97 -11.98 16.30
C LYS H 159 -53.35 -13.23 15.66
N ASN H 160 -52.96 -13.14 14.38
CA ASN H 160 -52.25 -14.23 13.68
C ASN H 160 -50.83 -13.75 13.47
N VAL H 161 -49.81 -14.53 13.83
CA VAL H 161 -48.41 -14.07 13.68
C VAL H 161 -47.88 -14.53 12.34
N LYS H 162 -47.15 -13.65 11.64
CA LYS H 162 -46.53 -13.92 10.32
C LYS H 162 -45.05 -13.50 10.34
N ILE H 163 -44.21 -14.28 9.68
CA ILE H 163 -42.74 -14.02 9.59
C ILE H 163 -42.50 -13.02 8.44
N ALA H 164 -41.63 -12.02 8.60
CA ALA H 164 -41.69 -10.81 7.75
C ALA H 164 -40.49 -10.62 6.82
N ASP H 165 -39.29 -10.33 7.31
CA ASP H 165 -38.30 -9.58 6.49
C ASP H 165 -37.29 -10.54 5.84
N PHE H 166 -37.26 -10.62 4.53
CA PHE H 166 -36.46 -11.64 3.82
C PHE H 166 -35.24 -11.03 3.11
N GLY H 167 -34.75 -9.87 3.57
CA GLY H 167 -33.67 -9.10 2.91
C GLY H 167 -32.29 -9.72 3.06
N VAL H 168 -32.16 -10.80 3.81
CA VAL H 168 -30.87 -11.37 4.27
C VAL H 168 -30.99 -12.89 4.23
N SER H 169 -32.22 -13.35 4.04
CA SER H 169 -32.57 -14.77 3.76
C SER H 169 -31.98 -15.23 2.41
N ARG H 170 -31.71 -16.52 2.34
CA ARG H 170 -31.03 -17.21 1.21
C ARG H 170 -31.78 -18.51 0.98
N ILE H 171 -31.83 -18.95 -0.25
CA ILE H 171 -32.59 -20.18 -0.62
C ILE H 171 -31.52 -21.21 -1.05
N LEU H 172 -31.54 -22.38 -0.43
CA LEU H 172 -30.40 -23.32 -0.38
C LEU H 172 -30.64 -24.47 -1.37
N ALA H 173 -29.54 -25.04 -1.88
CA ALA H 173 -29.57 -26.11 -2.91
C ALA H 173 -30.10 -27.43 -2.32
N GLN H 174 -29.52 -27.94 -1.22
CA GLN H 174 -29.91 -29.25 -0.62
C GLN H 174 -30.54 -29.03 0.76
N TPO H 175 -30.82 -30.14 1.46
CA TPO H 175 -31.51 -30.17 2.76
CB TPO H 175 -32.22 -31.54 2.97
CG2 TPO H 175 -33.14 -31.63 4.16
OG1 TPO H 175 -33.04 -31.81 1.78
P TPO H 175 -32.63 -33.03 0.84
O1P TPO H 175 -31.13 -32.98 0.63
O2P TPO H 175 -33.40 -32.86 -0.46
O3P TPO H 175 -33.06 -34.25 1.65
C TPO H 175 -30.50 -29.78 3.84
O TPO H 175 -30.87 -29.29 4.90
N MET H 176 -29.21 -29.99 3.56
CA MET H 176 -28.19 -29.35 4.34
C MET H 176 -27.01 -28.97 3.41
N ASP H 177 -26.49 -27.77 3.63
CA ASP H 177 -25.65 -26.95 2.71
C ASP H 177 -25.30 -25.68 3.49
N PRO H 178 -24.02 -25.45 3.86
CA PRO H 178 -23.69 -24.36 4.77
C PRO H 178 -23.77 -22.94 4.18
N CYS H 179 -23.96 -21.95 5.05
CA CYS H 179 -23.94 -20.51 4.70
C CYS H 179 -22.59 -19.90 5.09
N ASN H 180 -22.11 -18.90 4.36
CA ASN H 180 -20.80 -18.28 4.67
C ASN H 180 -21.01 -16.88 5.20
N SEP H 181 -22.10 -16.24 4.74
CA SEP H 181 -22.30 -14.80 4.87
CB SEP H 181 -23.40 -14.33 3.93
OG SEP H 181 -23.21 -14.94 2.61
C SEP H 181 -22.62 -14.42 6.31
O SEP H 181 -23.51 -15.01 6.91
P SEP H 181 -24.45 -15.70 1.89
O1P SEP H 181 -23.98 -15.99 0.49
O2P SEP H 181 -25.63 -14.73 1.91
O3P SEP H 181 -24.65 -16.95 2.71
N SER H 182 -21.90 -13.43 6.86
CA SER H 182 -22.29 -12.83 8.12
C SER H 182 -23.37 -11.76 7.86
N VAL H 183 -24.62 -12.15 7.96
CA VAL H 183 -25.75 -11.22 7.79
C VAL H 183 -26.66 -11.41 8.98
N GLY H 184 -27.36 -10.34 9.34
CA GLY H 184 -28.35 -10.36 10.42
C GLY H 184 -28.01 -9.40 11.53
N THR H 185 -28.77 -9.51 12.59
CA THR H 185 -28.63 -8.75 13.84
C THR H 185 -27.75 -9.58 14.78
N ILE H 186 -26.66 -8.99 15.29
CA ILE H 186 -25.63 -9.65 16.15
C ILE H 186 -26.32 -10.25 17.36
N ALA H 187 -27.30 -9.57 17.93
CA ALA H 187 -27.98 -9.91 19.20
C ALA H 187 -28.84 -11.18 19.08
N TYR H 188 -29.32 -11.50 17.88
CA TYR H 188 -30.21 -12.66 17.69
C TYR H 188 -29.49 -13.76 16.90
N MET H 189 -28.19 -13.59 16.69
CA MET H 189 -27.41 -14.65 16.01
C MET H 189 -27.13 -15.73 17.04
N SER H 190 -27.02 -16.96 16.54
CA SER H 190 -26.49 -18.13 17.29
C SER H 190 -25.03 -17.87 17.63
N PRO H 191 -24.40 -18.60 18.59
CA PRO H 191 -22.97 -18.40 18.86
C PRO H 191 -22.10 -18.63 17.62
N GLU H 192 -22.40 -19.67 16.83
CA GLU H 192 -21.56 -20.05 15.67
C GLU H 192 -21.66 -19.02 14.53
N ARG H 193 -22.59 -18.06 14.60
CA ARG H 193 -22.65 -16.99 13.57
C ARG H 193 -21.80 -15.79 14.00
N ILE H 194 -21.52 -15.65 15.30
CA ILE H 194 -20.71 -14.55 15.87
C ILE H 194 -19.23 -14.96 15.82
N ASN H 195 -18.92 -16.25 15.97
CA ASN H 195 -17.59 -16.80 16.38
C ASN H 195 -16.71 -17.15 15.17
N THR H 196 -17.23 -18.01 14.27
CA THR H 196 -16.66 -18.32 12.94
C THR H 196 -15.28 -18.99 13.01
N ASP H 197 -14.86 -19.64 14.11
CA ASP H 197 -13.53 -20.30 14.17
C ASP H 197 -13.58 -21.72 13.60
N LEU H 198 -14.30 -22.62 14.26
CA LEU H 198 -14.16 -24.09 14.09
C LEU H 198 -14.58 -24.51 12.68
N ASN H 199 -15.78 -24.11 12.22
CA ASN H 199 -16.22 -24.47 10.84
C ASN H 199 -15.87 -23.33 9.90
N HIS H 200 -15.13 -22.36 10.43
CA HIS H 200 -14.37 -21.35 9.63
C HIS H 200 -15.36 -20.49 8.84
N GLY H 201 -16.48 -20.08 9.47
CA GLY H 201 -17.49 -19.20 8.88
C GLY H 201 -18.65 -19.96 8.22
N ARG H 202 -18.51 -21.26 7.92
CA ARG H 202 -19.69 -22.09 7.51
C ARG H 202 -20.60 -22.30 8.74
N TYR H 203 -21.91 -22.30 8.56
CA TYR H 203 -22.85 -22.60 9.66
C TYR H 203 -24.15 -23.17 9.13
N ASP H 204 -24.82 -23.97 9.95
CA ASP H 204 -26.17 -24.50 9.63
C ASP H 204 -27.09 -23.33 9.78
N GLY H 205 -27.66 -22.88 8.66
CA GLY H 205 -28.58 -21.73 8.63
C GLY H 205 -29.89 -22.05 9.32
N TYR H 206 -30.30 -23.32 9.24
CA TYR H 206 -31.56 -23.84 9.84
C TYR H 206 -31.47 -23.79 11.38
N ALA H 207 -30.40 -24.35 11.93
CA ALA H 207 -30.16 -24.40 13.38
C ALA H 207 -29.93 -22.97 13.90
N GLY H 208 -29.33 -22.12 13.08
CA GLY H 208 -29.09 -20.70 13.40
C GLY H 208 -30.40 -19.94 13.55
N ASP H 209 -31.42 -20.39 12.83
CA ASP H 209 -32.78 -19.81 12.90
C ASP H 209 -33.47 -20.27 14.17
N VAL H 210 -33.36 -21.54 14.48
CA VAL H 210 -34.06 -22.11 15.65
C VAL H 210 -33.49 -21.52 16.95
N TRP H 211 -32.21 -21.17 16.99
CA TRP H 211 -31.65 -20.32 18.07
C TRP H 211 -32.35 -18.95 18.08
N SER H 212 -32.47 -18.31 16.91
CA SER H 212 -33.02 -16.93 16.79
C SER H 212 -34.48 -16.96 17.26
N LEU H 213 -35.18 -18.06 16.98
CA LEU H 213 -36.57 -18.26 17.42
C LEU H 213 -36.60 -18.34 18.95
N GLY H 214 -35.68 -19.12 19.51
CA GLY H 214 -35.72 -19.47 20.94
C GLY H 214 -35.36 -18.28 21.78
N VAL H 215 -34.52 -17.42 21.24
CA VAL H 215 -34.20 -16.17 21.97
C VAL H 215 -35.46 -15.32 21.92
N SER H 216 -36.08 -15.18 20.76
CA SER H 216 -37.32 -14.38 20.58
C SER H 216 -38.45 -14.87 21.53
N ILE H 217 -38.66 -16.19 21.67
CA ILE H 217 -39.72 -16.76 22.56
C ILE H 217 -39.34 -16.59 24.04
N LEU H 218 -38.08 -16.79 24.45
CA LEU H 218 -37.69 -16.52 25.86
C LEU H 218 -37.73 -14.99 26.11
N GLU H 219 -37.51 -14.14 25.10
CA GLU H 219 -37.65 -12.66 25.25
C GLU H 219 -39.11 -12.33 25.58
N PHE H 220 -40.04 -13.05 24.97
CA PHE H 220 -41.47 -12.87 25.27
C PHE H 220 -41.75 -13.27 26.71
N TYR H 221 -41.19 -14.38 27.19
CA TYR H 221 -41.54 -14.89 28.54
C TYR H 221 -40.97 -13.93 29.57
N LEU H 222 -39.74 -13.52 29.42
CA LEU H 222 -39.10 -12.71 30.48
C LEU H 222 -39.58 -11.27 30.40
N GLY H 223 -39.95 -10.78 29.22
CA GLY H 223 -40.23 -9.35 29.01
C GLY H 223 -38.97 -8.53 28.79
N ARG H 224 -37.77 -9.15 28.80
CA ARG H 224 -36.47 -8.48 28.57
C ARG H 224 -35.69 -9.27 27.52
N PHE H 225 -34.61 -8.70 26.97
CA PHE H 225 -33.60 -9.51 26.23
C PHE H 225 -33.09 -10.56 27.21
N PRO H 226 -33.12 -11.88 26.87
CA PRO H 226 -32.59 -12.89 27.76
C PRO H 226 -31.12 -12.77 28.14
N PHE H 227 -30.32 -12.08 27.33
CA PHE H 227 -28.88 -11.93 27.61
C PHE H 227 -28.65 -10.62 28.35
N ALA H 228 -27.69 -10.62 29.26
CA ALA H 228 -27.43 -9.48 30.18
C ALA H 228 -26.46 -8.50 29.50
N VAL H 229 -26.90 -7.86 28.44
CA VAL H 229 -26.08 -6.87 27.69
C VAL H 229 -27.02 -6.04 26.81
N SER H 230 -26.65 -4.80 26.47
CA SER H 230 -27.42 -3.95 25.53
C SER H 230 -27.51 -4.68 24.20
N ARG H 231 -28.72 -4.84 23.68
CA ARG H 231 -28.99 -5.43 22.36
C ARG H 231 -28.30 -4.58 21.29
N GLN H 232 -28.24 -3.25 21.52
CA GLN H 232 -27.58 -2.27 20.63
C GLN H 232 -26.14 -2.10 21.09
N GLY H 233 -25.49 -3.21 21.45
CA GLY H 233 -24.23 -3.19 22.22
C GLY H 233 -23.04 -3.30 21.31
N ASP H 234 -21.87 -3.13 21.91
CA ASP H 234 -20.56 -3.38 21.29
C ASP H 234 -20.50 -4.83 20.85
N TRP H 235 -19.68 -5.14 19.83
CA TRP H 235 -19.43 -6.52 19.37
C TRP H 235 -18.92 -7.38 20.53
N ALA H 236 -17.92 -6.91 21.28
CA ALA H 236 -17.17 -7.73 22.24
C ALA H 236 -18.07 -8.04 23.43
N SER H 237 -18.94 -7.12 23.82
CA SER H 237 -19.81 -7.36 25.00
C SER H 237 -20.89 -8.40 24.64
N LEU H 238 -21.45 -8.28 23.43
CA LEU H 238 -22.41 -9.26 22.86
C LEU H 238 -21.71 -10.61 22.59
N MET H 239 -20.43 -10.63 22.27
CA MET H 239 -19.72 -11.89 21.94
C MET H 239 -19.54 -12.73 23.21
N CYS H 240 -19.18 -12.11 24.34
CA CYS H 240 -18.92 -12.84 25.59
C CYS H 240 -20.24 -13.28 26.20
N ALA H 241 -21.32 -12.56 25.94
CA ALA H 241 -22.63 -12.86 26.56
C ALA H 241 -23.25 -14.07 25.86
N ILE H 242 -23.02 -14.22 24.54
CA ILE H 242 -23.69 -15.23 23.70
C ILE H 242 -22.77 -16.45 23.48
N CYS H 243 -21.53 -16.26 23.04
CA CYS H 243 -20.53 -17.33 22.82
C CYS H 243 -19.94 -17.88 24.12
N MET H 244 -19.68 -17.04 25.10
CA MET H 244 -18.73 -17.42 26.17
C MET H 244 -19.47 -17.56 27.50
N SER H 245 -20.78 -17.44 27.55
CA SER H 245 -21.47 -17.96 28.75
C SER H 245 -22.37 -19.04 28.23
N GLN H 246 -22.99 -19.81 29.11
CA GLN H 246 -23.95 -20.85 28.72
C GLN H 246 -25.20 -20.15 28.24
N PRO H 247 -25.89 -20.74 27.26
CA PRO H 247 -27.12 -20.17 26.70
C PRO H 247 -28.20 -20.02 27.75
N PRO H 248 -29.06 -18.98 27.66
CA PRO H 248 -30.00 -18.67 28.73
C PRO H 248 -31.08 -19.74 28.87
N GLU H 249 -31.48 -20.00 30.10
CA GLU H 249 -32.57 -20.97 30.42
C GLU H 249 -33.85 -20.19 30.77
N ALA H 250 -35.01 -20.81 30.59
CA ALA H 250 -36.23 -20.30 31.23
C ALA H 250 -36.06 -20.44 32.73
N PRO H 251 -36.53 -19.48 33.55
CA PRO H 251 -36.44 -19.62 35.01
C PRO H 251 -37.29 -20.77 35.55
N ALA H 252 -36.98 -21.23 36.76
CA ALA H 252 -37.63 -22.43 37.33
C ALA H 252 -39.10 -22.15 37.69
N THR H 253 -39.48 -20.89 37.86
CA THR H 253 -40.88 -20.45 38.13
C THR H 253 -41.76 -20.82 36.93
N ALA H 254 -41.19 -20.93 35.73
CA ALA H 254 -41.89 -21.43 34.52
C ALA H 254 -42.18 -22.92 34.64
N SER H 255 -42.97 -23.37 33.67
CA SER H 255 -43.35 -24.80 33.57
C SER H 255 -42.15 -25.58 33.08
N GLN H 256 -42.17 -26.89 33.34
CA GLN H 256 -41.14 -27.81 32.82
C GLN H 256 -41.28 -27.90 31.31
N GLU H 257 -42.50 -27.89 30.76
CA GLU H 257 -42.66 -28.01 29.29
C GLU H 257 -42.04 -26.77 28.63
N PHE H 258 -42.17 -25.59 29.23
CA PHE H 258 -41.59 -24.39 28.59
C PHE H 258 -40.09 -24.31 28.88
N ARG H 259 -39.65 -24.77 30.04
CA ARG H 259 -38.20 -24.83 30.35
C ARG H 259 -37.54 -25.74 29.31
N HIS H 260 -38.08 -26.93 29.12
CA HIS H 260 -37.46 -27.91 28.21
C HIS H 260 -37.51 -27.40 26.76
N PHE H 261 -38.59 -26.74 26.35
CA PHE H 261 -38.76 -26.21 24.97
C PHE H 261 -37.62 -25.25 24.63
N VAL H 262 -37.30 -24.33 25.53
CA VAL H 262 -36.31 -23.28 25.20
C VAL H 262 -34.96 -23.96 25.15
N SER H 263 -34.77 -25.05 25.89
CA SER H 263 -33.44 -25.69 25.92
C SER H 263 -33.25 -26.48 24.63
N CYS H 264 -34.35 -26.86 23.97
CA CYS H 264 -34.32 -27.57 22.68
C CYS H 264 -33.96 -26.60 21.56
N CYS H 265 -34.20 -25.31 21.76
CA CYS H 265 -33.84 -24.27 20.77
C CYS H 265 -32.45 -23.79 21.08
N LEU H 266 -32.12 -23.62 22.35
CA LEU H 266 -30.88 -22.89 22.73
C LEU H 266 -29.87 -23.94 23.14
N GLN H 267 -29.47 -24.75 22.18
CA GLN H 267 -28.33 -25.66 22.38
C GLN H 267 -27.11 -24.94 21.81
N SER H 268 -26.01 -24.88 22.56
CA SER H 268 -24.77 -24.21 22.06
C SER H 268 -24.14 -25.08 20.95
N ASP H 269 -24.23 -26.41 21.00
CA ASP H 269 -23.79 -27.26 19.85
C ASP H 269 -24.93 -27.31 18.84
N PRO H 270 -24.76 -26.75 17.63
CA PRO H 270 -25.87 -26.57 16.70
C PRO H 270 -26.64 -27.82 16.29
N PRO H 271 -26.05 -28.99 15.98
CA PRO H 271 -26.90 -30.12 15.66
C PRO H 271 -27.65 -30.69 16.86
N LYS H 272 -27.38 -30.22 18.08
CA LYS H 272 -28.19 -30.69 19.23
C LYS H 272 -29.55 -30.00 19.18
N ARG H 273 -29.64 -28.85 18.50
CA ARG H 273 -30.91 -28.07 18.39
C ARG H 273 -31.93 -28.90 17.64
N TRP H 274 -33.19 -28.77 18.01
CA TRP H 274 -34.25 -29.41 17.22
C TRP H 274 -34.51 -28.64 15.93
N SER H 275 -35.09 -29.32 14.96
CA SER H 275 -35.61 -28.67 13.75
C SER H 275 -36.86 -27.93 14.19
N ALA H 276 -37.37 -27.06 13.33
CA ALA H 276 -38.68 -26.41 13.58
C ALA H 276 -39.78 -27.48 13.57
N GLN H 277 -39.62 -28.49 12.71
CA GLN H 277 -40.55 -29.62 12.54
C GLN H 277 -40.67 -30.41 13.85
N GLN H 278 -39.54 -30.67 14.48
CA GLN H 278 -39.52 -31.49 15.71
C GLN H 278 -40.07 -30.67 16.87
N LEU H 279 -39.79 -29.38 16.89
CA LEU H 279 -40.28 -28.51 17.99
C LEU H 279 -41.80 -28.37 17.94
N LEU H 280 -42.41 -28.48 16.74
CA LEU H 280 -43.89 -28.40 16.62
C LEU H 280 -44.56 -29.56 17.36
N GLN H 281 -43.83 -30.63 17.65
CA GLN H 281 -44.37 -31.79 18.41
C GLN H 281 -43.89 -31.76 19.87
N HIS H 282 -43.31 -30.66 20.32
CA HIS H 282 -42.85 -30.58 21.72
C HIS H 282 -44.08 -30.43 22.60
N PRO H 283 -44.07 -30.99 23.83
CA PRO H 283 -45.17 -30.80 24.76
C PRO H 283 -45.64 -29.37 25.07
N PHE H 284 -44.74 -28.39 25.02
CA PHE H 284 -45.12 -26.99 25.28
C PHE H 284 -46.01 -26.46 24.16
N ILE H 285 -45.79 -26.87 22.90
CA ILE H 285 -46.54 -26.36 21.71
C ILE H 285 -47.96 -26.92 21.77
N LEU H 286 -48.08 -28.12 22.34
CA LEU H 286 -49.38 -28.80 22.44
C LEU H 286 -50.26 -28.13 23.50
N LYS H 287 -49.72 -27.24 24.35
CA LYS H 287 -50.53 -26.39 25.29
C LYS H 287 -51.40 -25.38 24.51
N ALA H 288 -51.20 -25.15 23.21
CA ALA H 288 -51.98 -24.16 22.42
C ALA H 288 -53.43 -24.61 22.19
N THR H 289 -53.71 -25.93 22.20
CA THR H 289 -55.05 -26.60 22.03
C THR H 289 -55.56 -26.40 20.59
#